data_5WT5
#
_entry.id   5WT5
#
_cell.length_a   102.440
_cell.length_b   102.320
_cell.length_c   132.050
_cell.angle_alpha   90.00
_cell.angle_beta   90.10
_cell.angle_gamma   90.00
#
_symmetry.space_group_name_H-M   'P 1 21 1'
#
loop_
_entity.id
_entity.type
_entity.pdbx_description
1 polymer 'Cysteine desulfurase IscS'
2 non-polymer 'ISOPROPYL ALCOHOL'
3 non-polymer '2-AMINO-4-MERCAPTO-BUTYRIC ACID'
4 water water
#
_entity_poly.entity_id   1
_entity_poly.type   'polypeptide(L)'
_entity_poly.pdbx_seq_one_letter_code
;MVQRIYLDNNATTRIDPKVKEIMDPFLRDHYGNPSSLHQFGTETHPAIAEALDKLYKGINARDIDDVIITSCATESNNWV
LKGVYFDECLKKGKNHIVTTVAEHPAVRSTCNFLESLGVEVTYLPINEHGSITAEQVREAITEKTALVSVMWANNETGLI
FPIEEIGAICKEKGVLFHTDAVQAIGKIPVDVLKANADFLSFSAH(LLP)FHGPKGIGGLYIRSGVGLTPLFHGGEHMNG
RRSGTLNVPYIVGMGEAMKLAVEHLDYEKEVVGKLRDKLEEALLKIPDVMVVGDRIHRVPNTTLVSVRGIEGEAMLWDLN
RSNIAASTGSACASEDLEANPVMVAIGASKELAHTAIRLSLSRFNTEAEIDKTIEVFSQAAVRLRNISSSYVDLVPRGSH
HHHHH
;
_entity_poly.pdbx_strand_id   A,B,C,D
#
# COMPACT_ATOMS: atom_id res chain seq x y z
N VAL A 2 -36.64 -5.37 44.79
CA VAL A 2 -35.76 -4.63 43.91
C VAL A 2 -36.32 -4.67 42.46
N GLN A 3 -35.87 -3.70 41.67
CA GLN A 3 -36.17 -3.47 40.25
C GLN A 3 -34.90 -3.25 39.46
N ARG A 4 -34.43 -4.28 38.79
CA ARG A 4 -33.25 -4.17 37.96
C ARG A 4 -33.63 -3.83 36.51
N ILE A 5 -32.65 -3.28 35.79
CA ILE A 5 -32.85 -2.88 34.39
C ILE A 5 -31.88 -3.61 33.47
N TYR A 6 -32.41 -4.32 32.46
CA TYR A 6 -31.61 -5.15 31.59
C TYR A 6 -31.34 -4.40 30.30
N LEU A 7 -30.07 -4.03 30.09
CA LEU A 7 -29.69 -3.35 28.84
C LEU A 7 -28.49 -4.01 28.19
N ASP A 8 -28.48 -5.34 28.21
CA ASP A 8 -27.38 -6.10 27.64
C ASP A 8 -27.94 -7.16 26.63
N ASN A 9 -28.87 -6.73 25.81
CA ASN A 9 -29.60 -7.67 24.98
C ASN A 9 -28.82 -8.21 23.81
N ASN A 10 -27.68 -7.58 23.42
CA ASN A 10 -26.88 -8.23 22.40
C ASN A 10 -26.09 -9.42 22.92
N ALA A 11 -25.95 -9.57 24.25
CA ALA A 11 -25.25 -10.68 24.85
C ALA A 11 -26.17 -11.89 25.03
N THR A 12 -27.40 -11.61 25.37
CA THR A 12 -28.52 -12.56 25.47
C THR A 12 -29.79 -11.79 25.83
N THR A 13 -30.94 -12.44 25.62
CA THR A 13 -32.23 -11.82 25.83
C THR A 13 -33.12 -12.65 26.75
N ARG A 14 -34.17 -12.01 27.20
CA ARG A 14 -35.12 -12.69 28.01
C ARG A 14 -36.07 -13.50 27.06
N ILE A 15 -36.40 -14.73 27.44
CA ILE A 15 -37.36 -15.51 26.66
C ILE A 15 -38.72 -14.82 26.74
N ASP A 16 -39.37 -14.66 25.56
CA ASP A 16 -40.68 -14.10 25.53
C ASP A 16 -41.63 -15.03 26.27
N PRO A 17 -42.49 -14.49 27.12
CA PRO A 17 -43.39 -15.37 27.90
C PRO A 17 -44.17 -16.31 27.00
N LYS A 18 -44.49 -15.88 25.79
CA LYS A 18 -45.22 -16.78 24.88
C LYS A 18 -44.34 -17.90 24.38
N VAL A 19 -43.03 -17.66 24.28
CA VAL A 19 -42.10 -18.69 23.90
C VAL A 19 -42.01 -19.78 24.98
N LYS A 20 -41.87 -19.37 26.29
CA LYS A 20 -41.91 -20.30 27.41
C LYS A 20 -43.17 -21.13 27.33
N GLU A 21 -44.30 -20.41 27.16
CA GLU A 21 -45.62 -21.04 27.08
C GLU A 21 -45.66 -22.11 26.02
N ILE A 22 -45.25 -21.79 24.78
CA ILE A 22 -45.34 -22.75 23.68
C ILE A 22 -44.42 -23.94 23.89
N MET A 23 -43.31 -23.76 24.66
CA MET A 23 -42.36 -24.85 24.88
C MET A 23 -42.87 -25.86 25.92
N ASP A 24 -43.63 -25.40 26.92
CA ASP A 24 -43.96 -26.24 28.07
C ASP A 24 -44.55 -27.63 27.72
N PRO A 25 -45.49 -27.79 26.80
CA PRO A 25 -46.09 -29.16 26.62
C PRO A 25 -45.07 -30.21 26.20
N PHE A 26 -44.00 -29.81 25.50
CA PHE A 26 -42.90 -30.68 25.07
C PHE A 26 -41.84 -30.90 26.16
N LEU A 27 -41.89 -30.13 27.25
CA LEU A 27 -41.13 -30.47 28.45
C LEU A 27 -41.91 -31.37 29.38
N ARG A 28 -43.23 -31.59 29.07
CA ARG A 28 -44.14 -32.37 29.91
C ARG A 28 -44.57 -33.64 29.19
N ASP A 29 -45.77 -33.71 28.57
CA ASP A 29 -46.39 -35.01 28.15
C ASP A 29 -46.11 -35.40 26.72
N HIS A 30 -45.63 -34.46 25.91
CA HIS A 30 -45.29 -34.73 24.53
C HIS A 30 -43.75 -34.81 24.40
N TYR A 31 -43.19 -35.88 24.96
CA TYR A 31 -41.73 -36.06 25.08
C TYR A 31 -41.19 -37.03 24.06
N GLY A 32 -42.01 -37.48 23.11
CA GLY A 32 -41.58 -38.50 22.18
C GLY A 32 -40.50 -37.99 21.25
N ASN A 33 -39.67 -38.92 20.81
CA ASN A 33 -38.61 -38.68 19.82
C ASN A 33 -39.28 -38.52 18.46
N PRO A 34 -39.12 -37.35 17.81
CA PRO A 34 -39.70 -37.16 16.47
C PRO A 34 -39.27 -38.21 15.47
N SER A 35 -38.14 -38.88 15.69
CA SER A 35 -37.75 -39.95 14.76
C SER A 35 -38.49 -41.26 14.97
N SER A 36 -39.15 -41.43 16.12
CA SER A 36 -39.93 -42.63 16.42
C SER A 36 -41.12 -42.79 15.48
N LEU A 37 -41.42 -44.06 15.16
CA LEU A 37 -42.47 -44.39 14.24
C LEU A 37 -43.81 -44.45 14.99
N HIS A 38 -43.77 -44.55 16.31
CA HIS A 38 -45.00 -44.66 17.10
C HIS A 38 -45.68 -43.31 17.35
N GLN A 39 -46.78 -43.34 18.12
CA GLN A 39 -47.65 -42.18 18.30
C GLN A 39 -46.94 -41.09 19.11
N PHE A 40 -46.07 -41.48 20.06
CA PHE A 40 -45.39 -40.42 20.82
C PHE A 40 -44.48 -39.60 19.92
N GLY A 41 -43.94 -40.24 18.89
CA GLY A 41 -43.04 -39.60 17.94
C GLY A 41 -43.79 -38.79 16.90
N THR A 42 -44.73 -39.40 16.16
CA THR A 42 -45.47 -38.63 15.17
C THR A 42 -46.36 -37.54 15.76
N GLU A 43 -46.82 -37.64 17.00
CA GLU A 43 -47.63 -36.54 17.51
C GLU A 43 -46.83 -35.22 17.58
N THR A 44 -45.51 -35.28 17.53
CA THR A 44 -44.74 -34.04 17.58
C THR A 44 -44.59 -33.40 16.21
N HIS A 45 -44.97 -34.12 15.15
CA HIS A 45 -44.61 -33.64 13.80
C HIS A 45 -45.30 -32.31 13.44
N PRO A 46 -46.62 -32.14 13.69
CA PRO A 46 -47.27 -30.84 13.40
C PRO A 46 -46.56 -29.66 14.04
N ALA A 47 -46.25 -29.74 15.36
CA ALA A 47 -45.64 -28.56 16.00
C ALA A 47 -44.27 -28.28 15.42
N ILE A 48 -43.48 -29.32 15.16
CA ILE A 48 -42.16 -29.11 14.54
C ILE A 48 -42.30 -28.50 13.14
N ALA A 49 -43.26 -29.00 12.32
CA ALA A 49 -43.47 -28.41 11.00
C ALA A 49 -43.88 -26.93 11.08
N GLU A 50 -44.74 -26.58 12.04
CA GLU A 50 -45.14 -25.19 12.19
C GLU A 50 -43.94 -24.34 12.62
N ALA A 51 -43.10 -24.86 13.49
CA ALA A 51 -41.88 -24.15 13.92
C ALA A 51 -40.96 -23.93 12.71
N LEU A 52 -40.74 -24.98 11.89
CA LEU A 52 -39.90 -24.80 10.69
C LEU A 52 -40.46 -23.73 9.75
N ASP A 53 -41.78 -23.75 9.52
CA ASP A 53 -42.39 -22.77 8.65
C ASP A 53 -42.17 -21.35 9.17
N LYS A 54 -42.33 -21.14 10.48
CA LYS A 54 -42.08 -19.79 10.96
C LYS A 54 -40.62 -19.39 10.68
N LEU A 55 -39.68 -20.34 10.83
CA LEU A 55 -38.24 -20.03 10.63
C LEU A 55 -37.95 -19.62 9.19
N TYR A 56 -38.44 -20.43 8.21
CA TYR A 56 -38.32 -20.16 6.79
C TYR A 56 -38.90 -18.78 6.45
N LYS A 57 -40.14 -18.53 6.87
CA LYS A 57 -40.74 -17.24 6.53
C LYS A 57 -40.00 -16.09 7.19
N GLY A 58 -39.42 -16.31 8.35
CA GLY A 58 -38.75 -15.23 9.05
C GLY A 58 -37.61 -14.69 8.24
N ILE A 59 -36.90 -15.54 7.49
CA ILE A 59 -35.73 -15.05 6.73
C ILE A 59 -35.94 -15.15 5.22
N ASN A 60 -37.17 -15.39 4.80
CA ASN A 60 -37.53 -15.55 3.40
C ASN A 60 -36.79 -16.72 2.75
N ALA A 61 -36.54 -17.78 3.50
CA ALA A 61 -36.02 -18.99 2.85
C ALA A 61 -37.09 -19.64 1.99
N ARG A 62 -36.66 -20.25 0.87
CA ARG A 62 -37.57 -20.90 -0.07
C ARG A 62 -37.83 -22.36 0.31
N ASP A 63 -38.88 -22.96 -0.23
CA ASP A 63 -39.14 -24.37 0.06
C ASP A 63 -37.99 -25.29 -0.37
N ILE A 64 -37.27 -24.96 -1.45
CA ILE A 64 -36.13 -25.79 -1.82
C ILE A 64 -34.88 -25.57 -0.95
N ASP A 65 -34.80 -24.49 -0.15
CA ASP A 65 -33.64 -24.28 0.71
C ASP A 65 -33.76 -25.08 2.00
N ASP A 66 -32.67 -25.18 2.72
CA ASP A 66 -32.67 -25.81 4.03
C ASP A 66 -32.57 -24.80 5.15
N VAL A 67 -33.37 -24.95 6.22
CA VAL A 67 -33.06 -24.23 7.48
C VAL A 67 -32.84 -25.30 8.55
N ILE A 68 -31.57 -25.61 8.79
CA ILE A 68 -31.11 -26.70 9.62
C ILE A 68 -31.06 -26.24 11.06
N ILE A 69 -31.67 -27.06 11.93
CA ILE A 69 -31.62 -26.79 13.34
C ILE A 69 -30.26 -27.21 13.86
N THR A 70 -29.58 -26.26 14.51
CA THR A 70 -28.32 -26.52 15.20
C THR A 70 -28.54 -26.23 16.69
N SER A 71 -27.50 -26.44 17.49
CA SER A 71 -27.54 -26.14 18.92
C SER A 71 -27.10 -24.69 19.26
N CYS A 72 -26.69 -23.92 18.26
CA CYS A 72 -26.34 -22.50 18.52
C CYS A 72 -25.67 -21.96 17.25
N ALA A 73 -25.55 -20.63 17.19
CA ALA A 73 -24.88 -20.01 16.06
C ALA A 73 -23.43 -20.42 16.05
N THR A 74 -22.83 -20.70 17.22
CA THR A 74 -21.42 -21.16 17.20
C THR A 74 -21.32 -22.47 16.42
N GLU A 75 -22.26 -23.41 16.62
CA GLU A 75 -22.26 -24.61 15.76
C GLU A 75 -22.42 -24.28 14.28
N SER A 76 -23.34 -23.40 13.93
CA SER A 76 -23.61 -23.10 12.55
C SER A 76 -22.37 -22.52 11.89
N ASN A 77 -21.71 -21.63 12.59
CA ASN A 77 -20.52 -20.97 12.04
C ASN A 77 -19.41 -21.98 11.84
N ASN A 78 -19.17 -22.84 12.85
CA ASN A 78 -18.15 -23.89 12.71
C ASN A 78 -18.48 -24.81 11.54
N TRP A 79 -19.74 -25.12 11.40
CA TRP A 79 -20.13 -26.09 10.37
C TRP A 79 -19.87 -25.53 8.96
N VAL A 80 -20.21 -24.26 8.75
CA VAL A 80 -19.96 -23.54 7.51
C VAL A 80 -18.47 -23.55 7.19
N LEU A 81 -17.67 -23.07 8.12
CA LEU A 81 -16.25 -22.87 7.86
C LEU A 81 -15.48 -24.19 7.64
N LYS A 82 -15.69 -25.18 8.49
CA LYS A 82 -15.02 -26.47 8.37
C LYS A 82 -15.59 -27.32 7.26
N GLY A 83 -16.90 -27.28 7.04
CA GLY A 83 -17.45 -27.93 5.85
C GLY A 83 -16.89 -27.37 4.55
N VAL A 84 -16.83 -26.03 4.44
CA VAL A 84 -16.23 -25.44 3.24
C VAL A 84 -14.73 -25.73 3.17
N TYR A 85 -14.05 -25.79 4.31
CA TYR A 85 -12.63 -26.13 4.28
C TYR A 85 -12.41 -27.46 3.62
N PHE A 86 -13.24 -28.45 3.97
CA PHE A 86 -13.10 -29.75 3.39
C PHE A 86 -13.61 -29.77 1.95
N ASP A 87 -14.74 -29.12 1.65
CA ASP A 87 -15.35 -29.20 0.32
C ASP A 87 -14.62 -28.35 -0.72
N GLU A 88 -14.22 -27.12 -0.36
CA GLU A 88 -13.59 -26.26 -1.36
C GLU A 88 -12.09 -26.07 -1.18
N CYS A 89 -11.63 -25.83 0.04
CA CYS A 89 -10.22 -25.54 0.25
C CYS A 89 -9.36 -26.78 -0.02
N LEU A 90 -9.71 -27.88 0.61
CA LEU A 90 -8.96 -29.11 0.38
C LEU A 90 -9.30 -29.76 -0.95
N LYS A 91 -10.55 -30.16 -1.17
CA LYS A 91 -10.86 -30.97 -2.34
C LYS A 91 -10.81 -30.23 -3.67
N LYS A 92 -10.84 -28.90 -3.65
CA LYS A 92 -10.88 -28.14 -4.88
C LYS A 92 -9.71 -27.16 -4.97
N GLY A 93 -8.85 -27.10 -3.94
CA GLY A 93 -7.66 -26.23 -4.01
C GLY A 93 -7.95 -24.76 -3.87
N LYS A 94 -9.20 -24.40 -3.52
CA LYS A 94 -9.63 -23.02 -3.26
C LYS A 94 -9.33 -22.70 -1.79
N ASN A 95 -8.03 -22.50 -1.52
CA ASN A 95 -7.51 -22.42 -0.14
C ASN A 95 -7.46 -21.01 0.42
N HIS A 96 -8.51 -20.28 0.19
CA HIS A 96 -8.59 -18.90 0.60
C HIS A 96 -10.00 -18.57 1.05
N ILE A 97 -10.08 -17.83 2.17
CA ILE A 97 -11.32 -17.33 2.76
C ILE A 97 -11.18 -15.84 3.06
N VAL A 98 -12.22 -15.08 2.75
CA VAL A 98 -12.34 -13.67 3.09
C VAL A 98 -13.39 -13.52 4.21
N THR A 99 -13.01 -12.82 5.27
CA THR A 99 -13.91 -12.47 6.37
C THR A 99 -13.44 -11.09 6.87
N THR A 100 -13.97 -10.64 8.02
CA THR A 100 -13.64 -9.31 8.56
C THR A 100 -13.03 -9.44 9.95
N VAL A 101 -12.37 -8.35 10.39
CA VAL A 101 -11.82 -8.30 11.75
C VAL A 101 -12.89 -8.06 12.80
N ALA A 102 -14.11 -7.70 12.41
CA ALA A 102 -15.17 -7.45 13.40
C ALA A 102 -15.96 -8.71 13.75
N GLU A 103 -15.70 -9.81 13.04
CA GLU A 103 -16.55 -10.98 13.21
C GLU A 103 -16.53 -11.50 14.65
N HIS A 104 -17.66 -12.10 15.02
CA HIS A 104 -17.85 -12.82 16.31
C HIS A 104 -16.79 -13.90 16.44
N PRO A 105 -16.34 -14.21 17.66
CA PRO A 105 -15.33 -15.24 17.82
C PRO A 105 -15.72 -16.56 17.26
N ALA A 106 -17.01 -16.90 17.17
CA ALA A 106 -17.38 -18.17 16.56
C ALA A 106 -16.95 -18.24 15.08
N VAL A 107 -16.75 -17.10 14.41
CA VAL A 107 -16.17 -17.07 13.06
C VAL A 107 -14.65 -16.87 13.10
N ARG A 108 -14.18 -15.85 13.83
CA ARG A 108 -12.77 -15.50 13.78
C ARG A 108 -11.91 -16.61 14.37
N SER A 109 -12.30 -17.13 15.52
CA SER A 109 -11.48 -18.14 16.18
CA SER A 109 -11.48 -18.13 16.19
C SER A 109 -11.36 -19.40 15.35
N THR A 110 -12.45 -19.78 14.67
CA THR A 110 -12.48 -20.92 13.76
C THR A 110 -11.57 -20.72 12.56
N CYS A 111 -11.62 -19.50 11.99
CA CYS A 111 -10.69 -19.16 10.91
C CYS A 111 -9.25 -19.25 11.38
N ASN A 112 -8.96 -18.84 12.64
CA ASN A 112 -7.60 -18.97 13.14
C ASN A 112 -7.15 -20.44 13.11
N PHE A 113 -8.06 -21.34 13.50
CA PHE A 113 -7.73 -22.77 13.41
C PHE A 113 -7.46 -23.21 11.95
N LEU A 114 -8.30 -22.77 11.04
CA LEU A 114 -8.12 -23.19 9.65
C LEU A 114 -6.79 -22.66 9.10
N GLU A 115 -6.42 -21.43 9.51
CA GLU A 115 -5.13 -20.90 9.13
C GLU A 115 -4.02 -21.81 9.63
N SER A 116 -4.17 -22.35 10.85
CA SER A 116 -3.15 -23.28 11.31
C SER A 116 -3.08 -24.53 10.43
N LEU A 117 -4.14 -24.87 9.71
CA LEU A 117 -4.07 -25.99 8.78
C LEU A 117 -3.50 -25.62 7.41
N GLY A 118 -3.26 -24.34 7.16
CA GLY A 118 -2.72 -23.92 5.90
C GLY A 118 -3.65 -23.09 5.07
N VAL A 119 -4.88 -22.82 5.55
CA VAL A 119 -5.79 -21.96 4.80
C VAL A 119 -5.33 -20.51 4.87
N GLU A 120 -5.47 -19.81 3.75
CA GLU A 120 -5.13 -18.40 3.66
C GLU A 120 -6.36 -17.62 4.09
N VAL A 121 -6.26 -16.81 5.14
CA VAL A 121 -7.48 -16.12 5.54
C VAL A 121 -7.21 -14.62 5.52
N THR A 122 -8.12 -13.89 4.89
CA THR A 122 -8.02 -12.44 4.77
C THR A 122 -9.00 -11.81 5.77
N TYR A 123 -8.48 -11.07 6.75
CA TYR A 123 -9.37 -10.39 7.69
C TYR A 123 -9.50 -8.93 7.28
N LEU A 124 -10.63 -8.60 6.63
CA LEU A 124 -10.79 -7.24 6.12
C LEU A 124 -10.79 -6.22 7.26
N PRO A 125 -10.02 -5.14 7.16
CA PRO A 125 -9.98 -4.15 8.22
C PRO A 125 -11.22 -3.25 8.26
N ILE A 126 -11.52 -2.80 9.44
CA ILE A 126 -12.62 -1.88 9.67
C ILE A 126 -12.23 -0.45 9.27
N ASN A 127 -13.22 0.34 8.83
CA ASN A 127 -12.97 1.72 8.49
C ASN A 127 -13.30 2.64 9.68
N GLU A 128 -13.13 3.94 9.46
CA GLU A 128 -13.35 4.91 10.53
C GLU A 128 -14.82 4.89 10.94
N HIS A 129 -15.67 4.50 10.03
CA HIS A 129 -17.06 4.43 10.33
C HIS A 129 -17.43 3.19 11.12
N GLY A 130 -16.44 2.37 11.53
CA GLY A 130 -16.74 1.14 12.19
C GLY A 130 -17.34 0.07 11.31
N SER A 131 -17.22 0.19 9.98
CA SER A 131 -17.85 -0.73 9.03
C SER A 131 -16.86 -1.26 7.96
N ILE A 132 -17.39 -2.15 7.14
CA ILE A 132 -16.74 -2.74 5.97
C ILE A 132 -17.41 -2.20 4.70
N THR A 133 -16.62 -1.89 3.69
CA THR A 133 -17.12 -1.45 2.39
C THR A 133 -17.19 -2.69 1.53
N ALA A 134 -18.12 -2.70 0.58
CA ALA A 134 -18.26 -3.91 -0.24
C ALA A 134 -17.11 -3.98 -1.26
N GLU A 135 -16.54 -2.82 -1.60
CA GLU A 135 -15.36 -2.76 -2.46
C GLU A 135 -14.24 -3.61 -1.86
N GLN A 136 -14.15 -3.68 -0.53
CA GLN A 136 -13.11 -4.45 0.15
C GLN A 136 -13.18 -5.93 -0.19
N VAL A 137 -14.38 -6.49 -0.15
CA VAL A 137 -14.49 -7.89 -0.53
C VAL A 137 -14.18 -8.06 -2.01
N ARG A 138 -14.57 -7.10 -2.83
CA ARG A 138 -14.20 -7.25 -4.23
C ARG A 138 -12.68 -7.23 -4.39
N GLU A 139 -11.99 -6.31 -3.72
CA GLU A 139 -10.52 -6.30 -3.79
C GLU A 139 -9.91 -7.64 -3.37
N ALA A 140 -10.45 -8.24 -2.30
CA ALA A 140 -9.75 -9.36 -1.69
C ALA A 140 -10.03 -10.69 -2.38
N ILE A 141 -11.10 -10.80 -3.17
CA ILE A 141 -11.43 -12.06 -3.80
C ILE A 141 -10.40 -12.42 -4.86
N THR A 142 -9.76 -13.58 -4.70
CA THR A 142 -8.89 -14.14 -5.71
C THR A 142 -9.65 -15.29 -6.41
N GLU A 143 -8.99 -15.94 -7.34
CA GLU A 143 -9.62 -17.08 -8.02
C GLU A 143 -9.52 -18.34 -7.19
N LYS A 144 -9.16 -18.16 -5.94
CA LYS A 144 -8.86 -19.19 -5.00
C LYS A 144 -9.74 -19.08 -3.78
N THR A 145 -10.55 -18.05 -3.74
CA THR A 145 -11.44 -17.80 -2.65
C THR A 145 -12.58 -18.80 -2.73
N ALA A 146 -12.67 -19.63 -1.73
CA ALA A 146 -13.73 -20.61 -1.52
C ALA A 146 -14.99 -19.99 -0.92
N LEU A 147 -14.81 -19.00 -0.04
CA LEU A 147 -15.90 -18.47 0.76
C LEU A 147 -15.61 -17.07 1.30
N VAL A 148 -16.66 -16.23 1.30
CA VAL A 148 -16.73 -14.95 1.99
C VAL A 148 -17.69 -15.06 3.15
N SER A 149 -17.27 -14.62 4.35
CA SER A 149 -18.13 -14.64 5.52
C SER A 149 -18.13 -13.27 6.18
N VAL A 150 -19.26 -12.56 6.12
CA VAL A 150 -19.44 -11.22 6.66
C VAL A 150 -20.69 -11.16 7.51
N MET A 151 -20.52 -10.72 8.76
CA MET A 151 -21.66 -10.65 9.65
C MET A 151 -22.63 -9.56 9.18
N TRP A 152 -23.92 -9.80 9.38
CA TRP A 152 -24.91 -8.83 8.93
C TRP A 152 -24.87 -7.58 9.78
N ALA A 153 -24.78 -7.78 11.08
CA ALA A 153 -24.71 -6.68 12.04
C ALA A 153 -23.67 -6.94 13.13
N ASN A 154 -22.97 -5.90 13.54
CA ASN A 154 -21.90 -6.10 14.52
C ASN A 154 -22.49 -6.14 15.92
N ASN A 155 -22.01 -7.06 16.74
CA ASN A 155 -22.59 -7.20 18.07
C ASN A 155 -22.16 -6.11 19.04
N GLU A 156 -21.01 -5.47 18.82
CA GLU A 156 -20.59 -4.44 19.74
C GLU A 156 -21.15 -3.07 19.35
N THR A 157 -21.15 -2.73 18.06
CA THR A 157 -21.58 -1.40 17.67
C THR A 157 -23.03 -1.33 17.15
N GLY A 158 -23.61 -2.45 16.77
CA GLY A 158 -24.87 -2.49 16.07
C GLY A 158 -24.82 -2.11 14.61
N LEU A 159 -23.63 -1.86 14.06
CA LEU A 159 -23.54 -1.33 12.70
C LEU A 159 -23.91 -2.41 11.68
N ILE A 160 -24.74 -2.05 10.74
CA ILE A 160 -25.20 -2.95 9.68
C ILE A 160 -24.18 -2.92 8.52
N PHE A 161 -23.79 -4.08 8.07
CA PHE A 161 -22.83 -4.24 7.00
C PHE A 161 -23.51 -4.36 5.63
N PRO A 162 -22.75 -4.05 4.51
CA PRO A 162 -23.27 -4.06 3.13
C PRO A 162 -23.62 -5.43 2.56
N ILE A 163 -24.44 -6.20 3.24
CA ILE A 163 -24.70 -7.59 2.86
C ILE A 163 -25.21 -7.70 1.42
N GLU A 164 -26.27 -6.98 1.10
CA GLU A 164 -26.85 -7.04 -0.24
C GLU A 164 -25.77 -6.92 -1.31
N GLU A 165 -24.97 -5.85 -1.22
CA GLU A 165 -23.91 -5.61 -2.21
C GLU A 165 -22.87 -6.70 -2.17
N ILE A 166 -22.46 -7.09 -0.96
CA ILE A 166 -21.49 -8.16 -0.82
C ILE A 166 -22.01 -9.44 -1.49
N GLY A 167 -23.29 -9.69 -1.35
CA GLY A 167 -23.90 -10.83 -2.01
C GLY A 167 -23.89 -10.75 -3.52
N ALA A 168 -24.11 -9.52 -4.10
CA ALA A 168 -24.08 -9.37 -5.52
C ALA A 168 -22.68 -9.59 -6.05
N ILE A 169 -21.66 -9.05 -5.35
CA ILE A 169 -20.28 -9.26 -5.73
C ILE A 169 -19.90 -10.74 -5.70
N CYS A 170 -20.26 -11.43 -4.62
CA CYS A 170 -19.98 -12.87 -4.54
C CYS A 170 -20.67 -13.63 -5.67
N LYS A 171 -21.91 -13.24 -5.99
CA LYS A 171 -22.62 -13.92 -7.08
C LYS A 171 -22.00 -13.65 -8.44
N GLU A 172 -21.66 -12.39 -8.74
CA GLU A 172 -21.04 -12.20 -9.98
C GLU A 172 -19.67 -12.90 -10.09
N LYS A 173 -19.00 -13.18 -8.97
CA LYS A 173 -17.69 -13.84 -9.02
C LYS A 173 -17.75 -15.34 -8.77
N GLY A 174 -18.92 -15.90 -8.56
CA GLY A 174 -18.94 -17.33 -8.34
C GLY A 174 -18.35 -17.80 -7.03
N VAL A 175 -18.55 -17.04 -5.97
CA VAL A 175 -18.00 -17.41 -4.68
C VAL A 175 -19.12 -17.65 -3.70
N LEU A 176 -18.92 -18.65 -2.85
CA LEU A 176 -19.90 -18.90 -1.80
C LEU A 176 -19.92 -17.76 -0.77
N PHE A 177 -21.11 -17.40 -0.32
CA PHE A 177 -21.34 -16.31 0.65
C PHE A 177 -22.02 -16.80 1.92
N HIS A 178 -21.35 -16.57 3.06
CA HIS A 178 -21.95 -16.80 4.38
C HIS A 178 -22.12 -15.49 5.15
N THR A 179 -23.27 -15.32 5.78
CA THR A 179 -23.43 -14.19 6.68
C THR A 179 -23.86 -14.73 8.03
N ASP A 180 -23.09 -14.38 9.07
CA ASP A 180 -23.48 -14.56 10.46
C ASP A 180 -24.48 -13.45 10.77
N ALA A 181 -25.78 -13.80 10.79
CA ALA A 181 -26.87 -12.82 10.95
C ALA A 181 -27.51 -12.84 12.35
N VAL A 182 -26.81 -13.34 13.38
CA VAL A 182 -27.42 -13.44 14.72
C VAL A 182 -27.94 -12.10 15.24
N GLN A 183 -27.14 -11.04 15.09
CA GLN A 183 -27.56 -9.75 15.63
C GLN A 183 -28.60 -9.04 14.80
N ALA A 184 -28.89 -9.51 13.58
CA ALA A 184 -29.90 -8.86 12.76
C ALA A 184 -31.34 -9.38 13.02
N ILE A 185 -31.50 -10.64 13.42
CA ILE A 185 -32.87 -11.21 13.59
C ILE A 185 -33.66 -10.41 14.62
N GLY A 186 -34.83 -9.86 14.19
CA GLY A 186 -35.69 -9.07 15.07
C GLY A 186 -35.23 -7.61 15.24
N LYS A 187 -34.11 -7.25 14.65
CA LYS A 187 -33.64 -5.86 14.69
C LYS A 187 -33.90 -5.14 13.38
N ILE A 188 -33.60 -5.80 12.26
CA ILE A 188 -33.89 -5.35 10.90
C ILE A 188 -34.49 -6.52 10.12
N PRO A 189 -35.21 -6.25 9.05
CA PRO A 189 -35.67 -7.36 8.21
C PRO A 189 -34.47 -8.12 7.65
N VAL A 190 -34.57 -9.45 7.69
CA VAL A 190 -33.59 -10.34 7.13
C VAL A 190 -34.23 -11.12 5.99
N ASP A 191 -33.62 -11.04 4.80
CA ASP A 191 -34.06 -11.68 3.58
C ASP A 191 -32.85 -12.34 2.92
N VAL A 192 -32.80 -13.67 2.97
CA VAL A 192 -31.67 -14.46 2.45
C VAL A 192 -31.58 -14.34 0.96
N LEU A 193 -32.71 -14.09 0.25
CA LEU A 193 -32.73 -13.94 -1.17
C LEU A 193 -32.16 -12.56 -1.55
N LYS A 194 -32.61 -11.51 -0.85
CA LYS A 194 -32.00 -10.19 -1.10
C LYS A 194 -30.51 -10.21 -0.83
N ALA A 195 -30.07 -10.97 0.17
CA ALA A 195 -28.65 -11.07 0.49
C ALA A 195 -27.89 -11.98 -0.47
N ASN A 196 -28.58 -12.77 -1.29
CA ASN A 196 -27.93 -13.82 -2.06
C ASN A 196 -26.95 -14.63 -1.21
N ALA A 197 -27.39 -14.97 -0.02
CA ALA A 197 -26.55 -15.74 0.88
C ALA A 197 -26.63 -17.22 0.49
N ASP A 198 -25.51 -17.93 0.55
CA ASP A 198 -25.52 -19.37 0.46
C ASP A 198 -25.72 -19.99 1.84
N PHE A 199 -25.15 -19.32 2.86
CA PHE A 199 -25.25 -19.73 4.26
C PHE A 199 -25.61 -18.52 5.11
N LEU A 200 -26.45 -18.77 6.11
CA LEU A 200 -26.83 -17.74 7.07
C LEU A 200 -27.05 -18.37 8.44
N SER A 201 -26.40 -17.77 9.43
CA SER A 201 -26.41 -18.25 10.80
C SER A 201 -27.33 -17.43 11.69
N PHE A 202 -27.97 -18.10 12.67
CA PHE A 202 -28.67 -17.33 13.68
C PHE A 202 -28.78 -18.12 15.00
N SER A 203 -29.02 -17.38 16.10
CA SER A 203 -29.07 -18.02 17.40
C SER A 203 -30.29 -17.48 18.12
N ALA A 204 -31.14 -18.39 18.60
CA ALA A 204 -32.46 -17.99 19.12
C ALA A 204 -32.35 -17.01 20.31
N HIS A 205 -31.31 -17.15 21.15
CA HIS A 205 -31.29 -16.37 22.44
C HIS A 205 -30.95 -14.87 22.27
N PHE A 207 -32.95 -13.44 20.14
CA PHE A 207 -34.21 -12.85 19.79
C PHE A 207 -35.37 -13.48 20.60
N HIS A 208 -35.13 -13.61 21.91
CA HIS A 208 -36.13 -13.95 22.94
C HIS A 208 -36.58 -15.41 22.83
N GLY A 209 -35.72 -16.27 22.29
CA GLY A 209 -35.80 -17.72 22.47
C GLY A 209 -34.74 -18.14 23.45
N PRO A 210 -34.69 -19.45 23.71
CA PRO A 210 -33.75 -20.00 24.65
C PRO A 210 -32.33 -20.14 24.10
N LYS A 211 -31.36 -20.02 25.02
CA LYS A 211 -29.95 -20.39 24.78
C LYS A 211 -29.85 -21.87 24.42
N GLY A 212 -28.91 -22.18 23.52
CA GLY A 212 -28.65 -23.55 23.12
C GLY A 212 -29.51 -24.08 21.96
N ILE A 213 -30.06 -23.21 21.15
CA ILE A 213 -30.46 -23.60 19.83
C ILE A 213 -30.21 -22.48 18.83
N GLY A 214 -29.87 -22.92 17.63
CA GLY A 214 -29.76 -22.02 16.51
C GLY A 214 -30.14 -22.59 15.15
N GLY A 215 -29.78 -21.86 14.08
CA GLY A 215 -30.09 -22.28 12.74
C GLY A 215 -28.96 -21.95 11.78
N LEU A 216 -28.86 -22.79 10.78
CA LEU A 216 -28.05 -22.55 9.59
C LEU A 216 -28.98 -22.67 8.38
N TYR A 217 -29.21 -21.55 7.69
CA TYR A 217 -29.79 -21.56 6.36
C TYR A 217 -28.75 -22.03 5.35
N ILE A 218 -29.13 -23.02 4.54
CA ILE A 218 -28.30 -23.51 3.42
C ILE A 218 -29.11 -23.44 2.14
N ARG A 219 -28.55 -22.75 1.15
CA ARG A 219 -29.22 -22.55 -0.10
C ARG A 219 -29.36 -23.85 -0.87
N SER A 220 -30.43 -23.93 -1.64
CA SER A 220 -30.71 -25.10 -2.46
C SER A 220 -29.52 -25.44 -3.36
N GLY A 221 -29.20 -26.72 -3.40
CA GLY A 221 -28.11 -27.24 -4.21
C GLY A 221 -26.72 -27.07 -3.61
N VAL A 222 -26.55 -26.17 -2.66
CA VAL A 222 -25.26 -25.96 -1.99
C VAL A 222 -24.99 -27.08 -1.00
N GLY A 223 -23.81 -27.66 -1.11
CA GLY A 223 -23.37 -28.74 -0.24
C GLY A 223 -22.58 -28.25 0.95
N LEU A 224 -22.56 -29.10 1.99
CA LEU A 224 -21.82 -28.82 3.21
C LEU A 224 -21.65 -30.11 4.00
N THR A 225 -20.44 -30.69 3.92
CA THR A 225 -20.10 -31.88 4.66
C THR A 225 -20.52 -31.72 6.14
N PRO A 226 -21.33 -32.63 6.68
CA PRO A 226 -21.84 -32.46 8.04
C PRO A 226 -20.74 -32.26 9.08
N LEU A 227 -21.05 -31.45 10.09
CA LEU A 227 -20.25 -31.38 11.32
C LEU A 227 -20.68 -32.45 12.33
N PHE A 228 -21.95 -32.81 12.31
CA PHE A 228 -22.43 -33.92 13.12
C PHE A 228 -22.77 -35.06 12.16
N HIS A 229 -21.88 -36.05 12.01
CA HIS A 229 -22.25 -37.24 11.30
C HIS A 229 -23.05 -38.17 12.24
N GLY A 230 -23.91 -39.02 11.65
CA GLY A 230 -24.64 -39.97 12.47
C GLY A 230 -26.01 -40.47 12.04
N GLY A 231 -27.07 -40.25 12.83
CA GLY A 231 -28.42 -40.66 12.45
C GLY A 231 -28.96 -39.85 11.28
N GLU A 232 -30.20 -40.02 10.85
CA GLU A 232 -30.53 -39.32 9.62
C GLU A 232 -31.20 -37.96 9.82
N HIS A 233 -31.08 -37.33 11.00
CA HIS A 233 -31.81 -36.10 11.28
C HIS A 233 -31.46 -34.99 10.29
N MET A 234 -32.41 -34.08 10.07
CA MET A 234 -32.23 -32.87 9.28
C MET A 234 -31.74 -33.19 7.87
N ASN A 235 -32.49 -34.07 7.21
CA ASN A 235 -32.20 -34.55 5.86
C ASN A 235 -30.76 -35.08 5.77
N GLY A 236 -30.28 -35.70 6.84
CA GLY A 236 -28.93 -36.27 6.91
C GLY A 236 -27.81 -35.27 7.10
N ARG A 237 -28.13 -33.99 7.19
CA ARG A 237 -27.10 -32.94 7.25
C ARG A 237 -26.58 -32.64 8.63
N ARG A 238 -27.35 -32.93 9.67
CA ARG A 238 -26.91 -32.69 11.05
C ARG A 238 -27.63 -33.69 11.92
N SER A 239 -26.89 -34.68 12.41
CA SER A 239 -27.40 -35.75 13.22
C SER A 239 -27.51 -35.37 14.72
N GLY A 240 -28.38 -36.11 15.42
CA GLY A 240 -28.72 -35.85 16.79
C GLY A 240 -30.20 -35.65 17.10
N THR A 241 -30.68 -36.29 18.16
CA THR A 241 -32.10 -36.27 18.44
C THR A 241 -32.57 -34.82 18.58
N LEU A 242 -33.71 -34.52 17.91
CA LEU A 242 -34.19 -33.14 17.85
C LEU A 242 -34.48 -32.60 19.25
N ASN A 243 -34.11 -31.35 19.44
CA ASN A 243 -34.44 -30.62 20.66
C ASN A 243 -35.84 -30.05 20.49
N VAL A 244 -36.86 -30.96 20.63
CA VAL A 244 -38.24 -30.55 20.35
C VAL A 244 -38.67 -29.26 21.04
N PRO A 245 -38.55 -29.12 22.37
CA PRO A 245 -39.10 -27.94 22.99
C PRO A 245 -38.49 -26.69 22.39
N TYR A 246 -37.14 -26.72 22.24
CA TYR A 246 -36.47 -25.46 21.83
C TYR A 246 -36.72 -25.14 20.36
N ILE A 247 -36.88 -26.16 19.49
CA ILE A 247 -37.27 -25.89 18.12
C ILE A 247 -38.59 -25.13 18.11
N VAL A 248 -39.59 -25.67 18.83
CA VAL A 248 -40.91 -25.03 18.85
C VAL A 248 -40.80 -23.57 19.38
N GLY A 249 -40.06 -23.41 20.49
CA GLY A 249 -39.86 -22.08 21.02
C GLY A 249 -39.16 -21.17 20.02
N MET A 250 -38.13 -21.64 19.34
CA MET A 250 -37.37 -20.75 18.44
C MET A 250 -38.22 -20.35 17.25
N GLY A 251 -39.03 -21.27 16.75
CA GLY A 251 -39.99 -20.87 15.75
C GLY A 251 -40.89 -19.74 16.21
N GLU A 252 -41.47 -19.89 17.39
CA GLU A 252 -42.34 -18.82 17.89
C GLU A 252 -41.50 -17.51 18.14
N ALA A 253 -40.27 -17.65 18.56
CA ALA A 253 -39.47 -16.44 18.84
C ALA A 253 -39.20 -15.68 17.57
N MET A 254 -38.95 -16.41 16.47
CA MET A 254 -38.71 -15.83 15.15
C MET A 254 -39.94 -15.10 14.67
N LYS A 255 -41.11 -15.76 14.80
CA LYS A 255 -42.34 -15.15 14.38
C LYS A 255 -42.58 -13.84 15.09
N LEU A 256 -42.51 -13.86 16.43
CA LEU A 256 -42.72 -12.68 17.25
C LEU A 256 -41.65 -11.63 16.92
N ALA A 257 -40.44 -12.06 16.66
CA ALA A 257 -39.37 -11.09 16.32
C ALA A 257 -39.70 -10.30 15.08
N VAL A 258 -40.08 -11.01 13.99
CA VAL A 258 -40.45 -10.31 12.77
C VAL A 258 -41.75 -9.56 12.94
N GLU A 259 -42.70 -10.05 13.76
CA GLU A 259 -43.92 -9.25 13.94
C GLU A 259 -43.63 -7.92 14.64
N HIS A 260 -42.58 -7.86 15.46
CA HIS A 260 -42.29 -6.63 16.21
C HIS A 260 -41.23 -5.78 15.51
N LEU A 261 -40.97 -6.02 14.22
CA LEU A 261 -39.93 -5.24 13.53
C LEU A 261 -40.22 -3.71 13.52
N ASP A 262 -41.46 -3.33 13.20
CA ASP A 262 -41.90 -1.94 13.21
C ASP A 262 -41.70 -1.33 14.57
N TYR A 263 -42.19 -2.02 15.61
CA TYR A 263 -42.08 -1.53 16.97
C TYR A 263 -40.63 -1.36 17.38
N GLU A 264 -39.77 -2.28 16.94
CA GLU A 264 -38.35 -2.24 17.26
C GLU A 264 -37.70 -0.99 16.66
N LYS A 265 -38.05 -0.67 15.43
CA LYS A 265 -37.52 0.53 14.82
C LYS A 265 -38.20 1.78 15.38
N GLU A 266 -39.54 1.82 15.52
CA GLU A 266 -40.22 3.07 15.87
C GLU A 266 -40.29 3.31 17.39
N VAL A 267 -40.32 2.29 18.21
CA VAL A 267 -40.40 2.47 19.68
C VAL A 267 -39.06 2.20 20.34
N VAL A 268 -38.50 1.02 20.14
CA VAL A 268 -37.24 0.68 20.77
C VAL A 268 -36.10 1.60 20.26
N GLY A 269 -36.04 1.83 18.94
CA GLY A 269 -35.04 2.73 18.39
C GLY A 269 -35.12 4.14 18.94
N LYS A 270 -36.36 4.63 19.21
CA LYS A 270 -36.55 5.94 19.80
C LYS A 270 -36.13 5.97 21.25
N LEU A 271 -36.33 4.86 21.98
CA LEU A 271 -35.79 4.75 23.34
C LEU A 271 -34.26 4.75 23.29
N ARG A 272 -33.66 4.10 22.28
CA ARG A 272 -32.20 4.12 22.10
C ARG A 272 -31.68 5.52 21.80
N ASP A 273 -32.42 6.27 20.98
CA ASP A 273 -32.02 7.62 20.65
C ASP A 273 -32.16 8.54 21.86
N LYS A 274 -33.26 8.42 22.58
CA LYS A 274 -33.46 9.20 23.80
C LYS A 274 -32.33 8.94 24.78
N LEU A 275 -32.03 7.66 24.99
CA LEU A 275 -30.91 7.29 25.84
C LEU A 275 -29.61 7.93 25.36
N GLU A 276 -29.30 7.76 24.07
CA GLU A 276 -28.02 8.23 23.52
C GLU A 276 -27.93 9.74 23.49
N GLU A 277 -28.99 10.41 23.04
CA GLU A 277 -28.99 11.84 23.05
C GLU A 277 -28.81 12.37 24.46
N ALA A 278 -29.47 11.74 25.45
CA ALA A 278 -29.33 12.29 26.80
C ALA A 278 -27.91 12.09 27.31
N LEU A 279 -27.28 10.96 26.95
CA LEU A 279 -25.92 10.65 27.41
C LEU A 279 -24.88 11.51 26.69
N LEU A 280 -25.21 12.04 25.51
CA LEU A 280 -24.27 12.91 24.79
C LEU A 280 -24.29 14.35 25.25
N LYS A 281 -25.23 14.72 26.12
CA LYS A 281 -25.15 16.04 26.72
C LYS A 281 -24.14 16.02 27.85
N ILE A 282 -23.79 14.82 28.31
CA ILE A 282 -22.70 14.67 29.26
C ILE A 282 -21.41 15.05 28.54
N PRO A 283 -20.50 15.69 29.21
CA PRO A 283 -19.35 16.32 28.54
C PRO A 283 -18.67 15.45 27.51
N ASP A 284 -17.71 14.74 28.04
CA ASP A 284 -16.76 13.91 27.34
C ASP A 284 -17.33 12.61 26.80
N VAL A 285 -18.61 12.58 26.44
CA VAL A 285 -19.26 11.34 26.02
C VAL A 285 -19.48 11.36 24.52
N MET A 286 -19.24 10.22 23.88
CA MET A 286 -19.30 10.18 22.42
C MET A 286 -19.56 8.76 21.97
N VAL A 287 -20.35 8.63 20.89
CA VAL A 287 -20.63 7.34 20.29
C VAL A 287 -19.42 6.81 19.54
N VAL A 288 -19.12 5.52 19.74
CA VAL A 288 -18.02 4.83 19.08
C VAL A 288 -18.58 4.28 17.78
N GLY A 289 -18.24 4.92 16.66
CA GLY A 289 -18.66 4.45 15.36
C GLY A 289 -19.77 5.32 14.78
N ASP A 290 -20.26 4.85 13.64
CA ASP A 290 -21.33 5.53 12.92
C ASP A 290 -22.62 5.56 13.76
N ARG A 291 -23.38 6.65 13.63
CA ARG A 291 -24.69 6.72 14.28
C ARG A 291 -25.78 6.40 13.27
N ILE A 292 -25.40 6.15 12.02
CA ILE A 292 -26.31 5.81 10.93
C ILE A 292 -26.02 4.36 10.55
N HIS A 293 -26.96 3.73 9.86
CA HIS A 293 -26.82 2.34 9.44
C HIS A 293 -26.47 1.42 10.61
N ARG A 294 -27.32 1.46 11.62
CA ARG A 294 -27.17 0.66 12.81
C ARG A 294 -28.50 -0.05 13.07
N VAL A 295 -28.47 -1.16 13.79
CA VAL A 295 -29.72 -1.78 14.23
C VAL A 295 -30.33 -0.87 15.27
N PRO A 296 -31.66 -0.88 15.49
CA PRO A 296 -32.30 0.12 16.39
C PRO A 296 -31.97 0.03 17.86
N ASN A 297 -31.47 -1.09 18.36
CA ASN A 297 -31.46 -1.26 19.78
C ASN A 297 -30.13 -0.91 20.42
N THR A 298 -29.10 -0.60 19.64
CA THR A 298 -27.75 -0.56 20.19
C THR A 298 -27.14 0.85 20.23
N THR A 299 -26.50 1.18 21.35
CA THR A 299 -25.62 2.34 21.38
C THR A 299 -24.36 1.94 22.12
N LEU A 300 -23.23 2.34 21.57
CA LEU A 300 -21.94 2.06 22.18
C LEU A 300 -21.29 3.41 22.45
N VAL A 301 -21.26 3.83 23.72
CA VAL A 301 -20.74 5.16 24.08
C VAL A 301 -19.40 5.02 24.80
N SER A 302 -18.54 5.99 24.56
CA SER A 302 -17.26 6.08 25.20
C SER A 302 -17.24 7.32 26.08
N VAL A 303 -16.59 7.23 27.21
CA VAL A 303 -16.53 8.29 28.21
C VAL A 303 -15.05 8.59 28.44
N ARG A 304 -14.64 9.84 28.13
CA ARG A 304 -13.27 10.34 28.04
C ARG A 304 -12.27 9.68 28.96
N GLY A 305 -12.58 9.65 30.25
CA GLY A 305 -11.53 9.12 31.08
C GLY A 305 -11.94 7.87 31.83
N ILE A 306 -13.21 7.58 31.89
CA ILE A 306 -13.67 6.39 32.62
C ILE A 306 -13.70 5.16 31.71
N GLU A 307 -13.12 4.09 32.20
CA GLU A 307 -13.08 2.87 31.45
C GLU A 307 -14.45 2.26 31.39
N GLY A 308 -14.61 1.33 30.47
CA GLY A 308 -15.91 0.75 30.33
C GLY A 308 -16.24 -0.12 31.53
N GLU A 309 -15.26 -0.90 32.00
CA GLU A 309 -15.51 -1.82 33.10
C GLU A 309 -15.84 -1.07 34.39
N ALA A 310 -15.23 0.09 34.63
CA ALA A 310 -15.57 0.86 35.81
C ALA A 310 -17.04 1.28 35.76
N MET A 311 -17.49 1.79 34.60
CA MET A 311 -18.92 2.13 34.46
C MET A 311 -19.77 0.92 34.62
N LEU A 312 -19.30 -0.23 34.14
CA LEU A 312 -20.10 -1.43 34.20
C LEU A 312 -20.25 -1.89 35.64
N TRP A 313 -19.17 -1.85 36.42
CA TRP A 313 -19.22 -2.21 37.84
C TRP A 313 -20.12 -1.27 38.64
N ASP A 314 -19.98 0.04 38.43
CA ASP A 314 -20.85 1.01 39.08
C ASP A 314 -22.32 0.79 38.69
N LEU A 315 -22.58 0.72 37.39
CA LEU A 315 -23.92 0.50 36.87
C LEU A 315 -24.56 -0.77 37.46
N ASN A 316 -23.76 -1.83 37.58
CA ASN A 316 -24.22 -3.12 38.10
C ASN A 316 -24.64 -3.00 39.56
N ARG A 317 -23.91 -2.18 40.32
CA ARG A 317 -24.27 -1.92 41.70
C ARG A 317 -25.68 -1.33 41.82
N SER A 318 -26.12 -0.56 40.81
CA SER A 318 -27.46 0.02 40.74
C SER A 318 -28.41 -0.85 39.98
N ASN A 319 -27.99 -2.11 39.73
CA ASN A 319 -28.81 -3.14 39.08
C ASN A 319 -29.22 -2.76 37.66
N ILE A 320 -28.26 -2.20 36.93
CA ILE A 320 -28.42 -1.97 35.52
C ILE A 320 -27.33 -2.78 34.84
N ALA A 321 -27.73 -3.69 33.94
CA ALA A 321 -26.83 -4.61 33.25
C ALA A 321 -26.47 -4.13 31.83
N ALA A 322 -25.17 -3.96 31.56
CA ALA A 322 -24.73 -3.66 30.20
C ALA A 322 -23.37 -4.33 30.05
N SER A 323 -22.68 -4.14 28.92
CA SER A 323 -21.41 -4.82 28.75
C SER A 323 -20.43 -3.86 28.09
N THR A 324 -19.21 -4.33 27.86
CA THR A 324 -18.19 -3.55 27.19
C THR A 324 -18.20 -3.79 25.69
N GLY A 325 -17.35 -3.05 24.97
CA GLY A 325 -17.18 -3.20 23.54
C GLY A 325 -15.91 -2.46 23.20
N SER A 326 -15.03 -3.06 22.37
CA SER A 326 -13.75 -2.44 22.16
C SER A 326 -13.96 -1.12 21.44
N ALA A 327 -13.13 -0.14 21.79
CA ALA A 327 -13.18 1.20 21.27
C ALA A 327 -11.86 1.49 20.60
N CYS A 328 -11.93 2.05 19.39
CA CYS A 328 -10.81 2.30 18.48
C CYS A 328 -11.39 2.79 17.15
N HIS A 350 -10.83 3.01 27.62
CA HIS A 350 -10.49 2.54 26.29
C HIS A 350 -11.46 1.51 25.83
N THR A 351 -12.08 0.80 26.76
CA THR A 351 -13.20 0.03 26.32
C THR A 351 -14.40 0.94 26.53
N ALA A 352 -15.38 0.80 25.66
CA ALA A 352 -16.62 1.56 25.70
C ALA A 352 -17.72 0.72 26.33
N ILE A 353 -18.89 1.36 26.52
CA ILE A 353 -20.06 0.78 27.16
C ILE A 353 -21.12 0.53 26.09
N ARG A 354 -21.50 -0.73 25.91
CA ARG A 354 -22.58 -1.12 25.03
C ARG A 354 -23.86 -1.26 25.86
N LEU A 355 -24.85 -0.44 25.54
CA LEU A 355 -26.18 -0.50 26.10
C LEU A 355 -27.09 -0.98 24.97
N SER A 356 -27.75 -2.12 25.19
CA SER A 356 -28.50 -2.75 24.11
C SER A 356 -29.91 -3.10 24.58
N LEU A 357 -30.91 -2.56 23.87
CA LEU A 357 -32.28 -2.56 24.34
C LEU A 357 -33.08 -3.69 23.72
N SER A 358 -34.35 -3.82 24.16
CA SER A 358 -35.32 -4.72 23.53
C SER A 358 -36.71 -4.16 23.73
N ARG A 359 -37.70 -4.85 23.13
CA ARG A 359 -39.12 -4.56 23.30
C ARG A 359 -39.55 -4.61 24.76
N PHE A 360 -38.74 -5.15 25.65
CA PHE A 360 -39.17 -5.25 27.04
C PHE A 360 -38.77 -4.06 27.88
N ASN A 361 -37.92 -3.20 27.36
CA ASN A 361 -37.57 -1.99 28.07
C ASN A 361 -38.68 -0.94 27.97
N THR A 362 -38.74 -0.07 28.95
CA THR A 362 -39.71 1.00 29.01
C THR A 362 -39.01 2.37 29.04
N GLU A 363 -39.78 3.44 28.80
CA GLU A 363 -39.25 4.79 28.86
C GLU A 363 -38.84 5.15 30.28
N ALA A 364 -39.61 4.73 31.30
CA ALA A 364 -39.18 4.92 32.68
C ALA A 364 -37.75 4.39 32.88
N GLU A 365 -37.45 3.16 32.47
CA GLU A 365 -36.11 2.60 32.63
C GLU A 365 -35.04 3.48 31.95
N ILE A 366 -35.32 4.04 30.76
CA ILE A 366 -34.31 4.86 30.11
C ILE A 366 -34.08 6.12 30.92
N ASP A 367 -35.16 6.76 31.41
CA ASP A 367 -34.98 7.94 32.24
C ASP A 367 -34.11 7.61 33.44
N LYS A 368 -34.46 6.54 34.13
CA LYS A 368 -33.69 6.11 35.29
C LYS A 368 -32.23 5.89 34.92
N THR A 369 -31.99 5.22 33.79
CA THR A 369 -30.62 4.93 33.35
C THR A 369 -29.89 6.22 33.00
N ILE A 370 -30.59 7.19 32.43
CA ILE A 370 -29.98 8.50 32.19
C ILE A 370 -29.49 9.05 33.51
N GLU A 371 -30.35 9.03 34.52
CA GLU A 371 -30.01 9.60 35.82
C GLU A 371 -28.82 8.89 36.45
N VAL A 372 -28.91 7.56 36.60
CA VAL A 372 -27.87 6.75 37.26
C VAL A 372 -26.55 6.81 36.49
N PHE A 373 -26.62 6.78 35.17
CA PHE A 373 -25.45 6.86 34.31
C PHE A 373 -24.75 8.20 34.51
N SER A 374 -25.52 9.29 34.56
CA SER A 374 -24.97 10.62 34.78
C SER A 374 -24.34 10.74 36.15
N GLN A 375 -25.06 10.33 37.19
CA GLN A 375 -24.54 10.37 38.56
C GLN A 375 -23.25 9.57 38.65
N ALA A 376 -23.24 8.38 38.06
CA ALA A 376 -22.04 7.56 38.07
C ALA A 376 -20.91 8.29 37.35
N ALA A 377 -21.22 8.95 36.24
CA ALA A 377 -20.19 9.64 35.48
C ALA A 377 -19.55 10.71 36.32
N VAL A 378 -20.36 11.59 36.92
CA VAL A 378 -19.83 12.71 37.68
C VAL A 378 -19.09 12.21 38.92
N ARG A 379 -19.49 11.09 39.49
CA ARG A 379 -18.80 10.68 40.71
C ARG A 379 -17.48 10.01 40.38
N LEU A 380 -17.46 9.21 39.32
CA LEU A 380 -16.23 8.57 38.91
C LEU A 380 -15.23 9.59 38.36
N ARG A 381 -15.68 10.72 37.81
CA ARG A 381 -14.64 11.67 37.44
C ARG A 381 -14.11 12.35 38.69
N ASN A 382 -15.00 12.77 39.60
CA ASN A 382 -14.48 13.44 40.78
C ASN A 382 -13.48 12.57 41.52
N ILE A 383 -13.71 11.24 41.52
CA ILE A 383 -12.77 10.35 42.18
C ILE A 383 -11.53 10.13 41.34
N SER A 384 -11.63 10.36 40.02
CA SER A 384 -10.51 10.13 39.13
C SER A 384 -9.38 11.15 39.33
N SER A 385 -9.64 12.31 39.93
CA SER A 385 -8.55 13.22 40.29
C SER A 385 -8.91 14.22 41.40
N VAL B 2 -57.56 -41.62 27.59
CA VAL B 2 -56.84 -42.82 27.29
C VAL B 2 -55.60 -42.94 28.23
N GLN B 3 -55.06 -44.14 28.31
CA GLN B 3 -53.91 -44.42 29.15
C GLN B 3 -52.85 -45.01 28.25
N ARG B 4 -51.95 -44.19 27.79
CA ARG B 4 -50.89 -44.73 26.97
C ARG B 4 -49.76 -45.24 27.83
N ILE B 5 -49.02 -46.16 27.28
CA ILE B 5 -47.99 -46.87 27.99
C ILE B 5 -46.70 -46.61 27.22
N TYR B 6 -45.71 -46.09 27.91
CA TYR B 6 -44.49 -45.70 27.24
C TYR B 6 -43.45 -46.83 27.43
N LEU B 7 -43.09 -47.56 26.36
CA LEU B 7 -42.05 -48.59 26.54
C LEU B 7 -40.92 -48.44 25.53
N ASP B 8 -40.51 -47.23 25.24
CA ASP B 8 -39.47 -47.03 24.25
C ASP B 8 -38.42 -46.13 24.84
N ASN B 9 -38.05 -46.37 26.10
CA ASN B 9 -37.19 -45.42 26.84
C ASN B 9 -35.75 -45.43 26.35
N ASN B 10 -35.34 -46.45 25.59
CA ASN B 10 -34.02 -46.40 24.99
C ASN B 10 -33.94 -45.43 23.80
N ALA B 11 -35.11 -45.01 23.25
CA ALA B 11 -35.19 -44.03 22.16
C ALA B 11 -35.19 -42.60 22.72
N THR B 12 -35.86 -42.39 23.82
CA THR B 12 -35.87 -41.14 24.63
C THR B 12 -36.81 -41.41 25.80
N THR B 13 -36.77 -40.54 26.82
CA THR B 13 -37.49 -40.67 28.07
C THR B 13 -38.29 -39.40 28.40
N ARG B 14 -39.18 -39.53 29.39
CA ARG B 14 -39.94 -38.40 29.90
C ARG B 14 -39.05 -37.57 30.84
N ILE B 15 -39.13 -36.26 30.75
CA ILE B 15 -38.38 -35.41 31.69
C ILE B 15 -38.99 -35.57 33.07
N ASP B 16 -38.14 -35.87 34.07
CA ASP B 16 -38.64 -36.00 35.42
C ASP B 16 -39.26 -34.67 35.83
N PRO B 17 -40.43 -34.68 36.47
CA PRO B 17 -41.05 -33.43 36.91
C PRO B 17 -40.12 -32.55 37.74
N LYS B 18 -39.24 -33.17 38.57
CA LYS B 18 -38.27 -32.38 39.37
C LYS B 18 -37.23 -31.70 38.49
N VAL B 19 -36.89 -32.35 37.36
CA VAL B 19 -36.02 -31.75 36.36
C VAL B 19 -36.68 -30.54 35.72
N LYS B 20 -37.90 -30.67 35.22
CA LYS B 20 -38.61 -29.50 34.67
C LYS B 20 -38.69 -28.36 35.70
N GLU B 21 -39.08 -28.67 36.93
CA GLU B 21 -39.19 -27.68 37.98
C GLU B 21 -37.88 -26.92 38.17
N ILE B 22 -36.76 -27.65 38.25
CA ILE B 22 -35.47 -27.01 38.52
C ILE B 22 -35.02 -26.13 37.34
N MET B 23 -35.48 -26.46 36.13
CA MET B 23 -35.16 -25.64 34.95
C MET B 23 -35.99 -24.34 34.84
N ASP B 24 -37.27 -24.37 35.26
CA ASP B 24 -38.14 -23.22 34.97
C ASP B 24 -37.55 -21.83 35.34
N PRO B 25 -36.88 -21.60 36.50
CA PRO B 25 -36.48 -20.19 36.79
C PRO B 25 -35.51 -19.69 35.78
N PHE B 26 -34.73 -20.54 35.16
CA PHE B 26 -33.79 -20.10 34.13
C PHE B 26 -34.47 -19.96 32.79
N LEU B 27 -35.72 -20.40 32.67
CA LEU B 27 -36.51 -20.08 31.50
C LEU B 27 -37.26 -18.80 31.66
N ARG B 28 -37.30 -18.24 32.89
CA ARG B 28 -38.11 -17.06 33.17
C ARG B 28 -37.22 -15.88 33.54
N ASP B 29 -36.94 -15.64 34.81
CA ASP B 29 -36.34 -14.35 35.19
C ASP B 29 -34.84 -14.41 35.31
N HIS B 30 -34.21 -15.59 35.27
CA HIS B 30 -32.74 -15.69 35.39
C HIS B 30 -32.15 -16.09 34.05
N TYR B 31 -32.32 -15.20 33.08
CA TYR B 31 -32.00 -15.45 31.69
C TYR B 31 -30.58 -14.89 31.31
N GLY B 32 -29.76 -14.53 32.29
CA GLY B 32 -28.47 -13.91 32.01
C GLY B 32 -27.48 -14.82 31.29
N ASN B 33 -26.57 -14.22 30.52
CA ASN B 33 -25.51 -15.02 29.93
C ASN B 33 -24.44 -15.27 31.00
N PRO B 34 -24.12 -16.52 31.35
CA PRO B 34 -23.12 -16.79 32.36
C PRO B 34 -21.76 -16.13 32.09
N SER B 35 -21.44 -15.80 30.84
CA SER B 35 -20.16 -15.09 30.55
C SER B 35 -20.24 -13.60 30.84
N SER B 36 -21.46 -13.03 30.97
CA SER B 36 -21.58 -11.64 31.33
C SER B 36 -20.97 -11.39 32.72
N LEU B 37 -20.34 -10.24 32.88
CA LEU B 37 -19.72 -9.88 34.17
C LEU B 37 -20.78 -9.26 35.11
N HIS B 38 -21.90 -8.83 34.56
CA HIS B 38 -22.86 -8.18 35.43
C HIS B 38 -23.65 -9.25 36.18
N GLN B 39 -24.55 -8.73 36.99
CA GLN B 39 -25.31 -9.50 37.96
C GLN B 39 -26.17 -10.57 37.29
N PHE B 40 -26.69 -10.29 36.11
CA PHE B 40 -27.53 -11.29 35.44
C PHE B 40 -26.71 -12.50 35.03
N GLY B 41 -25.45 -12.26 34.71
CA GLY B 41 -24.62 -13.39 34.39
C GLY B 41 -24.13 -14.11 35.64
N THR B 42 -23.56 -13.38 36.61
CA THR B 42 -23.01 -14.06 37.78
C THR B 42 -24.07 -14.75 38.64
N GLU B 43 -25.30 -14.30 38.59
CA GLU B 43 -26.34 -14.97 39.40
C GLU B 43 -26.58 -16.42 38.95
N THR B 44 -26.17 -16.79 37.74
CA THR B 44 -26.34 -18.16 37.24
C THR B 44 -25.20 -19.07 37.69
N HIS B 45 -24.09 -18.50 38.20
CA HIS B 45 -22.95 -19.36 38.51
C HIS B 45 -23.22 -20.45 39.55
N PRO B 46 -23.86 -20.18 40.68
CA PRO B 46 -24.03 -21.25 41.65
C PRO B 46 -24.85 -22.42 41.11
N ALA B 47 -25.94 -22.17 40.41
CA ALA B 47 -26.69 -23.30 39.85
C ALA B 47 -25.86 -24.09 38.84
N ILE B 48 -25.05 -23.43 38.00
CA ILE B 48 -24.22 -24.17 37.03
C ILE B 48 -23.17 -25.04 37.76
N ALA B 49 -22.54 -24.48 38.78
CA ALA B 49 -21.58 -25.26 39.58
C ALA B 49 -22.25 -26.46 40.26
N GLU B 50 -23.45 -26.28 40.81
CA GLU B 50 -24.15 -27.42 41.43
C GLU B 50 -24.51 -28.50 40.39
N ALA B 51 -24.95 -28.08 39.21
CA ALA B 51 -25.22 -28.98 38.11
C ALA B 51 -23.98 -29.76 37.70
N LEU B 52 -22.86 -29.06 37.50
CA LEU B 52 -21.64 -29.75 37.14
C LEU B 52 -21.25 -30.76 38.18
N ASP B 53 -21.33 -30.38 39.48
CA ASP B 53 -20.93 -31.30 40.55
C ASP B 53 -21.73 -32.59 40.47
N LYS B 54 -23.05 -32.46 40.32
CA LYS B 54 -23.87 -33.67 40.18
C LYS B 54 -23.40 -34.50 39.00
N LEU B 55 -22.99 -33.85 37.89
CA LEU B 55 -22.58 -34.68 36.76
C LEU B 55 -21.30 -35.45 37.05
N TYR B 56 -20.30 -34.76 37.63
CA TYR B 56 -19.07 -35.42 38.00
C TYR B 56 -19.34 -36.61 38.93
N LYS B 57 -20.10 -36.37 40.01
CA LYS B 57 -20.35 -37.44 40.97
C LYS B 57 -21.14 -38.59 40.36
N GLY B 58 -21.99 -38.27 39.41
CA GLY B 58 -22.74 -39.31 38.74
C GLY B 58 -21.82 -40.28 38.00
N ILE B 59 -20.69 -39.78 37.45
CA ILE B 59 -19.80 -40.73 36.76
C ILE B 59 -18.43 -40.91 37.42
N ASN B 60 -18.22 -40.42 38.67
CA ASN B 60 -16.99 -40.58 39.41
C ASN B 60 -15.80 -39.93 38.67
N ALA B 61 -16.11 -38.87 37.96
CA ALA B 61 -15.05 -38.01 37.42
C ALA B 61 -14.37 -37.28 38.58
N ARG B 62 -13.03 -37.03 38.49
CA ARG B 62 -12.26 -36.39 39.54
C ARG B 62 -12.26 -34.85 39.36
N ASP B 63 -11.95 -34.11 40.42
CA ASP B 63 -11.91 -32.65 40.24
C ASP B 63 -10.96 -32.24 39.09
N ILE B 64 -9.88 -33.00 38.88
CA ILE B 64 -8.94 -32.65 37.82
C ILE B 64 -9.44 -33.02 36.43
N ASP B 65 -10.52 -33.81 36.31
CA ASP B 65 -11.04 -34.17 35.00
C ASP B 65 -11.99 -33.09 34.45
N ASP B 66 -12.36 -33.24 33.18
CA ASP B 66 -13.41 -32.42 32.60
C ASP B 66 -14.72 -33.19 32.36
N VAL B 67 -15.85 -32.53 32.64
CA VAL B 67 -17.15 -32.97 32.10
C VAL B 67 -17.67 -31.81 31.26
N ILE B 68 -17.48 -31.88 29.95
CA ILE B 68 -17.84 -30.78 29.07
C ILE B 68 -19.30 -30.91 28.67
N ILE B 69 -20.02 -29.80 28.72
CA ILE B 69 -21.41 -29.71 28.26
C ILE B 69 -21.45 -29.63 26.75
N THR B 70 -22.11 -30.62 26.11
CA THR B 70 -22.34 -30.66 24.66
C THR B 70 -23.84 -30.55 24.41
N SER B 71 -24.25 -30.51 23.16
CA SER B 71 -25.65 -30.38 22.79
C SER B 71 -26.33 -31.73 22.63
N CYS B 72 -25.57 -32.81 22.75
CA CYS B 72 -26.08 -34.17 22.69
C CYS B 72 -24.89 -35.12 22.59
N ALA B 73 -25.20 -36.41 22.77
CA ALA B 73 -24.22 -37.47 22.61
C ALA B 73 -23.65 -37.50 21.19
N THR B 74 -24.47 -37.14 20.20
CA THR B 74 -23.96 -37.17 18.85
C THR B 74 -22.80 -36.17 18.74
N GLU B 75 -22.95 -34.95 19.29
CA GLU B 75 -21.77 -34.00 19.36
C GLU B 75 -20.59 -34.64 20.07
N SER B 76 -20.81 -35.26 21.22
CA SER B 76 -19.70 -35.86 21.98
C SER B 76 -18.91 -36.86 21.16
N ASN B 77 -19.64 -37.74 20.46
CA ASN B 77 -19.08 -38.79 19.63
C ASN B 77 -18.35 -38.22 18.42
N ASN B 78 -18.98 -37.25 17.71
CA ASN B 78 -18.31 -36.62 16.61
C ASN B 78 -17.02 -35.93 17.07
N TRP B 79 -17.08 -35.27 18.21
CA TRP B 79 -15.97 -34.55 18.76
C TRP B 79 -14.85 -35.50 19.13
N VAL B 80 -15.17 -36.60 19.80
CA VAL B 80 -14.14 -37.59 20.08
C VAL B 80 -13.51 -38.10 18.80
N LEU B 81 -14.33 -38.58 17.86
CA LEU B 81 -13.76 -39.30 16.72
C LEU B 81 -12.96 -38.35 15.80
N LYS B 82 -13.51 -37.15 15.50
CA LYS B 82 -12.85 -36.21 14.61
C LYS B 82 -11.67 -35.49 15.30
N GLY B 83 -11.79 -35.17 16.58
CA GLY B 83 -10.64 -34.58 17.26
C GLY B 83 -9.50 -35.57 17.32
N VAL B 84 -9.82 -36.84 17.63
CA VAL B 84 -8.72 -37.84 17.61
C VAL B 84 -8.18 -38.10 16.21
N TYR B 85 -9.01 -37.97 15.17
CA TYR B 85 -8.47 -38.05 13.83
C TYR B 85 -7.39 -37.01 13.64
N PHE B 86 -7.66 -35.79 14.07
CA PHE B 86 -6.70 -34.74 13.81
C PHE B 86 -5.49 -34.91 14.71
N ASP B 87 -5.69 -35.16 16.00
CA ASP B 87 -4.56 -35.16 16.94
C ASP B 87 -3.71 -36.41 16.79
N GLU B 88 -4.31 -37.57 16.59
CA GLU B 88 -3.46 -38.75 16.50
C GLU B 88 -3.32 -39.34 15.09
N CYS B 89 -4.46 -39.53 14.35
CA CYS B 89 -4.35 -40.18 13.04
C CYS B 89 -3.52 -39.34 12.09
N LEU B 90 -3.85 -38.06 11.98
CA LEU B 90 -3.09 -37.15 11.14
C LEU B 90 -1.77 -36.74 11.82
N LYS B 91 -1.83 -36.13 13.01
CA LYS B 91 -0.59 -35.58 13.59
C LYS B 91 0.38 -36.65 14.11
N LYS B 92 -0.07 -37.87 14.36
CA LYS B 92 0.87 -38.86 14.84
C LYS B 92 0.96 -40.10 13.95
N GLY B 93 0.27 -40.10 12.81
CA GLY B 93 0.41 -41.24 11.92
C GLY B 93 -0.26 -42.51 12.46
N LYS B 94 -0.96 -42.43 13.57
CA LYS B 94 -1.71 -43.58 14.13
C LYS B 94 -3.06 -43.66 13.41
N ASN B 95 -3.00 -44.17 12.18
CA ASN B 95 -4.10 -44.10 11.25
C ASN B 95 -5.02 -45.30 11.35
N HIS B 96 -5.38 -45.69 12.55
CA HIS B 96 -6.20 -46.88 12.74
C HIS B 96 -7.11 -46.69 13.95
N ILE B 97 -8.35 -47.13 13.84
CA ILE B 97 -9.31 -46.99 14.92
C ILE B 97 -9.99 -48.35 15.12
N VAL B 98 -10.20 -48.75 16.37
CA VAL B 98 -10.91 -50.02 16.68
C VAL B 98 -12.24 -49.68 17.32
N THR B 99 -13.33 -50.20 16.74
CA THR B 99 -14.68 -49.96 17.26
C THR B 99 -15.46 -51.23 17.02
N THR B 100 -16.82 -51.20 17.15
CA THR B 100 -17.60 -52.41 16.97
C THR B 100 -18.66 -52.20 15.90
N VAL B 101 -19.19 -53.31 15.40
CA VAL B 101 -20.31 -53.25 14.46
C VAL B 101 -21.60 -52.87 15.17
N ALA B 102 -21.59 -52.90 16.49
CA ALA B 102 -22.79 -52.66 17.29
C ALA B 102 -23.01 -51.21 17.63
N GLU B 103 -22.06 -50.32 17.28
CA GLU B 103 -22.16 -48.96 17.74
C GLU B 103 -23.32 -48.20 17.15
N HIS B 104 -23.72 -47.16 17.89
CA HIS B 104 -24.68 -46.19 17.45
C HIS B 104 -24.13 -45.54 16.18
N PRO B 105 -25.01 -45.13 15.25
CA PRO B 105 -24.51 -44.42 14.04
C PRO B 105 -23.69 -43.20 14.36
N ALA B 106 -23.88 -42.58 15.53
CA ALA B 106 -23.06 -41.42 15.89
C ALA B 106 -21.59 -41.82 15.93
N VAL B 107 -21.32 -43.11 16.13
CA VAL B 107 -19.97 -43.61 16.06
C VAL B 107 -19.66 -44.19 14.68
N ARG B 108 -20.49 -45.12 14.18
CA ARG B 108 -20.16 -45.85 12.98
C ARG B 108 -20.16 -44.95 11.75
N SER B 109 -21.14 -44.07 11.65
CA SER B 109 -21.30 -43.32 10.43
C SER B 109 -20.16 -42.28 10.37
N THR B 110 -19.83 -41.71 11.50
CA THR B 110 -18.64 -40.81 11.62
C THR B 110 -17.34 -41.56 11.25
N CYS B 111 -17.20 -42.79 11.74
CA CYS B 111 -16.10 -43.65 11.33
C CYS B 111 -16.09 -43.93 9.84
N ASN B 112 -17.27 -44.11 9.21
CA ASN B 112 -17.31 -44.33 7.79
C ASN B 112 -16.78 -43.09 7.06
N PHE B 113 -17.11 -41.89 7.59
CA PHE B 113 -16.57 -40.66 7.01
C PHE B 113 -15.04 -40.66 7.12
N LEU B 114 -14.55 -41.07 8.29
CA LEU B 114 -13.11 -41.13 8.50
C LEU B 114 -12.44 -42.14 7.59
N GLU B 115 -13.10 -43.29 7.31
CA GLU B 115 -12.58 -44.24 6.33
C GLU B 115 -12.45 -43.59 4.96
N SER B 116 -13.43 -42.74 4.59
CA SER B 116 -13.31 -42.02 3.32
C SER B 116 -12.10 -41.11 3.30
N LEU B 117 -11.64 -40.68 4.48
CA LEU B 117 -10.42 -39.87 4.52
C LEU B 117 -9.18 -40.73 4.55
N GLY B 118 -9.33 -42.05 4.63
CA GLY B 118 -8.22 -42.96 4.59
C GLY B 118 -7.94 -43.63 5.91
N VAL B 119 -8.71 -43.34 6.94
CA VAL B 119 -8.44 -44.01 8.20
C VAL B 119 -8.82 -45.48 8.08
N GLU B 120 -7.99 -46.36 8.65
CA GLU B 120 -8.27 -47.79 8.70
C GLU B 120 -9.17 -48.01 9.89
N VAL B 121 -10.37 -48.54 9.69
CA VAL B 121 -11.27 -48.75 10.84
C VAL B 121 -11.60 -50.23 10.87
N THR B 122 -11.37 -50.85 12.03
CA THR B 122 -11.76 -52.23 12.22
C THR B 122 -13.02 -52.20 13.07
N TYR B 123 -14.13 -52.71 12.51
CA TYR B 123 -15.41 -52.82 13.21
C TYR B 123 -15.50 -54.25 13.75
N LEU B 124 -15.30 -54.42 15.05
CA LEU B 124 -15.16 -55.73 15.62
C LEU B 124 -16.50 -56.45 15.46
N PRO B 125 -16.49 -57.66 14.97
CA PRO B 125 -17.77 -58.35 14.77
C PRO B 125 -18.38 -58.82 16.07
N ILE B 126 -19.72 -58.83 16.11
CA ILE B 126 -20.47 -59.26 17.27
C ILE B 126 -20.45 -60.78 17.33
N ASN B 127 -20.50 -61.36 18.53
CA ASN B 127 -20.48 -62.81 18.59
C ASN B 127 -21.92 -63.33 18.69
N GLU B 128 -22.09 -64.66 18.79
CA GLU B 128 -23.44 -65.24 18.91
C GLU B 128 -24.10 -64.81 20.21
N HIS B 129 -23.32 -64.38 21.20
CA HIS B 129 -23.84 -63.88 22.47
C HIS B 129 -24.39 -62.47 22.36
N GLY B 130 -24.30 -61.83 21.18
CA GLY B 130 -24.65 -60.45 20.96
C GLY B 130 -23.65 -59.41 21.51
N SER B 131 -22.46 -59.83 21.87
CA SER B 131 -21.48 -58.98 22.53
C SER B 131 -20.14 -59.09 21.79
N ILE B 132 -19.19 -58.26 22.19
CA ILE B 132 -17.78 -58.38 21.83
C ILE B 132 -17.01 -58.79 23.08
N THR B 133 -15.89 -59.48 22.86
CA THR B 133 -14.94 -59.80 23.91
C THR B 133 -13.76 -58.81 23.91
N ALA B 134 -13.12 -58.69 25.09
CA ALA B 134 -11.96 -57.81 25.27
C ALA B 134 -10.74 -58.33 24.49
N GLU B 135 -10.65 -59.65 24.33
CA GLU B 135 -9.60 -60.23 23.51
C GLU B 135 -9.64 -59.74 22.08
N GLN B 136 -10.83 -59.46 21.54
CA GLN B 136 -10.92 -58.95 20.17
C GLN B 136 -10.21 -57.62 20.02
N VAL B 137 -10.46 -56.68 20.95
CA VAL B 137 -9.73 -55.43 20.90
C VAL B 137 -8.24 -55.66 21.03
N ARG B 138 -7.84 -56.60 21.89
CA ARG B 138 -6.44 -56.96 22.04
C ARG B 138 -5.82 -57.39 20.74
N GLU B 139 -6.46 -58.33 20.05
CA GLU B 139 -6.02 -58.81 18.76
C GLU B 139 -5.96 -57.68 17.75
N ALA B 140 -6.87 -56.70 17.82
CA ALA B 140 -6.97 -55.73 16.74
C ALA B 140 -6.07 -54.50 16.94
N ILE B 141 -5.56 -54.31 18.16
CA ILE B 141 -4.66 -53.19 18.43
C ILE B 141 -3.33 -53.41 17.72
N THR B 142 -3.00 -52.50 16.81
CA THR B 142 -1.65 -52.47 16.25
C THR B 142 -0.92 -51.31 16.93
N GLU B 143 0.28 -51.00 16.52
CA GLU B 143 0.92 -49.81 17.08
C GLU B 143 0.51 -48.57 16.32
N LYS B 144 -0.51 -48.69 15.50
CA LYS B 144 -0.99 -47.64 14.66
C LYS B 144 -2.37 -47.26 15.08
N THR B 145 -2.85 -47.92 16.10
CA THR B 145 -4.17 -47.68 16.65
C THR B 145 -4.16 -46.43 17.50
N ALA B 146 -4.95 -45.48 17.08
CA ALA B 146 -5.06 -44.23 17.79
C ALA B 146 -6.10 -44.31 18.89
N LEU B 147 -7.13 -45.13 18.65
CA LEU B 147 -8.28 -45.01 19.50
C LEU B 147 -9.11 -46.33 19.46
N VAL B 148 -9.60 -46.70 20.60
CA VAL B 148 -10.67 -47.70 20.64
C VAL B 148 -11.92 -47.06 21.22
N SER B 149 -13.07 -47.36 20.59
CA SER B 149 -14.36 -46.86 21.02
C SER B 149 -15.29 -48.03 21.08
N VAL B 150 -15.75 -48.38 22.30
CA VAL B 150 -16.75 -49.43 22.48
C VAL B 150 -17.85 -48.90 23.43
N MET B 151 -19.11 -49.04 23.00
CA MET B 151 -20.22 -48.51 23.79
C MET B 151 -20.36 -49.31 25.09
N TRP B 152 -20.81 -48.64 26.17
CA TRP B 152 -20.94 -49.40 27.44
C TRP B 152 -22.08 -50.38 27.37
N ALA B 153 -23.21 -49.92 26.88
CA ALA B 153 -24.35 -50.79 26.76
C ALA B 153 -25.01 -50.58 25.41
N ASN B 154 -25.42 -51.70 24.82
CA ASN B 154 -26.01 -51.62 23.48
C ASN B 154 -27.42 -51.13 23.60
N ASN B 155 -27.77 -50.22 22.70
CA ASN B 155 -29.04 -49.54 22.75
C ASN B 155 -30.18 -50.42 22.28
N GLU B 156 -29.90 -51.43 21.44
CA GLU B 156 -30.96 -52.32 20.97
C GLU B 156 -31.16 -53.55 21.87
N THR B 157 -30.11 -54.20 22.29
CA THR B 157 -30.22 -55.42 23.06
C THR B 157 -30.12 -55.18 24.56
N GLY B 158 -29.62 -54.05 24.98
CA GLY B 158 -29.27 -53.73 26.35
C GLY B 158 -28.00 -54.42 26.85
N LEU B 159 -27.29 -55.13 25.98
CA LEU B 159 -26.21 -55.99 26.46
C LEU B 159 -25.06 -55.11 26.93
N ILE B 160 -24.48 -55.46 28.07
CA ILE B 160 -23.38 -54.69 28.67
C ILE B 160 -22.08 -55.20 28.06
N PHE B 161 -21.23 -54.29 27.61
CA PHE B 161 -19.96 -54.74 27.06
C PHE B 161 -18.88 -54.74 28.16
N PRO B 162 -17.79 -55.51 27.99
CA PRO B 162 -16.82 -55.64 29.10
C PRO B 162 -16.23 -54.32 29.67
N ILE B 163 -15.92 -53.33 28.84
CA ILE B 163 -15.43 -52.01 29.25
C ILE B 163 -14.32 -52.04 30.30
N GLU B 164 -14.62 -52.50 31.51
CA GLU B 164 -13.60 -52.54 32.55
C GLU B 164 -12.32 -53.23 32.06
N GLU B 165 -12.45 -54.43 31.50
CA GLU B 165 -11.32 -55.18 30.98
C GLU B 165 -10.72 -54.53 29.74
N ILE B 166 -11.60 -54.08 28.82
CA ILE B 166 -11.16 -53.38 27.63
C ILE B 166 -10.32 -52.14 27.99
N GLY B 167 -10.74 -51.38 28.99
CA GLY B 167 -9.96 -50.21 29.40
C GLY B 167 -8.60 -50.57 29.96
N ALA B 168 -8.54 -51.72 30.67
CA ALA B 168 -7.27 -52.19 31.16
C ALA B 168 -6.29 -52.52 30.02
N ILE B 169 -6.82 -53.11 28.95
CA ILE B 169 -6.03 -53.46 27.78
C ILE B 169 -5.52 -52.21 27.06
N CYS B 170 -6.37 -51.19 26.92
CA CYS B 170 -5.99 -49.92 26.26
C CYS B 170 -4.88 -49.21 27.04
N LYS B 171 -5.01 -49.19 28.35
CA LYS B 171 -3.99 -48.57 29.19
C LYS B 171 -2.66 -49.32 29.14
N GLU B 172 -2.69 -50.65 29.18
CA GLU B 172 -1.44 -51.33 29.07
C GLU B 172 -0.80 -51.17 27.68
N LYS B 173 -1.60 -50.89 26.66
CA LYS B 173 -1.05 -50.72 25.32
C LYS B 173 -0.82 -49.26 24.91
N GLY B 174 -1.20 -48.30 25.74
CA GLY B 174 -1.08 -46.90 25.44
C GLY B 174 -2.00 -46.41 24.33
N VAL B 175 -3.26 -46.87 24.34
CA VAL B 175 -4.25 -46.48 23.36
C VAL B 175 -5.35 -45.69 24.02
N LEU B 176 -5.79 -44.61 23.35
CA LEU B 176 -6.89 -43.81 23.89
C LEU B 176 -8.16 -44.68 23.89
N PHE B 177 -8.96 -44.57 24.95
CA PHE B 177 -10.23 -45.32 25.07
C PHE B 177 -11.43 -44.37 25.23
N HIS B 178 -12.40 -44.49 24.30
CA HIS B 178 -13.66 -43.80 24.42
C HIS B 178 -14.72 -44.89 24.64
N THR B 179 -15.69 -44.61 25.53
CA THR B 179 -16.90 -45.43 25.61
C THR B 179 -18.12 -44.52 25.46
N ASP B 180 -18.98 -44.87 24.51
CA ASP B 180 -20.27 -44.24 24.35
C ASP B 180 -21.15 -44.83 25.46
N ALA B 181 -21.36 -44.09 26.55
CA ALA B 181 -22.07 -44.68 27.69
C ALA B 181 -23.54 -44.27 27.77
N VAL B 182 -24.13 -43.84 26.67
CA VAL B 182 -25.41 -43.19 26.71
C VAL B 182 -26.44 -44.08 27.37
N GLN B 183 -26.43 -45.35 27.03
CA GLN B 183 -27.49 -46.24 27.57
C GLN B 183 -27.20 -46.69 28.99
N ALA B 184 -26.01 -46.40 29.52
CA ALA B 184 -25.73 -46.94 30.85
C ALA B 184 -26.19 -46.00 31.96
N ILE B 185 -26.33 -44.71 31.71
CA ILE B 185 -26.61 -43.80 32.81
C ILE B 185 -27.98 -44.12 33.45
N GLY B 186 -27.98 -44.35 34.75
CA GLY B 186 -29.20 -44.60 35.44
C GLY B 186 -29.67 -46.03 35.27
N LYS B 187 -28.96 -46.81 34.46
CA LYS B 187 -29.31 -48.23 34.25
C LYS B 187 -28.42 -49.16 35.04
N ILE B 188 -27.12 -48.85 35.08
CA ILE B 188 -26.10 -49.56 35.86
C ILE B 188 -25.11 -48.51 36.35
N PRO B 189 -24.42 -48.75 37.46
CA PRO B 189 -23.41 -47.75 37.88
C PRO B 189 -22.36 -47.56 36.80
N VAL B 190 -21.97 -46.31 36.62
CA VAL B 190 -20.93 -45.91 35.68
C VAL B 190 -19.84 -45.24 36.48
N ASP B 191 -18.61 -45.74 36.35
CA ASP B 191 -17.42 -45.25 37.06
C ASP B 191 -16.33 -45.11 35.99
N VAL B 192 -15.97 -43.86 35.67
CA VAL B 192 -15.00 -43.67 34.60
C VAL B 192 -13.64 -44.12 35.00
N LEU B 193 -13.29 -44.07 36.30
CA LEU B 193 -11.99 -44.51 36.76
C LEU B 193 -11.91 -46.03 36.68
N LYS B 194 -12.98 -46.72 37.12
CA LYS B 194 -12.96 -48.17 36.92
C LYS B 194 -12.83 -48.52 35.43
N ALA B 195 -13.39 -47.74 34.57
CA ALA B 195 -13.34 -48.02 33.13
C ALA B 195 -12.01 -47.66 32.48
N ASN B 196 -11.19 -46.89 33.17
CA ASN B 196 -9.98 -46.28 32.61
C ASN B 196 -10.30 -45.65 31.27
N ALA B 197 -11.39 -44.91 31.24
CA ALA B 197 -11.81 -44.25 30.04
C ALA B 197 -11.06 -42.95 29.90
N ASP B 198 -10.60 -42.66 28.70
CA ASP B 198 -10.12 -41.29 28.42
C ASP B 198 -11.31 -40.40 28.04
N PHE B 199 -12.30 -40.97 27.38
CA PHE B 199 -13.46 -40.23 26.93
C PHE B 199 -14.72 -41.04 27.24
N LEU B 200 -15.76 -40.35 27.69
CA LEU B 200 -17.10 -40.95 27.93
C LEU B 200 -18.20 -39.96 27.56
N SER B 201 -19.09 -40.41 26.71
CA SER B 201 -20.21 -39.66 26.14
C SER B 201 -21.52 -39.97 26.86
N PHE B 202 -22.40 -38.96 26.97
CA PHE B 202 -23.76 -39.26 27.40
C PHE B 202 -24.74 -38.21 26.88
N SER B 203 -26.04 -38.54 26.94
CA SER B 203 -27.11 -37.69 26.45
C SER B 203 -28.22 -37.68 27.48
N ALA B 204 -28.66 -36.47 27.90
CA ALA B 204 -29.59 -36.34 29.03
C ALA B 204 -30.91 -37.06 28.77
N HIS B 205 -31.40 -37.03 27.53
CA HIS B 205 -32.80 -37.52 27.25
C HIS B 205 -32.93 -39.03 27.31
N PHE B 207 -31.73 -40.25 30.23
CA PHE B 207 -31.97 -40.44 31.67
C PHE B 207 -32.90 -39.35 32.25
N HIS B 208 -34.02 -39.09 31.55
CA HIS B 208 -35.11 -38.24 32.07
C HIS B 208 -34.67 -36.76 32.20
N GLY B 209 -33.68 -36.39 31.44
CA GLY B 209 -33.43 -34.98 31.15
C GLY B 209 -33.93 -34.60 29.77
N PRO B 210 -33.79 -33.30 29.41
CA PRO B 210 -34.31 -32.79 28.12
C PRO B 210 -33.44 -33.22 26.96
N LYS B 211 -34.09 -33.32 25.78
CA LYS B 211 -33.39 -33.53 24.53
C LYS B 211 -32.47 -32.33 24.23
N GLY B 212 -31.36 -32.58 23.59
CA GLY B 212 -30.52 -31.48 23.07
C GLY B 212 -29.50 -31.03 24.11
N ILE B 213 -29.11 -31.90 25.02
CA ILE B 213 -27.97 -31.59 25.87
C ILE B 213 -27.29 -32.89 26.19
N GLY B 214 -25.98 -32.87 26.14
CA GLY B 214 -25.18 -34.02 26.43
C GLY B 214 -23.92 -33.64 27.18
N GLY B 215 -23.07 -34.63 27.35
CA GLY B 215 -21.80 -34.44 28.05
C GLY B 215 -20.70 -35.31 27.46
N LEU B 216 -19.46 -34.82 27.57
CA LEU B 216 -18.25 -35.57 27.20
C LEU B 216 -17.27 -35.46 28.35
N TYR B 217 -17.03 -36.56 29.03
CA TYR B 217 -16.00 -36.65 30.04
C TYR B 217 -14.68 -36.75 29.32
N ILE B 218 -13.76 -35.89 29.67
CA ILE B 218 -12.40 -36.00 29.19
C ILE B 218 -11.48 -36.10 30.37
N ARG B 219 -10.67 -37.16 30.37
CA ARG B 219 -9.76 -37.40 31.46
C ARG B 219 -8.70 -36.31 31.56
N SER B 220 -8.36 -35.95 32.78
CA SER B 220 -7.39 -34.90 33.05
C SER B 220 -6.12 -35.11 32.21
N GLY B 221 -5.67 -34.03 31.57
CA GLY B 221 -4.47 -34.10 30.74
C GLY B 221 -4.65 -34.57 29.31
N VAL B 222 -5.78 -35.20 28.98
CA VAL B 222 -5.99 -35.68 27.63
C VAL B 222 -6.39 -34.52 26.72
N GLY B 223 -5.77 -34.39 25.54
CA GLY B 223 -6.22 -33.34 24.63
C GLY B 223 -7.28 -33.86 23.62
N LEU B 224 -8.04 -32.91 23.02
CA LEU B 224 -9.04 -33.17 22.00
C LEU B 224 -9.33 -31.82 21.33
N THR B 225 -8.81 -31.62 20.13
CA THR B 225 -9.03 -30.38 19.38
C THR B 225 -10.53 -30.09 19.33
N PRO B 226 -10.96 -28.88 19.70
CA PRO B 226 -12.40 -28.56 19.73
C PRO B 226 -13.11 -28.88 18.43
N LEU B 227 -14.37 -29.29 18.55
CA LEU B 227 -15.27 -29.37 17.37
C LEU B 227 -15.95 -28.04 17.12
N PHE B 228 -16.21 -27.34 18.21
CA PHE B 228 -16.72 -25.98 18.16
C PHE B 228 -15.62 -25.01 18.59
N HIS B 229 -14.99 -24.31 17.66
CA HIS B 229 -14.03 -23.25 18.00
C HIS B 229 -14.80 -21.97 18.30
N GLY B 230 -14.16 -21.03 19.05
CA GLY B 230 -14.88 -19.78 19.26
C GLY B 230 -14.66 -19.03 20.55
N GLY B 231 -15.77 -18.67 21.24
CA GLY B 231 -15.81 -17.92 22.49
C GLY B 231 -15.08 -18.38 23.75
N GLU B 232 -14.59 -19.63 23.77
CA GLU B 232 -13.80 -20.20 24.87
C GLU B 232 -14.62 -20.51 26.16
N HIS B 233 -15.93 -20.71 26.02
CA HIS B 233 -16.72 -21.45 27.00
C HIS B 233 -16.15 -22.85 27.23
N MET B 234 -16.52 -23.42 28.36
CA MET B 234 -16.14 -24.77 28.75
C MET B 234 -14.60 -24.95 28.75
N ASN B 235 -13.92 -24.11 29.50
CA ASN B 235 -12.43 -24.09 29.57
C ASN B 235 -11.79 -24.08 28.17
N GLY B 236 -12.42 -23.38 27.23
CA GLY B 236 -11.91 -23.24 25.86
C GLY B 236 -12.09 -24.44 24.98
N ARG B 237 -12.76 -25.43 25.48
CA ARG B 237 -12.78 -26.69 24.75
C ARG B 237 -13.98 -26.82 23.82
N ARG B 238 -15.03 -26.03 24.05
CA ARG B 238 -16.32 -26.16 23.35
C ARG B 238 -17.05 -24.84 23.50
N SER B 239 -17.07 -24.06 22.46
CA SER B 239 -17.58 -22.71 22.45
C SER B 239 -19.08 -22.69 22.20
N GLY B 240 -19.71 -21.58 22.62
CA GLY B 240 -21.13 -21.29 22.46
C GLY B 240 -21.81 -21.04 23.81
N THR B 241 -22.65 -20.02 23.82
CA THR B 241 -23.37 -19.63 25.00
C THR B 241 -24.02 -20.82 25.69
N LEU B 242 -23.81 -20.92 27.01
CA LEU B 242 -24.26 -22.07 27.79
C LEU B 242 -25.79 -22.15 27.83
N ASN B 243 -26.27 -23.38 27.70
CA ASN B 243 -27.75 -23.61 27.68
C ASN B 243 -28.11 -23.80 29.13
N VAL B 244 -28.23 -22.68 29.86
CA VAL B 244 -28.33 -22.75 31.31
C VAL B 244 -29.48 -23.66 31.79
N PRO B 245 -30.71 -23.48 31.33
CA PRO B 245 -31.78 -24.32 31.86
C PRO B 245 -31.48 -25.79 31.70
N TYR B 246 -31.00 -26.23 30.54
CA TYR B 246 -30.78 -27.67 30.33
C TYR B 246 -29.59 -28.19 31.10
N ILE B 247 -28.57 -27.32 31.38
CA ILE B 247 -27.46 -27.79 32.19
C ILE B 247 -27.92 -28.10 33.61
N VAL B 248 -28.65 -27.15 34.23
CA VAL B 248 -29.19 -27.35 35.54
C VAL B 248 -30.14 -28.60 35.52
N GLY B 249 -30.97 -28.69 34.52
CA GLY B 249 -31.88 -29.85 34.41
C GLY B 249 -31.12 -31.18 34.26
N MET B 250 -30.07 -31.19 33.44
CA MET B 250 -29.33 -32.44 33.21
C MET B 250 -28.56 -32.85 34.43
N GLY B 251 -28.00 -31.87 35.15
CA GLY B 251 -27.40 -32.21 36.41
C GLY B 251 -28.38 -32.88 37.34
N GLU B 252 -29.54 -32.28 37.54
CA GLU B 252 -30.52 -32.92 38.43
C GLU B 252 -30.93 -34.30 37.90
N ALA B 253 -31.05 -34.42 36.58
CA ALA B 253 -31.44 -35.72 35.99
C ALA B 253 -30.41 -36.78 36.29
N MET B 254 -29.12 -36.39 36.24
CA MET B 254 -28.05 -37.32 36.54
C MET B 254 -28.10 -37.72 37.99
N LYS B 255 -28.30 -36.74 38.88
CA LYS B 255 -28.36 -37.03 40.29
C LYS B 255 -29.47 -38.05 40.56
N LEU B 256 -30.64 -37.75 40.03
CA LEU B 256 -31.81 -38.63 40.22
C LEU B 256 -31.56 -40.03 39.65
N ALA B 257 -30.88 -40.11 38.52
CA ALA B 257 -30.63 -41.41 37.89
C ALA B 257 -29.80 -42.30 38.82
N VAL B 258 -28.71 -41.72 39.39
CA VAL B 258 -27.92 -42.57 40.24
C VAL B 258 -28.64 -42.83 41.55
N GLU B 259 -29.40 -41.85 42.07
CA GLU B 259 -30.13 -42.14 43.28
C GLU B 259 -31.16 -43.24 43.05
N HIS B 260 -31.60 -43.45 41.81
CA HIS B 260 -32.59 -44.50 41.53
C HIS B 260 -31.93 -45.78 41.00
N LEU B 261 -30.62 -45.95 41.18
CA LEU B 261 -29.98 -47.16 40.64
C LEU B 261 -30.48 -48.45 41.30
N ASP B 262 -30.62 -48.44 42.63
CA ASP B 262 -31.14 -49.60 43.35
C ASP B 262 -32.54 -49.96 42.85
N TYR B 263 -33.41 -48.95 42.70
CA TYR B 263 -34.76 -49.18 42.19
C TYR B 263 -34.72 -49.68 40.77
N GLU B 264 -33.81 -49.16 39.96
CA GLU B 264 -33.70 -49.56 38.60
C GLU B 264 -33.41 -51.04 38.50
N LYS B 265 -32.49 -51.52 39.32
CA LYS B 265 -32.10 -52.91 39.24
C LYS B 265 -33.16 -53.83 39.85
N GLU B 266 -33.71 -53.45 41.01
CA GLU B 266 -34.59 -54.26 41.82
C GLU B 266 -36.05 -54.20 41.41
N VAL B 267 -36.54 -53.06 40.92
CA VAL B 267 -37.97 -52.96 40.58
C VAL B 267 -38.17 -52.96 39.06
N VAL B 268 -37.55 -52.02 38.40
CA VAL B 268 -37.58 -51.95 36.93
C VAL B 268 -37.05 -53.25 36.33
N GLY B 269 -35.95 -53.76 36.89
CA GLY B 269 -35.42 -55.03 36.42
C GLY B 269 -36.42 -56.16 36.55
N LYS B 270 -37.14 -56.21 37.67
CA LYS B 270 -38.14 -57.23 37.94
C LYS B 270 -39.33 -57.11 36.98
N LEU B 271 -39.73 -55.88 36.66
CA LEU B 271 -40.77 -55.63 35.68
C LEU B 271 -40.33 -56.07 34.27
N ARG B 272 -39.07 -55.81 33.93
CA ARG B 272 -38.58 -56.26 32.63
C ARG B 272 -38.56 -57.78 32.56
N ASP B 273 -38.22 -58.43 33.68
CA ASP B 273 -38.16 -59.88 33.69
C ASP B 273 -39.55 -60.44 33.57
N LYS B 274 -40.52 -59.84 34.26
CA LYS B 274 -41.91 -60.27 34.21
C LYS B 274 -42.43 -60.21 32.77
N LEU B 275 -42.22 -59.08 32.14
CA LEU B 275 -42.65 -58.91 30.76
C LEU B 275 -42.03 -59.98 29.87
N GLU B 276 -40.71 -60.15 29.98
CA GLU B 276 -39.96 -61.07 29.13
C GLU B 276 -40.37 -62.53 29.35
N GLU B 277 -40.44 -62.96 30.62
CA GLU B 277 -40.86 -64.30 30.93
C GLU B 277 -42.27 -64.52 30.39
N ALA B 278 -43.14 -63.53 30.56
CA ALA B 278 -44.50 -63.73 30.10
C ALA B 278 -44.52 -63.89 28.58
N LEU B 279 -43.69 -63.13 27.88
CA LEU B 279 -43.68 -63.15 26.42
C LEU B 279 -42.96 -64.37 25.88
N LEU B 280 -42.23 -65.07 26.72
CA LEU B 280 -41.61 -66.33 26.30
C LEU B 280 -42.55 -67.51 26.47
N LYS B 281 -43.73 -67.29 27.05
CA LYS B 281 -44.70 -68.35 27.05
C LYS B 281 -45.38 -68.38 25.69
N ILE B 282 -45.24 -67.31 24.93
CA ILE B 282 -45.77 -67.29 23.58
C ILE B 282 -44.91 -68.22 22.77
N PRO B 283 -45.47 -68.92 21.81
CA PRO B 283 -44.70 -69.95 21.10
C PRO B 283 -43.79 -69.15 20.18
N ASP B 284 -42.84 -69.85 19.58
CA ASP B 284 -41.86 -69.30 18.66
C ASP B 284 -41.22 -68.00 19.13
N VAL B 285 -41.30 -67.62 20.38
CA VAL B 285 -40.74 -66.33 20.76
C VAL B 285 -39.39 -66.56 21.42
N MET B 286 -38.42 -65.67 21.13
CA MET B 286 -37.09 -65.84 21.68
C MET B 286 -36.45 -64.47 21.82
N VAL B 287 -35.76 -64.26 22.95
CA VAL B 287 -35.01 -63.03 23.19
C VAL B 287 -33.78 -63.02 22.29
N VAL B 288 -33.47 -61.87 21.71
CA VAL B 288 -32.35 -61.76 20.80
C VAL B 288 -31.13 -61.43 21.65
N GLY B 289 -30.26 -62.41 21.78
CA GLY B 289 -29.00 -62.23 22.46
C GLY B 289 -28.97 -62.91 23.82
N ASP B 290 -27.84 -62.71 24.49
CA ASP B 290 -27.66 -63.17 25.86
C ASP B 290 -28.67 -62.50 26.78
N ARG B 291 -29.19 -63.25 27.75
CA ARG B 291 -30.18 -62.70 28.66
C ARG B 291 -29.53 -62.35 29.99
N ILE B 292 -28.22 -62.51 30.06
CA ILE B 292 -27.41 -62.17 31.21
C ILE B 292 -26.54 -60.98 30.77
N HIS B 293 -26.03 -60.24 31.75
CA HIS B 293 -25.16 -59.05 31.54
C HIS B 293 -25.81 -58.06 30.57
N ARG B 294 -27.01 -57.61 30.97
CA ARG B 294 -27.87 -56.66 30.29
C ARG B 294 -28.16 -55.55 31.28
N VAL B 295 -28.48 -54.36 30.77
CA VAL B 295 -29.01 -53.34 31.66
C VAL B 295 -30.38 -53.87 32.09
N PRO B 296 -30.93 -53.45 33.24
CA PRO B 296 -32.24 -54.01 33.71
C PRO B 296 -33.44 -53.70 32.86
N ASN B 297 -33.40 -52.69 32.01
CA ASN B 297 -34.65 -52.17 31.55
C ASN B 297 -35.04 -52.69 30.17
N THR B 298 -34.18 -53.47 29.50
CA THR B 298 -34.37 -53.75 28.09
C THR B 298 -34.62 -55.23 27.81
N THR B 299 -35.60 -55.52 26.94
CA THR B 299 -35.71 -56.86 26.35
C THR B 299 -35.97 -56.75 24.85
N LEU B 300 -35.33 -57.62 24.10
CA LEU B 300 -35.38 -57.60 22.64
C LEU B 300 -35.87 -58.98 22.19
N VAL B 301 -37.16 -59.06 21.82
CA VAL B 301 -37.80 -60.32 21.49
C VAL B 301 -38.04 -60.39 19.99
N SER B 302 -37.89 -61.61 19.47
CA SER B 302 -38.14 -61.99 18.11
C SER B 302 -39.30 -62.97 18.09
N VAL B 303 -40.14 -62.80 17.07
CA VAL B 303 -41.32 -63.64 16.86
C VAL B 303 -41.21 -64.24 15.45
N ARG B 304 -41.26 -65.57 15.40
CA ARG B 304 -41.14 -66.48 14.27
C ARG B 304 -41.18 -65.96 12.84
N GLY B 305 -42.20 -65.17 12.54
CA GLY B 305 -42.45 -64.87 11.15
C GLY B 305 -43.22 -63.58 11.00
N ILE B 306 -43.64 -63.01 12.13
CA ILE B 306 -44.13 -61.65 12.15
C ILE B 306 -42.92 -60.77 12.39
N GLU B 307 -42.69 -59.81 11.53
CA GLU B 307 -41.55 -58.95 11.71
C GLU B 307 -41.87 -57.93 12.82
N GLY B 308 -40.86 -57.19 13.24
CA GLY B 308 -41.07 -56.29 14.36
C GLY B 308 -42.04 -55.18 14.03
N GLU B 309 -41.96 -54.64 12.82
CA GLU B 309 -42.77 -53.49 12.40
C GLU B 309 -44.27 -53.77 12.49
N ALA B 310 -44.69 -54.99 12.18
CA ALA B 310 -46.10 -55.35 12.26
C ALA B 310 -46.57 -55.31 13.71
N MET B 311 -45.78 -55.90 14.60
CA MET B 311 -46.11 -55.89 16.02
C MET B 311 -46.12 -54.47 16.58
N LEU B 312 -45.23 -53.62 16.07
CA LEU B 312 -45.19 -52.24 16.54
C LEU B 312 -46.42 -51.47 16.10
N TRP B 313 -46.85 -51.65 14.86
CA TRP B 313 -48.05 -50.98 14.40
C TRP B 313 -49.27 -51.38 15.23
N ASP B 314 -49.44 -52.69 15.46
CA ASP B 314 -50.58 -53.15 16.28
C ASP B 314 -50.49 -52.57 17.68
N LEU B 315 -49.32 -52.68 18.30
CA LEU B 315 -49.06 -52.19 19.65
C LEU B 315 -49.32 -50.69 19.76
N ASN B 316 -48.99 -49.95 18.72
CA ASN B 316 -49.21 -48.52 18.71
C ASN B 316 -50.69 -48.19 18.64
N ARG B 317 -51.48 -48.98 17.90
CA ARG B 317 -52.93 -48.78 17.85
C ARG B 317 -53.54 -48.79 19.25
N SER B 318 -52.96 -49.57 20.16
CA SER B 318 -53.37 -49.71 21.56
C SER B 318 -52.64 -48.76 22.49
N ASN B 319 -51.97 -47.77 21.90
CA ASN B 319 -51.28 -46.71 22.66
C ASN B 319 -50.18 -47.25 23.57
N ILE B 320 -49.48 -48.26 23.06
CA ILE B 320 -48.29 -48.79 23.71
C ILE B 320 -47.17 -48.50 22.75
N ALA B 321 -46.10 -47.83 23.23
CA ALA B 321 -45.01 -47.40 22.35
C ALA B 321 -43.77 -48.28 22.54
N ALA B 322 -43.33 -48.92 21.47
CA ALA B 322 -42.05 -49.66 21.52
C ALA B 322 -41.32 -49.49 20.18
N SER B 323 -40.14 -50.11 20.00
CA SER B 323 -39.45 -49.88 18.73
C SER B 323 -38.84 -51.20 18.24
N THR B 324 -38.21 -51.20 17.08
CA THR B 324 -37.58 -52.39 16.53
C THR B 324 -36.11 -52.52 16.91
N GLY B 325 -35.50 -53.58 16.41
CA GLY B 325 -34.09 -53.84 16.63
C GLY B 325 -33.63 -54.96 15.73
N SER B 326 -32.44 -54.81 15.16
CA SER B 326 -31.94 -55.76 14.18
C SER B 326 -31.72 -57.14 14.83
N ALA B 327 -32.08 -58.19 14.10
CA ALA B 327 -31.92 -59.55 14.59
C ALA B 327 -31.28 -60.35 13.48
N CYS B 328 -30.26 -61.13 13.80
CA CYS B 328 -29.50 -61.82 12.77
C CYS B 328 -29.59 -63.33 12.98
N ALA B 349 -39.38 -61.91 12.36
CA ALA B 349 -38.42 -62.76 11.67
C ALA B 349 -37.19 -61.91 11.47
N HIS B 350 -37.24 -61.08 10.43
CA HIS B 350 -36.17 -60.16 10.10
C HIS B 350 -35.82 -59.30 11.32
N THR B 351 -36.76 -58.48 11.77
CA THR B 351 -36.54 -57.55 12.86
C THR B 351 -37.28 -57.98 14.12
N ALA B 352 -36.74 -57.60 15.27
CA ALA B 352 -37.31 -57.88 16.58
C ALA B 352 -37.90 -56.62 17.21
N ILE B 353 -38.57 -56.82 18.35
CA ILE B 353 -39.25 -55.77 19.10
C ILE B 353 -38.50 -55.45 20.38
N ARG B 354 -38.08 -54.19 20.50
CA ARG B 354 -37.32 -53.68 21.63
C ARG B 354 -38.25 -52.94 22.57
N LEU B 355 -38.35 -53.48 23.75
CA LEU B 355 -39.17 -52.96 24.82
C LEU B 355 -38.20 -52.48 25.89
N SER B 356 -38.28 -51.18 26.19
CA SER B 356 -37.34 -50.62 27.15
C SER B 356 -38.13 -49.83 28.18
N LEU B 357 -38.03 -50.23 29.45
CA LEU B 357 -38.83 -49.67 30.53
C LEU B 357 -38.14 -48.47 31.20
N SER B 358 -38.82 -47.84 32.18
CA SER B 358 -38.18 -46.80 33.05
C SER B 358 -38.81 -46.85 34.42
N ARG B 359 -38.30 -46.01 35.33
CA ARG B 359 -38.86 -45.90 36.65
C ARG B 359 -40.33 -45.43 36.64
N PHE B 360 -40.82 -44.92 35.51
CA PHE B 360 -42.21 -44.43 35.44
C PHE B 360 -43.19 -45.48 34.95
N ASN B 361 -42.70 -46.63 34.49
CA ASN B 361 -43.62 -47.75 34.22
C ASN B 361 -44.04 -48.49 35.49
N THR B 362 -45.21 -49.15 35.41
CA THR B 362 -45.87 -49.81 36.53
C THR B 362 -46.23 -51.29 36.22
N GLU B 363 -46.48 -52.03 37.28
CA GLU B 363 -46.83 -53.43 37.06
C GLU B 363 -48.14 -53.53 36.28
N ALA B 364 -49.08 -52.64 36.53
CA ALA B 364 -50.33 -52.61 35.74
C ALA B 364 -50.05 -52.49 34.24
N GLU B 365 -49.16 -51.56 33.85
CA GLU B 365 -48.76 -51.41 32.45
C GLU B 365 -48.12 -52.67 31.88
N ILE B 366 -47.31 -53.36 32.66
CA ILE B 366 -46.67 -54.54 32.12
C ILE B 366 -47.73 -55.62 31.90
N ASP B 367 -48.64 -55.80 32.86
CA ASP B 367 -49.71 -56.77 32.66
C ASP B 367 -50.51 -56.43 31.41
N LYS B 368 -50.91 -55.17 31.29
CA LYS B 368 -51.69 -54.78 30.13
C LYS B 368 -50.91 -55.08 28.88
N THR B 369 -49.61 -54.80 28.92
CA THR B 369 -48.75 -55.01 27.76
C THR B 369 -48.61 -56.49 27.43
N ILE B 370 -48.50 -57.37 28.44
CA ILE B 370 -48.46 -58.81 28.18
C ILE B 370 -49.72 -59.20 27.45
N GLU B 371 -50.85 -58.70 27.93
CA GLU B 371 -52.13 -59.06 27.34
C GLU B 371 -52.17 -58.64 25.89
N VAL B 372 -51.89 -57.36 25.62
CA VAL B 372 -51.99 -56.79 24.28
C VAL B 372 -50.95 -57.41 23.34
N PHE B 373 -49.73 -57.62 23.82
CA PHE B 373 -48.72 -58.23 22.96
C PHE B 373 -49.16 -59.64 22.57
N SER B 374 -49.63 -60.42 23.55
CA SER B 374 -50.02 -61.79 23.24
C SER B 374 -51.16 -61.79 22.24
N GLN B 375 -52.22 -61.00 22.50
CA GLN B 375 -53.33 -60.92 21.56
C GLN B 375 -52.85 -60.51 20.17
N ALA B 376 -51.91 -59.57 20.10
CA ALA B 376 -51.40 -59.11 18.80
C ALA B 376 -50.67 -60.23 18.07
N ALA B 377 -49.90 -61.01 18.81
CA ALA B 377 -49.16 -62.12 18.22
C ALA B 377 -50.10 -63.16 17.67
N VAL B 378 -51.06 -63.62 18.48
CA VAL B 378 -51.95 -64.65 17.97
C VAL B 378 -52.80 -64.11 16.83
N ARG B 379 -53.15 -62.84 16.86
CA ARG B 379 -53.99 -62.43 15.76
C ARG B 379 -53.20 -62.32 14.48
N LEU B 380 -52.00 -61.70 14.55
CA LEU B 380 -51.16 -61.58 13.36
C LEU B 380 -50.71 -62.92 12.82
N ARG B 381 -50.58 -63.92 13.68
CA ARG B 381 -50.24 -65.24 13.15
C ARG B 381 -51.44 -65.85 12.40
N ASN B 382 -52.65 -65.75 12.96
CA ASN B 382 -53.77 -66.29 12.19
C ASN B 382 -53.96 -65.56 10.86
N ILE B 383 -53.61 -64.28 10.78
CA ILE B 383 -53.73 -63.66 9.46
C ILE B 383 -52.57 -64.08 8.54
N SER B 384 -51.41 -64.44 9.10
CA SER B 384 -50.23 -64.86 8.34
C SER B 384 -50.38 -66.25 7.75
N VAL C 2 53.52 7.39 -23.55
CA VAL C 2 52.62 6.31 -23.21
C VAL C 2 51.39 6.29 -24.14
N GLN C 3 50.69 5.14 -24.12
CA GLN C 3 49.49 4.97 -24.90
C GLN C 3 48.46 4.75 -23.81
N ARG C 4 47.70 5.78 -23.48
CA ARG C 4 46.63 5.59 -22.52
C ARG C 4 45.35 5.19 -23.26
N ILE C 5 44.45 4.52 -22.56
CA ILE C 5 43.18 4.05 -23.18
C ILE C 5 42.03 4.70 -22.47
N TYR C 6 41.13 5.35 -23.25
CA TYR C 6 39.98 6.10 -22.72
C TYR C 6 38.72 5.27 -22.87
N LEU C 7 38.20 4.80 -21.73
CA LEU C 7 36.92 4.04 -21.70
C LEU C 7 35.94 4.69 -20.72
N ASP C 8 35.85 5.99 -20.78
CA ASP C 8 34.95 6.68 -19.85
C ASP C 8 34.04 7.61 -20.62
N ASN C 9 33.59 7.10 -21.76
CA ASN C 9 32.92 8.00 -22.71
C ASN C 9 31.54 8.44 -22.30
N ASN C 10 30.91 7.78 -21.35
CA ASN C 10 29.66 8.31 -20.82
C ASN C 10 29.84 9.48 -19.85
N ALA C 11 31.06 9.71 -19.37
CA ALA C 11 31.27 10.86 -18.53
C ALA C 11 31.60 12.08 -19.39
N THR C 12 32.35 11.87 -20.45
CA THR C 12 32.65 12.90 -21.45
C THR C 12 33.42 12.22 -22.56
N THR C 13 33.52 12.91 -23.72
CA THR C 13 34.13 12.31 -24.90
C THR C 13 35.22 13.25 -25.45
N ARG C 14 36.02 12.71 -26.37
CA ARG C 14 36.97 13.50 -27.12
C ARG C 14 36.27 14.24 -28.26
N ILE C 15 36.67 15.53 -28.49
CA ILE C 15 36.13 16.30 -29.61
C ILE C 15 36.62 15.69 -30.91
N ASP C 16 35.69 15.45 -31.85
CA ASP C 16 36.12 14.90 -33.14
C ASP C 16 37.04 15.91 -33.83
N PRO C 17 38.14 15.49 -34.46
CA PRO C 17 39.02 16.52 -35.11
C PRO C 17 38.26 17.37 -36.14
N LYS C 18 37.26 16.79 -36.84
CA LYS C 18 36.46 17.57 -37.78
C LYS C 18 35.63 18.62 -37.06
N VAL C 19 35.24 18.34 -35.83
CA VAL C 19 34.51 19.31 -35.02
C VAL C 19 35.42 20.47 -34.62
N LYS C 20 36.62 20.14 -34.11
CA LYS C 20 37.61 21.18 -33.81
C LYS C 20 37.87 22.04 -35.02
N GLU C 21 38.10 21.39 -36.14
CA GLU C 21 38.39 22.07 -37.37
C GLU C 21 37.28 23.02 -37.73
N ILE C 22 36.01 22.56 -37.72
CA ILE C 22 34.93 23.44 -38.18
C ILE C 22 34.73 24.64 -37.23
N MET C 23 35.10 24.50 -35.98
CA MET C 23 34.93 25.59 -35.04
C MET C 23 36.03 26.66 -35.18
N ASP C 24 37.25 26.27 -35.58
CA ASP C 24 38.41 27.18 -35.49
C ASP C 24 38.16 28.57 -36.08
N PRO C 25 37.56 28.74 -37.29
CA PRO C 25 37.50 30.12 -37.88
C PRO C 25 36.66 31.12 -37.04
N PHE C 26 35.70 30.61 -36.25
CA PHE C 26 34.88 31.41 -35.35
C PHE C 26 35.55 31.68 -34.03
N LEU C 27 36.68 31.01 -33.76
CA LEU C 27 37.57 31.35 -32.69
C LEU C 27 38.66 32.28 -33.13
N ARG C 28 38.73 32.62 -34.43
CA ARG C 28 39.78 33.43 -35.00
C ARG C 28 39.17 34.69 -35.59
N ASP C 29 38.92 34.75 -36.90
CA ASP C 29 38.60 36.02 -37.52
C ASP C 29 37.08 36.26 -37.67
N HIS C 30 36.23 35.26 -37.40
CA HIS C 30 34.77 35.36 -37.52
C HIS C 30 34.12 35.45 -36.14
N TYR C 31 34.44 36.53 -35.43
CA TYR C 31 34.07 36.72 -34.02
C TYR C 31 32.87 37.64 -33.82
N GLY C 32 32.18 37.97 -34.88
CA GLY C 32 31.08 38.92 -34.75
C GLY C 32 29.97 38.37 -33.89
N ASN C 33 29.29 39.28 -33.19
CA ASN C 33 28.10 38.93 -32.43
C ASN C 33 26.97 38.74 -33.43
N PRO C 34 26.36 37.54 -33.52
CA PRO C 34 25.31 37.33 -34.53
C PRO C 34 24.12 38.30 -34.46
N SER C 35 23.87 38.97 -33.34
CA SER C 35 22.80 39.97 -33.34
C SER C 35 23.20 41.26 -33.99
N SER C 36 24.50 41.48 -34.18
CA SER C 36 24.90 42.74 -34.81
C SER C 36 24.37 42.83 -36.22
N LEU C 37 24.00 44.04 -36.62
CA LEU C 37 23.43 44.25 -37.93
C LEU C 37 24.45 44.36 -39.00
N HIS C 38 25.69 44.72 -38.59
CA HIS C 38 26.77 44.90 -39.53
C HIS C 38 27.30 43.54 -39.99
N GLN C 39 28.32 43.61 -40.85
CA GLN C 39 28.87 42.51 -41.62
C GLN C 39 29.55 41.45 -40.73
N PHE C 40 30.23 41.88 -39.63
CA PHE C 40 30.83 40.88 -38.76
C PHE C 40 29.75 40.02 -38.14
N GLY C 41 28.58 40.59 -37.93
CA GLY C 41 27.45 39.90 -37.35
C GLY C 41 26.76 39.04 -38.37
N THR C 42 26.36 39.62 -39.51
CA THR C 42 25.61 38.88 -40.53
C THR C 42 26.43 37.76 -41.20
N GLU C 43 27.77 37.91 -41.31
CA GLU C 43 28.56 36.80 -41.88
C GLU C 43 28.46 35.50 -41.06
N THR C 44 28.04 35.53 -39.82
CA THR C 44 28.00 34.28 -39.07
C THR C 44 26.68 33.54 -39.30
N HIS C 45 25.69 34.19 -39.89
CA HIS C 45 24.34 33.61 -39.96
C HIS C 45 24.29 32.30 -40.76
N PRO C 46 24.86 32.21 -41.98
CA PRO C 46 24.81 30.95 -42.74
C PRO C 46 25.32 29.74 -42.00
N ALA C 47 26.47 29.88 -41.33
CA ALA C 47 27.02 28.76 -40.59
C ALA C 47 26.17 28.39 -39.39
N ILE C 48 25.60 29.38 -38.70
CA ILE C 48 24.70 29.07 -37.59
C ILE C 48 23.44 28.37 -38.10
N ALA C 49 22.89 28.82 -39.23
CA ALA C 49 21.72 28.18 -39.84
C ALA C 49 22.02 26.73 -40.22
N GLU C 50 23.21 26.49 -40.80
CA GLU C 50 23.64 25.14 -41.17
C GLU C 50 23.77 24.27 -39.93
N ALA C 51 24.36 24.82 -38.88
CA ALA C 51 24.52 24.07 -37.64
C ALA C 51 23.16 23.71 -37.03
N LEU C 52 22.22 24.67 -36.94
CA LEU C 52 20.88 24.37 -36.43
C LEU C 52 20.21 23.30 -37.28
N ASP C 53 20.35 23.41 -38.62
CA ASP C 53 19.79 22.40 -39.49
C ASP C 53 20.31 21.01 -39.16
N LYS C 54 21.62 20.88 -38.95
CA LYS C 54 22.14 19.56 -38.56
C LYS C 54 21.48 19.09 -37.27
N LEU C 55 21.20 20.01 -36.33
CA LEU C 55 20.64 19.59 -35.02
C LEU C 55 19.23 19.06 -35.16
N TYR C 56 18.40 19.82 -35.90
CA TYR C 56 17.06 19.45 -36.25
C TYR C 56 17.02 18.05 -36.90
N LYS C 57 17.79 17.89 -37.97
CA LYS C 57 17.88 16.63 -38.68
C LYS C 57 18.40 15.51 -37.79
N GLY C 58 19.31 15.82 -36.87
CA GLY C 58 19.82 14.80 -35.98
C GLY C 58 18.71 14.16 -35.13
N ILE C 59 17.71 14.94 -34.72
CA ILE C 59 16.69 14.33 -33.82
C ILE C 59 15.32 14.32 -34.44
N ASN C 60 15.22 14.57 -35.75
CA ASN C 60 13.97 14.60 -36.47
C ASN C 60 13.01 15.69 -35.95
N ALA C 61 13.54 16.83 -35.53
CA ALA C 61 12.65 17.95 -35.19
C ALA C 61 12.08 18.55 -36.46
N ARG C 62 10.79 19.00 -36.42
CA ARG C 62 10.09 19.57 -37.56
C ARG C 62 10.43 21.06 -37.73
N ASP C 63 10.09 21.63 -38.91
CA ASP C 63 10.38 23.06 -39.14
C ASP C 63 9.71 23.93 -38.08
N ILE C 64 8.53 23.52 -37.62
CA ILE C 64 7.79 24.28 -36.62
C ILE C 64 8.32 24.12 -35.18
N ASP C 65 9.12 23.09 -34.87
CA ASP C 65 9.59 22.90 -33.55
C ASP C 65 10.80 23.81 -33.30
N ASP C 66 11.16 23.90 -32.06
CA ASP C 66 12.35 24.67 -31.69
C ASP C 66 13.42 23.68 -31.26
N VAL C 67 14.67 23.93 -31.66
CA VAL C 67 15.82 23.34 -31.00
C VAL C 67 16.62 24.50 -30.44
N ILE C 68 16.45 24.80 -29.17
CA ILE C 68 17.11 25.95 -28.52
C ILE C 68 18.51 25.55 -28.05
N ILE C 69 19.50 26.43 -28.32
CA ILE C 69 20.89 26.28 -27.87
C ILE C 69 21.01 26.67 -26.42
N THR C 70 21.47 25.73 -25.57
CA THR C 70 21.70 26.06 -24.19
C THR C 70 23.21 25.91 -23.94
N SER C 71 23.56 26.07 -22.71
CA SER C 71 24.96 25.95 -22.33
C SER C 71 25.37 24.54 -21.89
N CYS C 72 24.45 23.58 -21.75
CA CYS C 72 24.74 22.22 -21.31
C CYS C 72 23.35 21.54 -21.09
N ALA C 73 23.29 20.21 -21.00
CA ALA C 73 21.97 19.57 -20.69
C ALA C 73 21.47 19.96 -19.30
N THR C 74 22.37 20.25 -18.37
CA THR C 74 21.95 20.69 -17.03
C THR C 74 21.14 21.98 -17.14
N GLU C 75 21.61 22.95 -17.96
CA GLU C 75 20.74 24.08 -18.19
C GLU C 75 19.38 23.64 -18.78
N SER C 76 19.40 22.80 -19.82
CA SER C 76 18.14 22.38 -20.47
C SER C 76 17.18 21.74 -19.47
N ASN C 77 17.69 20.87 -18.62
CA ASN C 77 16.90 20.14 -17.62
C ASN C 77 16.33 21.06 -16.56
N ASN C 78 17.15 21.99 -16.02
CA ASN C 78 16.62 22.97 -15.07
C ASN C 78 15.53 23.79 -15.73
N TRP C 79 15.73 24.15 -17.00
CA TRP C 79 14.77 25.00 -17.68
C TRP C 79 13.42 24.25 -17.86
N VAL C 80 13.47 23.02 -18.30
CA VAL C 80 12.25 22.21 -18.39
C VAL C 80 11.55 22.17 -17.03
N LEU C 81 12.29 21.77 -15.96
CA LEU C 81 11.63 21.53 -14.67
C LEU C 81 11.09 22.80 -14.02
N LYS C 82 11.87 23.88 -14.02
CA LYS C 82 11.46 25.12 -13.38
C LYS C 82 10.45 25.90 -14.23
N GLY C 83 10.59 25.82 -15.57
CA GLY C 83 9.59 26.39 -16.45
C GLY C 83 8.22 25.74 -16.29
N VAL C 84 8.20 24.41 -16.25
CA VAL C 84 6.95 23.67 -16.02
C VAL C 84 6.47 23.88 -14.61
N TYR C 85 7.38 24.04 -13.63
CA TYR C 85 6.92 24.39 -12.30
C TYR C 85 6.08 25.67 -12.36
N PHE C 86 6.59 26.69 -13.08
CA PHE C 86 5.84 27.95 -13.12
C PHE C 86 4.56 27.89 -13.97
N ASP C 87 4.63 27.28 -15.14
CA ASP C 87 3.55 27.30 -16.12
C ASP C 87 2.44 26.36 -15.71
N GLU C 88 2.81 25.19 -15.20
CA GLU C 88 1.80 24.19 -14.90
C GLU C 88 1.54 24.00 -13.41
N CYS C 89 2.58 23.83 -12.59
CA CYS C 89 2.36 23.55 -11.16
C CYS C 89 1.74 24.74 -10.44
N LEU C 90 2.32 25.92 -10.61
CA LEU C 90 1.79 27.06 -9.89
C LEU C 90 0.55 27.62 -10.54
N LYS C 91 0.69 28.02 -11.81
CA LYS C 91 -0.36 28.77 -12.44
C LYS C 91 -1.55 27.90 -12.89
N LYS C 92 -1.41 26.59 -12.96
CA LYS C 92 -2.61 25.79 -13.27
C LYS C 92 -2.87 24.76 -12.18
N GLY C 93 -2.07 24.78 -11.09
CA GLY C 93 -2.28 23.90 -9.95
C GLY C 93 -1.97 22.42 -10.17
N LYS C 94 -1.31 22.07 -11.28
CA LYS C 94 -0.84 20.71 -11.59
C LYS C 94 0.47 20.46 -10.83
N ASN C 95 0.31 20.24 -9.54
CA ASN C 95 1.43 20.23 -8.59
C ASN C 95 2.04 18.85 -8.36
N HIS C 96 2.24 18.07 -9.43
CA HIS C 96 2.79 16.72 -9.35
C HIS C 96 3.70 16.51 -10.54
N ILE C 97 4.89 15.94 -10.29
CA ILE C 97 5.79 15.58 -11.38
C ILE C 97 6.15 14.12 -11.20
N VAL C 98 6.19 13.37 -12.30
CA VAL C 98 6.61 11.98 -12.28
C VAL C 98 7.98 11.85 -12.96
N THR C 99 8.92 11.17 -12.28
CA THR C 99 10.26 10.93 -12.85
C THR C 99 10.80 9.62 -12.27
N THR C 100 12.11 9.36 -12.46
CA THR C 100 12.67 8.07 -12.00
C THR C 100 13.81 8.28 -11.00
N VAL C 101 14.13 7.24 -10.23
CA VAL C 101 15.26 7.24 -9.29
C VAL C 101 16.58 7.13 -10.03
N ALA C 102 16.53 6.78 -11.31
CA ALA C 102 17.71 6.59 -12.13
C ALA C 102 18.20 7.85 -12.79
N GLU C 103 17.45 8.96 -12.69
CA GLU C 103 17.74 10.11 -13.45
C GLU C 103 19.08 10.74 -13.02
N HIS C 104 19.69 11.40 -13.97
CA HIS C 104 20.92 12.15 -13.71
C HIS C 104 20.68 13.20 -12.61
N PRO C 105 21.69 13.55 -11.80
CA PRO C 105 21.44 14.62 -10.78
C PRO C 105 20.89 15.93 -11.34
N ALA C 106 21.10 16.25 -12.62
CA ALA C 106 20.53 17.47 -13.21
C ALA C 106 19.00 17.44 -13.19
N VAL C 107 18.43 16.25 -13.12
CA VAL C 107 16.96 16.09 -12.97
C VAL C 107 16.57 15.89 -11.53
N ARG C 108 17.22 14.93 -10.82
CA ARG C 108 16.77 14.55 -9.50
C ARG C 108 16.99 15.67 -8.49
N SER C 109 18.17 16.30 -8.51
CA SER C 109 18.41 17.36 -7.54
C SER C 109 17.49 18.57 -7.77
N THR C 110 17.19 18.87 -9.02
CA THR C 110 16.24 19.94 -9.32
C THR C 110 14.85 19.57 -8.82
N CYS C 111 14.47 18.30 -8.98
CA CYS C 111 13.21 17.83 -8.42
C CYS C 111 13.20 17.93 -6.91
N ASN C 112 14.34 17.60 -6.26
CA ASN C 112 14.39 17.73 -4.82
C ASN C 112 14.10 19.16 -4.39
N PHE C 113 14.64 20.13 -5.13
CA PHE C 113 14.31 21.52 -4.85
C PHE C 113 12.80 21.78 -5.01
N LEU C 114 12.20 21.26 -6.07
CA LEU C 114 10.77 21.50 -6.29
C LEU C 114 9.93 20.90 -5.21
N GLU C 115 10.35 19.74 -4.67
CA GLU C 115 9.68 19.22 -3.49
C GLU C 115 9.82 20.20 -2.35
N SER C 116 10.99 20.83 -2.22
CA SER C 116 11.16 21.82 -1.15
C SER C 116 10.20 23.00 -1.31
N LEU C 117 9.74 23.27 -2.55
CA LEU C 117 8.76 24.32 -2.81
C LEU C 117 7.33 23.82 -2.63
N GLY C 118 7.16 22.53 -2.36
CA GLY C 118 5.83 22.03 -2.11
C GLY C 118 5.30 21.19 -3.25
N VAL C 119 6.08 20.98 -4.30
CA VAL C 119 5.67 20.12 -5.40
C VAL C 119 5.76 18.65 -4.99
N GLU C 120 4.75 17.88 -5.38
CA GLU C 120 4.76 16.45 -5.12
C GLU C 120 5.48 15.76 -6.30
N VAL C 121 6.53 15.01 -6.01
CA VAL C 121 7.34 14.34 -7.02
C VAL C 121 7.39 12.85 -6.69
N THR C 122 7.04 11.99 -7.66
CA THR C 122 7.18 10.55 -7.45
C THR C 122 8.37 10.10 -8.29
N TYR C 123 9.34 9.44 -7.66
CA TYR C 123 10.49 8.92 -8.39
C TYR C 123 10.27 7.43 -8.56
N LEU C 124 9.99 7.00 -9.77
CA LEU C 124 9.61 5.61 -9.98
C LEU C 124 10.78 4.70 -9.63
N PRO C 125 10.56 3.61 -8.93
CA PRO C 125 11.68 2.70 -8.63
C PRO C 125 12.07 1.85 -9.84
N ILE C 126 13.38 1.59 -9.91
CA ILE C 126 13.97 0.74 -10.94
C ILE C 126 13.67 -0.73 -10.62
N ASN C 127 13.50 -1.58 -11.66
CA ASN C 127 13.21 -2.97 -11.37
C ASN C 127 14.53 -3.76 -11.34
N GLU C 128 14.42 -5.05 -11.13
CA GLU C 128 15.62 -5.86 -11.10
C GLU C 128 16.37 -5.84 -12.44
N HIS C 129 15.66 -5.52 -13.53
CA HIS C 129 16.25 -5.47 -14.86
C HIS C 129 17.03 -4.19 -15.11
N GLY C 130 17.15 -3.35 -14.10
CA GLY C 130 17.79 -2.07 -14.25
C GLY C 130 16.97 -1.04 -14.97
N SER C 131 15.65 -1.27 -15.20
CA SER C 131 14.84 -0.36 -16.02
C SER C 131 13.52 0.03 -15.34
N ILE C 132 12.82 0.93 -16.01
CA ILE C 132 11.45 1.32 -15.70
C ILE C 132 10.51 0.79 -16.78
N THR C 133 9.32 0.36 -16.35
CA THR C 133 8.32 -0.03 -17.32
C THR C 133 7.37 1.13 -17.55
N ALA C 134 6.78 1.15 -18.74
CA ALA C 134 5.81 2.18 -19.07
C ALA C 134 4.56 2.06 -18.17
N GLU C 135 4.27 0.87 -17.70
CA GLU C 135 3.12 0.69 -16.79
C GLU C 135 3.28 1.49 -15.51
N GLN C 136 4.52 1.67 -15.01
CA GLN C 136 4.75 2.46 -13.81
C GLN C 136 4.32 3.91 -14.00
N VAL C 137 4.67 4.48 -15.15
CA VAL C 137 4.27 5.84 -15.49
C VAL C 137 2.76 5.92 -15.62
N ARG C 138 2.13 4.89 -16.24
CA ARG C 138 0.67 4.93 -16.32
C ARG C 138 0.08 5.02 -14.92
N GLU C 139 0.57 4.19 -14.01
CA GLU C 139 0.08 4.14 -12.64
C GLU C 139 0.26 5.47 -11.94
N ALA C 140 1.32 6.17 -12.23
CA ALA C 140 1.63 7.34 -11.46
C ALA C 140 1.01 8.61 -11.97
N ILE C 141 0.52 8.64 -13.21
CA ILE C 141 0.00 9.91 -13.73
C ILE C 141 -1.28 10.23 -12.99
N THR C 142 -1.25 11.30 -12.20
CA THR C 142 -2.44 11.68 -11.46
C THR C 142 -3.18 12.84 -12.05
N GLU C 143 -2.82 13.31 -13.24
CA GLU C 143 -3.56 14.41 -13.86
C GLU C 143 -3.75 15.59 -12.92
N LYS C 144 -3.04 15.59 -11.83
CA LYS C 144 -2.43 16.76 -11.26
C LYS C 144 -1.00 16.71 -11.71
N THR C 145 -0.73 15.70 -12.53
CA THR C 145 0.59 15.48 -13.06
C THR C 145 0.88 16.56 -14.10
N ALA C 146 1.86 17.36 -13.81
CA ALA C 146 2.28 18.42 -14.74
C ALA C 146 3.18 17.91 -15.84
N LEU C 147 3.99 16.90 -15.53
CA LEU C 147 5.09 16.52 -16.39
C LEU C 147 5.55 15.13 -16.01
N VAL C 148 5.93 14.35 -17.04
CA VAL C 148 6.71 13.13 -16.87
C VAL C 148 8.12 13.36 -17.45
N SER C 149 9.16 12.96 -16.70
CA SER C 149 10.54 13.09 -17.15
C SER C 149 11.26 11.76 -17.00
N VAL C 150 11.60 11.14 -18.12
CA VAL C 150 12.27 9.84 -18.15
C VAL C 150 13.43 9.92 -19.13
N MET C 151 14.62 9.56 -18.68
CA MET C 151 15.79 9.62 -19.54
C MET C 151 15.67 8.58 -20.64
N TRP C 152 16.18 8.91 -21.80
CA TRP C 152 16.15 7.94 -22.90
C TRP C 152 17.09 6.77 -22.61
N ALA C 153 18.32 7.07 -22.12
CA ALA C 153 19.25 6.00 -21.77
C ALA C 153 19.98 6.30 -20.46
N ASN C 154 20.19 5.29 -19.62
CA ASN C 154 20.82 5.50 -18.34
C ASN C 154 22.33 5.63 -18.51
N ASN C 155 22.96 6.57 -17.81
CA ASN C 155 24.39 6.76 -18.01
C ASN C 155 25.26 5.72 -17.34
N GLU C 156 24.75 5.02 -16.31
CA GLU C 156 25.54 4.08 -15.56
C GLU C 156 25.53 2.72 -16.19
N THR C 157 24.32 2.24 -16.56
CA THR C 157 24.24 0.90 -17.08
C THR C 157 24.16 0.88 -18.61
N GLY C 158 23.88 1.98 -19.24
CA GLY C 158 23.61 2.03 -20.66
C GLY C 158 22.18 1.52 -21.01
N LEU C 159 21.38 1.19 -20.01
CA LEU C 159 20.06 0.63 -20.30
C LEU C 159 19.14 1.68 -20.92
N ILE C 160 18.47 1.32 -22.04
CA ILE C 160 17.55 2.19 -22.79
C ILE C 160 16.12 2.03 -22.22
N PHE C 161 15.41 3.11 -22.01
CA PHE C 161 14.07 3.06 -21.42
C PHE C 161 12.96 3.06 -22.49
N PRO C 162 11.70 2.59 -22.11
CA PRO C 162 10.58 2.55 -23.06
C PRO C 162 10.02 3.88 -23.48
N ILE C 163 10.87 4.81 -23.89
CA ILE C 163 10.47 6.16 -24.31
C ILE C 163 9.31 6.13 -25.28
N GLU C 164 9.46 5.43 -26.41
CA GLU C 164 8.42 5.41 -27.41
C GLU C 164 7.04 5.21 -26.79
N GLU C 165 6.94 4.19 -25.92
CA GLU C 165 5.67 3.84 -25.26
C GLU C 165 5.24 4.89 -24.23
N ILE C 166 6.18 5.32 -23.39
CA ILE C 166 5.91 6.35 -22.39
C ILE C 166 5.41 7.61 -23.06
N GLY C 167 5.96 7.92 -24.23
CA GLY C 167 5.49 9.05 -25.00
C GLY C 167 4.04 8.86 -25.43
N ALA C 168 3.66 7.64 -25.86
CA ALA C 168 2.28 7.43 -26.27
C ALA C 168 1.32 7.55 -25.09
N ILE C 169 1.69 6.97 -23.95
CA ILE C 169 0.85 7.07 -22.73
C ILE C 169 0.68 8.55 -22.29
N CYS C 170 1.78 9.29 -22.29
CA CYS C 170 1.74 10.71 -21.91
C CYS C 170 0.84 11.50 -22.81
N LYS C 171 0.88 11.19 -24.11
CA LYS C 171 0.01 11.82 -25.08
C LYS C 171 -1.45 11.51 -24.83
N GLU C 172 -1.81 10.22 -24.63
CA GLU C 172 -3.21 9.91 -24.45
C GLU C 172 -3.81 10.47 -23.15
N LYS C 173 -3.00 10.72 -22.13
CA LYS C 173 -3.52 11.33 -20.90
C LYS C 173 -3.33 12.83 -20.89
N GLY C 174 -2.81 13.41 -21.96
CA GLY C 174 -2.65 14.85 -22.01
C GLY C 174 -1.62 15.45 -21.05
N VAL C 175 -0.48 14.78 -20.84
CA VAL C 175 0.56 15.26 -19.94
C VAL C 175 1.84 15.57 -20.71
N LEU C 176 2.51 16.66 -20.34
CA LEU C 176 3.79 17.00 -20.97
C LEU C 176 4.82 15.88 -20.75
N PHE C 177 5.65 15.59 -21.78
CA PHE C 177 6.68 14.54 -21.75
C PHE C 177 8.06 15.11 -22.04
N HIS C 178 8.99 14.89 -21.10
CA HIS C 178 10.37 15.32 -21.28
C HIS C 178 11.25 14.09 -21.25
N THR C 179 12.21 14.02 -22.17
CA THR C 179 13.17 12.94 -22.08
C THR C 179 14.56 13.55 -22.08
N ASP C 180 15.34 13.20 -21.05
CA ASP C 180 16.81 13.57 -20.98
C ASP C 180 17.53 12.56 -21.87
N ALA C 181 17.84 12.97 -23.11
CA ALA C 181 18.37 12.04 -24.12
C ALA C 181 19.91 12.16 -24.30
N VAL C 182 20.60 12.73 -23.31
CA VAL C 182 22.06 12.96 -23.42
C VAL C 182 22.84 11.69 -23.75
N GLN C 183 22.59 10.56 -23.09
CA GLN C 183 23.30 9.34 -23.47
C GLN C 183 22.84 8.63 -24.75
N ALA C 184 21.70 9.03 -25.35
CA ALA C 184 21.20 8.36 -26.59
C ALA C 184 21.83 8.96 -27.88
N ILE C 185 22.18 10.25 -27.89
CA ILE C 185 22.68 10.87 -29.13
C ILE C 185 24.00 10.20 -29.58
N GLY C 186 24.07 9.72 -30.84
CA GLY C 186 25.24 9.00 -31.36
C GLY C 186 25.34 7.56 -30.93
N LYS C 187 24.45 7.09 -30.06
CA LYS C 187 24.51 5.71 -29.62
C LYS C 187 23.41 4.88 -30.27
N ILE C 188 22.21 5.43 -30.33
CA ILE C 188 21.02 4.88 -30.96
C ILE C 188 20.29 5.99 -31.71
N PRO C 189 19.46 5.63 -32.70
CA PRO C 189 18.66 6.65 -33.40
C PRO C 189 17.76 7.39 -32.45
N VAL C 190 17.65 8.70 -32.61
CA VAL C 190 16.79 9.50 -31.76
C VAL C 190 15.79 10.23 -32.68
N ASP C 191 14.50 9.99 -32.45
CA ASP C 191 13.46 10.62 -33.24
C ASP C 191 12.45 11.19 -32.25
N VAL C 192 12.40 12.52 -32.10
CA VAL C 192 11.50 13.13 -31.10
C VAL C 192 10.06 12.90 -31.44
N LEU C 193 9.73 12.72 -32.73
CA LEU C 193 8.39 12.53 -33.22
C LEU C 193 7.94 11.14 -32.81
N LYS C 194 8.81 10.13 -33.00
CA LYS C 194 8.53 8.79 -32.49
C LYS C 194 8.37 8.79 -30.98
N ALA C 195 9.11 9.60 -30.27
CA ALA C 195 8.97 9.62 -28.83
C ALA C 195 7.77 10.43 -28.31
N ASN C 196 7.12 11.19 -29.17
CA ASN C 196 6.14 12.21 -28.77
C ASN C 196 6.65 13.02 -27.58
N ALA C 197 7.92 13.39 -27.62
CA ALA C 197 8.49 14.19 -26.57
C ALA C 197 8.04 15.64 -26.75
N ASP C 198 7.64 16.29 -25.64
CA ASP C 198 7.45 17.75 -25.64
C ASP C 198 8.76 18.48 -25.43
N PHE C 199 9.64 17.89 -24.64
CA PHE C 199 10.97 18.43 -24.38
C PHE C 199 11.98 17.34 -24.55
N LEU C 200 13.16 17.70 -25.06
CA LEU C 200 14.22 16.70 -25.10
C LEU C 200 15.53 17.42 -24.83
N SER C 201 16.31 16.90 -23.90
CA SER C 201 17.62 17.50 -23.55
C SER C 201 18.76 16.77 -24.22
N PHE C 202 19.80 17.52 -24.63
CA PHE C 202 21.05 16.88 -24.99
C PHE C 202 22.24 17.79 -24.70
N SER C 203 23.41 17.19 -24.63
CA SER C 203 24.68 17.85 -24.29
C SER C 203 25.79 17.35 -25.22
N ALA C 204 26.43 18.29 -25.91
CA ALA C 204 27.38 17.95 -27.00
C ALA C 204 28.53 17.05 -26.55
N HIS C 205 28.99 17.18 -25.34
CA HIS C 205 30.21 16.49 -24.98
C HIS C 205 30.08 15.03 -24.71
N PHE C 207 28.74 13.47 -27.26
CA PHE C 207 28.82 12.95 -28.64
C PHE C 207 29.89 13.73 -29.45
N HIS C 208 31.05 13.88 -28.83
CA HIS C 208 32.27 14.32 -29.44
C HIS C 208 32.20 15.76 -29.85
N GLY C 209 31.34 16.54 -29.18
CA GLY C 209 31.39 17.99 -29.25
C GLY C 209 32.04 18.57 -28.01
N PRO C 210 32.22 19.90 -27.95
CA PRO C 210 32.80 20.53 -26.75
C PRO C 210 31.87 20.56 -25.52
N LYS C 211 32.49 20.52 -24.36
CA LYS C 211 31.80 20.82 -23.10
C LYS C 211 31.29 22.25 -23.08
N GLY C 212 30.17 22.42 -22.41
CA GLY C 212 29.61 23.72 -22.26
C GLY C 212 28.67 24.17 -23.34
N ILE C 213 28.01 23.24 -24.05
CA ILE C 213 26.90 23.60 -24.90
C ILE C 213 25.96 22.37 -24.96
N GLY C 214 24.67 22.64 -25.02
CA GLY C 214 23.65 21.63 -25.21
C GLY C 214 22.45 22.17 -25.95
N GLY C 215 21.35 21.41 -25.94
CA GLY C 215 20.18 21.84 -26.63
C GLY C 215 18.96 21.44 -25.81
N LEU C 216 17.92 22.18 -25.99
CA LEU C 216 16.57 21.73 -25.59
C LEU C 216 15.66 21.80 -26.82
N TYR C 217 15.23 20.64 -27.29
CA TYR C 217 14.11 20.59 -28.20
C TYR C 217 12.81 20.95 -27.47
N ILE C 218 12.05 21.89 -28.05
CA ILE C 218 10.68 22.22 -27.60
C ILE C 218 9.73 22.02 -28.74
N ARG C 219 8.71 21.19 -28.51
CA ARG C 219 7.74 20.90 -29.54
C ARG C 219 6.92 22.16 -29.86
N SER C 220 6.57 22.28 -31.12
CA SER C 220 5.85 23.47 -31.58
C SER C 220 4.59 23.72 -30.76
N GLY C 221 4.40 24.99 -30.40
CA GLY C 221 3.27 25.40 -29.63
C GLY C 221 3.40 25.21 -28.14
N VAL C 222 4.37 24.41 -27.71
CA VAL C 222 4.56 24.15 -26.29
C VAL C 222 5.24 25.36 -25.67
N GLY C 223 4.69 25.85 -24.53
CA GLY C 223 5.28 26.97 -23.83
C GLY C 223 6.27 26.55 -22.76
N LEU C 224 7.23 27.46 -22.42
CA LEU C 224 8.18 27.17 -21.36
C LEU C 224 8.86 28.50 -20.98
N THR C 225 8.37 29.09 -19.91
CA THR C 225 8.87 30.35 -19.40
C THR C 225 10.39 30.26 -19.32
N PRO C 226 11.11 31.21 -19.95
CA PRO C 226 12.57 31.16 -20.00
C PRO C 226 13.17 31.05 -18.60
N LEU C 227 14.27 30.32 -18.52
CA LEU C 227 15.21 30.34 -17.39
C LEU C 227 16.16 31.55 -17.53
N PHE C 228 16.53 31.91 -18.76
CA PHE C 228 17.33 33.14 -19.03
C PHE C 228 16.48 34.22 -19.71
N HIS C 229 16.01 35.22 -18.96
CA HIS C 229 15.41 36.43 -19.48
C HIS C 229 16.51 37.42 -19.91
N GLY C 230 16.17 38.31 -20.83
CA GLY C 230 17.10 39.36 -21.33
C GLY C 230 17.00 39.82 -22.78
N GLY C 231 18.02 39.54 -23.57
CA GLY C 231 17.98 39.90 -24.97
C GLY C 231 16.98 39.03 -25.75
N GLU C 232 16.86 39.34 -27.02
CA GLU C 232 15.88 38.63 -27.80
C GLU C 232 16.39 37.35 -28.43
N HIS C 233 17.51 36.78 -27.95
CA HIS C 233 18.09 35.59 -28.57
C HIS C 233 17.19 34.35 -28.52
N MET C 234 17.43 33.43 -29.45
CA MET C 234 16.74 32.14 -29.46
C MET C 234 15.22 32.34 -29.40
N ASN C 235 14.73 33.17 -30.32
CA ASN C 235 13.31 33.50 -30.44
C ASN C 235 12.75 34.01 -29.12
N GLY C 236 13.57 34.76 -28.36
CA GLY C 236 13.20 35.29 -27.07
C GLY C 236 13.14 34.25 -25.95
N ARG C 237 13.39 32.97 -26.21
CA ARG C 237 13.26 31.93 -25.21
C ARG C 237 14.51 31.69 -24.38
N ARG C 238 15.70 32.15 -24.82
CA ARG C 238 16.90 31.92 -24.04
C ARG C 238 17.91 33.02 -24.39
N SER C 239 18.10 33.92 -23.49
CA SER C 239 18.87 35.09 -23.82
C SER C 239 20.40 34.86 -23.57
N GLY C 240 21.21 35.70 -24.18
CA GLY C 240 22.65 35.54 -24.04
C GLY C 240 23.33 35.46 -25.40
N THR C 241 24.45 36.20 -25.56
CA THR C 241 25.10 36.19 -26.88
C THR C 241 25.44 34.78 -27.25
N LEU C 242 25.14 34.38 -28.47
CA LEU C 242 25.30 33.02 -28.90
C LEU C 242 26.76 32.62 -28.83
N ASN C 243 26.97 31.38 -28.38
CA ASN C 243 28.27 30.75 -28.40
C ASN C 243 28.50 30.21 -29.82
N VAL C 244 28.81 31.16 -30.72
CA VAL C 244 28.99 30.84 -32.16
C VAL C 244 29.92 29.65 -32.43
N PRO C 245 31.17 29.61 -31.95
CA PRO C 245 32.02 28.46 -32.22
C PRO C 245 31.44 27.13 -31.71
N TYR C 246 30.92 27.11 -30.47
CA TYR C 246 30.41 25.83 -30.01
C TYR C 246 29.15 25.41 -30.74
N ILE C 247 28.33 26.38 -31.17
CA ILE C 247 27.14 26.09 -31.95
C ILE C 247 27.53 25.36 -33.20
N VAL C 248 28.51 25.92 -33.92
CA VAL C 248 28.99 25.34 -35.16
C VAL C 248 29.54 23.93 -34.94
N GLY C 249 30.38 23.77 -33.90
CA GLY C 249 30.93 22.45 -33.59
C GLY C 249 29.87 21.42 -33.20
N MET C 250 28.91 21.82 -32.40
CA MET C 250 27.87 20.90 -31.93
C MET C 250 27.02 20.44 -33.08
N GLY C 251 26.68 21.37 -34.00
CA GLY C 251 26.05 20.94 -35.26
C GLY C 251 26.83 19.85 -35.97
N GLU C 252 28.15 20.10 -36.21
CA GLU C 252 28.95 19.10 -36.87
C GLU C 252 29.03 17.79 -36.07
N ALA C 253 29.15 17.88 -34.76
CA ALA C 253 29.23 16.66 -33.95
C ALA C 253 27.91 15.82 -34.04
N MET C 254 26.76 16.48 -34.11
CA MET C 254 25.46 15.77 -34.25
C MET C 254 25.41 15.04 -35.56
N LYS C 255 25.80 15.72 -36.64
CA LYS C 255 25.84 15.12 -37.95
C LYS C 255 26.77 13.92 -37.98
N LEU C 256 27.99 14.06 -37.47
CA LEU C 256 28.90 12.92 -37.48
C LEU C 256 28.38 11.77 -36.61
N ALA C 257 27.76 12.12 -35.50
CA ALA C 257 27.26 11.16 -34.54
C ALA C 257 26.20 10.28 -35.21
N VAL C 258 25.26 10.89 -35.94
CA VAL C 258 24.22 10.10 -36.63
C VAL C 258 24.78 9.35 -37.83
N GLU C 259 25.78 9.93 -38.54
CA GLU C 259 26.38 9.19 -39.63
C GLU C 259 27.11 7.97 -39.14
N HIS C 260 27.57 7.97 -37.90
CA HIS C 260 28.27 6.81 -37.39
C HIS C 260 27.36 5.91 -36.54
N LEU C 261 26.03 6.06 -36.62
CA LEU C 261 25.17 5.14 -35.83
C LEU C 261 25.42 3.68 -36.19
N ASP C 262 25.51 3.35 -37.50
CA ASP C 262 25.77 1.98 -37.94
C ASP C 262 27.08 1.41 -37.39
N TYR C 263 28.17 2.17 -37.52
CA TYR C 263 29.47 1.78 -36.98
C TYR C 263 29.39 1.60 -35.47
N GLU C 264 28.62 2.46 -34.79
CA GLU C 264 28.47 2.36 -33.33
C GLU C 264 27.85 1.02 -32.97
N LYS C 265 26.86 0.59 -33.75
CA LYS C 265 26.23 -0.67 -33.40
C LYS C 265 27.06 -1.87 -33.88
N GLU C 266 27.58 -1.83 -35.11
CA GLU C 266 28.21 -2.99 -35.71
C GLU C 266 29.67 -3.14 -35.24
N VAL C 267 30.37 -2.05 -35.03
CA VAL C 267 31.79 -2.11 -34.67
C VAL C 267 32.01 -1.80 -33.19
N VAL C 268 31.58 -0.61 -32.73
CA VAL C 268 31.76 -0.24 -31.31
C VAL C 268 31.03 -1.24 -30.40
N GLY C 269 29.82 -1.61 -30.78
CA GLY C 269 29.08 -2.58 -29.98
C GLY C 269 29.79 -3.91 -29.90
N LYS C 270 30.41 -4.32 -31.01
CA LYS C 270 31.13 -5.58 -31.05
C LYS C 270 32.35 -5.52 -30.14
N LEU C 271 33.03 -4.37 -30.09
CA LEU C 271 34.19 -4.19 -29.20
C LEU C 271 33.76 -4.24 -27.75
N ARG C 272 32.59 -3.62 -27.42
CA ARG C 272 31.99 -3.76 -26.10
C ARG C 272 31.61 -5.21 -25.79
N ASP C 273 31.10 -5.97 -26.76
CA ASP C 273 30.70 -7.35 -26.50
C ASP C 273 31.92 -8.26 -26.26
N LYS C 274 32.92 -8.12 -27.11
CA LYS C 274 34.20 -8.79 -26.93
C LYS C 274 34.80 -8.49 -25.54
N LEU C 275 34.78 -7.23 -25.17
CA LEU C 275 35.22 -6.81 -23.87
C LEU C 275 34.49 -7.51 -22.76
N GLU C 276 33.13 -7.48 -22.81
CA GLU C 276 32.27 -8.02 -21.76
C GLU C 276 32.37 -9.54 -21.65
N GLU C 277 32.23 -10.28 -22.77
CA GLU C 277 32.41 -11.72 -22.73
C GLU C 277 33.77 -12.12 -22.17
N ALA C 278 34.83 -11.41 -22.55
CA ALA C 278 36.14 -11.80 -22.02
C ALA C 278 36.17 -11.61 -20.53
N LEU C 279 35.57 -10.54 -20.06
CA LEU C 279 35.60 -10.22 -18.64
C LEU C 279 34.62 -11.13 -17.90
N LEU C 280 33.76 -11.81 -18.63
CA LEU C 280 32.88 -12.73 -17.92
C LEU C 280 33.53 -14.08 -17.74
N LYS C 281 34.66 -14.33 -18.40
CA LYS C 281 35.34 -15.58 -18.14
C LYS C 281 36.06 -15.56 -16.79
N ILE C 282 36.28 -14.37 -16.24
CA ILE C 282 36.85 -14.24 -14.91
C ILE C 282 35.73 -14.73 -13.98
N PRO C 283 36.03 -15.41 -12.87
CA PRO C 283 34.98 -16.15 -12.14
C PRO C 283 33.83 -15.31 -11.58
N ASP C 284 34.09 -14.63 -10.46
CA ASP C 284 33.15 -13.80 -9.69
C ASP C 284 32.69 -12.48 -10.30
N VAL C 285 32.73 -12.36 -11.63
CA VAL C 285 32.37 -11.14 -12.34
C VAL C 285 30.98 -11.30 -12.93
N MET C 286 30.19 -10.23 -12.87
CA MET C 286 28.82 -10.26 -13.36
C MET C 286 28.43 -8.87 -13.82
N VAL C 287 27.68 -8.82 -14.91
CA VAL C 287 27.18 -7.55 -15.40
C VAL C 287 26.06 -7.07 -14.48
N VAL C 288 26.06 -5.77 -14.18
CA VAL C 288 25.02 -5.19 -13.32
C VAL C 288 23.89 -4.74 -14.25
N GLY C 289 22.82 -5.51 -14.30
CA GLY C 289 21.64 -5.16 -15.06
C GLY C 289 21.52 -6.02 -16.32
N ASP C 290 20.46 -5.72 -17.06
CA ASP C 290 20.15 -6.43 -18.30
C ASP C 290 21.20 -6.19 -19.36
N ARG C 291 21.43 -7.20 -20.22
CA ARG C 291 22.46 -7.07 -21.25
C ARG C 291 21.84 -6.85 -22.63
N ILE C 292 20.52 -6.82 -22.71
CA ILE C 292 19.85 -6.55 -23.96
C ILE C 292 19.21 -5.18 -23.75
N HIS C 293 18.89 -4.52 -24.85
CA HIS C 293 18.24 -3.23 -24.80
C HIS C 293 19.15 -2.23 -24.05
N ARG C 294 20.36 -2.19 -24.49
CA ARG C 294 21.28 -1.21 -23.95
C ARG C 294 21.98 -0.55 -25.12
N VAL C 295 22.47 0.66 -24.91
CA VAL C 295 23.26 1.32 -25.97
C VAL C 295 24.51 0.50 -26.24
N PRO C 296 25.09 0.56 -27.44
CA PRO C 296 26.11 -0.43 -27.77
C PRO C 296 27.45 -0.22 -27.04
N ASN C 297 27.71 0.95 -26.45
CA ASN C 297 29.04 1.28 -26.05
C ASN C 297 29.37 0.98 -24.58
N THR C 298 28.38 0.59 -23.77
CA THR C 298 28.60 0.57 -22.32
C THR C 298 28.50 -0.85 -21.76
N THR C 299 29.42 -1.23 -20.83
CA THR C 299 29.21 -2.38 -19.95
C THR C 299 29.51 -1.97 -18.53
N LEU C 300 28.69 -2.44 -17.60
CA LEU C 300 28.92 -2.15 -16.17
C LEU C 300 29.11 -3.48 -15.43
N VAL C 301 30.33 -3.84 -15.08
CA VAL C 301 30.60 -5.14 -14.44
C VAL C 301 31.01 -4.96 -12.98
N SER C 302 30.57 -5.90 -12.15
CA SER C 302 30.86 -5.98 -10.72
C SER C 302 31.71 -7.21 -10.43
N VAL C 303 32.65 -7.07 -9.49
CA VAL C 303 33.60 -8.12 -9.11
C VAL C 303 33.47 -8.42 -7.61
N ARG C 304 33.29 -9.70 -7.27
CA ARG C 304 33.20 -10.27 -5.91
C ARG C 304 33.30 -9.35 -4.71
N GLY C 305 34.54 -9.08 -4.30
CA GLY C 305 34.88 -8.36 -3.09
C GLY C 305 35.73 -7.14 -3.34
N ILE C 306 36.20 -6.96 -4.57
CA ILE C 306 36.96 -5.76 -4.88
C ILE C 306 36.00 -4.63 -5.15
N GLU C 307 36.25 -3.49 -4.50
CA GLU C 307 35.35 -2.40 -4.77
C GLU C 307 35.57 -1.93 -6.20
N GLY C 308 34.60 -1.18 -6.72
CA GLY C 308 34.79 -0.64 -8.04
C GLY C 308 35.93 0.36 -8.01
N GLU C 309 36.04 1.11 -6.92
CA GLU C 309 37.05 2.14 -6.77
C GLU C 309 38.49 1.58 -6.82
N ALA C 310 38.76 0.41 -6.24
CA ALA C 310 40.10 -0.19 -6.30
C ALA C 310 40.46 -0.58 -7.71
N MET C 311 39.52 -1.23 -8.38
CA MET C 311 39.77 -1.64 -9.75
C MET C 311 40.00 -0.42 -10.61
N LEU C 312 39.28 0.66 -10.35
CA LEU C 312 39.48 1.87 -11.15
C LEU C 312 40.85 2.47 -10.86
N TRP C 313 41.27 2.45 -9.61
CA TRP C 313 42.57 2.99 -9.22
C TRP C 313 43.72 2.20 -9.85
N ASP C 314 43.62 0.88 -9.81
CA ASP C 314 44.63 0.04 -10.44
C ASP C 314 44.61 0.27 -11.95
N LEU C 315 43.42 0.25 -12.56
CA LEU C 315 43.30 0.50 -14.00
C LEU C 315 43.90 1.86 -14.36
N ASN C 316 43.71 2.87 -13.50
CA ASN C 316 44.24 4.19 -13.82
C ASN C 316 45.75 4.19 -13.80
N ARG C 317 46.35 3.42 -12.88
CA ARG C 317 47.79 3.24 -12.89
C ARG C 317 48.31 2.69 -14.22
N SER C 318 47.53 1.83 -14.89
CA SER C 318 47.86 1.37 -16.25
C SER C 318 47.36 2.32 -17.35
N ASN C 319 46.97 3.56 -16.99
CA ASN C 319 46.50 4.61 -17.92
C ASN C 319 45.27 4.17 -18.74
N ILE C 320 44.36 3.47 -18.08
CA ILE C 320 43.07 3.11 -18.62
C ILE C 320 42.06 3.87 -17.76
N ALA C 321 41.23 4.65 -18.41
CA ALA C 321 40.28 5.47 -17.68
C ALA C 321 38.89 4.86 -17.80
N ALA C 322 38.27 4.57 -16.66
CA ALA C 322 36.87 4.16 -16.59
C ALA C 322 36.30 4.77 -15.33
N SER C 323 35.05 4.48 -15.01
CA SER C 323 34.49 5.09 -13.80
C SER C 323 33.64 4.06 -13.05
N THR C 324 33.08 4.49 -11.96
CA THR C 324 32.27 3.62 -11.14
C THR C 324 30.81 3.59 -11.64
N GLY C 325 30.00 2.90 -10.87
CA GLY C 325 28.59 2.85 -11.18
C GLY C 325 27.88 2.24 -10.02
N SER C 326 26.69 2.73 -9.68
CA SER C 326 25.97 2.15 -8.57
C SER C 326 25.60 0.71 -8.93
N ALA C 327 25.69 -0.17 -7.93
CA ALA C 327 25.34 -1.59 -8.10
C ALA C 327 24.41 -2.04 -7.00
N CYS C 328 23.40 -2.81 -7.39
CA CYS C 328 22.34 -3.28 -6.50
C CYS C 328 22.00 -4.74 -6.81
N HIS C 350 30.66 -2.96 -3.42
CA HIS C 350 29.45 -2.13 -3.37
C HIS C 350 29.18 -1.44 -4.67
N THR C 351 30.24 -0.90 -5.29
CA THR C 351 30.11 -0.21 -6.55
C THR C 351 30.68 -1.07 -7.67
N ALA C 352 30.11 -0.92 -8.86
CA ALA C 352 30.57 -1.66 -10.04
C ALA C 352 31.45 -0.76 -10.89
N ILE C 353 32.05 -1.36 -11.93
CA ILE C 353 32.97 -0.68 -12.83
C ILE C 353 32.34 -0.49 -14.22
N ARG C 354 32.19 0.77 -14.60
CA ARG C 354 31.66 1.17 -15.88
C ARG C 354 32.77 1.45 -16.90
N LEU C 355 32.76 0.66 -17.99
CA LEU C 355 33.59 0.80 -19.20
C LEU C 355 32.71 1.26 -20.36
N SER C 356 33.00 2.45 -20.93
CA SER C 356 32.14 3.06 -21.95
C SER C 356 32.97 3.54 -23.12
N LEU C 357 32.69 2.98 -24.30
CA LEU C 357 33.59 3.12 -25.46
C LEU C 357 33.14 4.21 -26.41
N SER C 358 33.92 4.45 -27.49
CA SER C 358 33.45 5.37 -28.53
C SER C 358 34.01 4.90 -29.85
N ARG C 359 33.62 5.60 -30.93
CA ARG C 359 34.13 5.26 -32.26
C ARG C 359 35.66 5.34 -32.32
N PHE C 360 36.30 5.96 -31.33
CA PHE C 360 37.77 6.12 -31.37
C PHE C 360 38.51 5.01 -30.65
N ASN C 361 37.83 4.08 -29.98
CA ASN C 361 38.51 2.91 -29.43
C ASN C 361 38.83 1.89 -30.53
N THR C 362 39.82 1.05 -30.30
CA THR C 362 40.24 0.05 -31.26
C THR C 362 40.26 -1.32 -30.60
N GLU C 363 40.45 -2.35 -31.40
CA GLU C 363 40.44 -3.72 -30.87
C GLU C 363 41.69 -3.99 -30.01
N ALA C 364 42.85 -3.49 -30.44
CA ALA C 364 44.05 -3.63 -29.63
C ALA C 364 43.82 -3.13 -28.20
N GLU C 365 43.25 -1.94 -28.05
CA GLU C 365 42.93 -1.34 -26.76
C GLU C 365 42.02 -2.24 -25.92
N ILE C 366 40.98 -2.83 -26.51
CA ILE C 366 40.14 -3.71 -25.69
C ILE C 366 40.94 -4.92 -25.23
N ASP C 367 41.75 -5.48 -26.14
CA ASP C 367 42.62 -6.58 -25.76
C ASP C 367 43.52 -6.19 -24.59
N LYS C 368 44.19 -5.04 -24.73
CA LYS C 368 45.06 -4.52 -23.67
C LYS C 368 44.29 -4.41 -22.36
N THR C 369 43.05 -3.91 -22.44
CA THR C 369 42.19 -3.72 -21.29
C THR C 369 41.73 -5.05 -20.69
N ILE C 370 41.44 -6.08 -21.51
CA ILE C 370 41.12 -7.41 -20.97
C ILE C 370 42.30 -7.92 -20.14
N GLU C 371 43.50 -7.84 -20.72
CA GLU C 371 44.68 -8.33 -20.01
C GLU C 371 44.88 -7.58 -18.68
N VAL C 372 44.85 -6.24 -18.74
CA VAL C 372 45.14 -5.47 -17.54
C VAL C 372 44.08 -5.64 -16.48
N PHE C 373 42.82 -5.68 -16.89
CA PHE C 373 41.71 -5.89 -15.97
C PHE C 373 41.86 -7.24 -15.29
N SER C 374 42.20 -8.30 -16.06
CA SER C 374 42.38 -9.64 -15.50
C SER C 374 43.49 -9.68 -14.46
N GLN C 375 44.68 -9.16 -14.83
CA GLN C 375 45.77 -9.14 -13.87
C GLN C 375 45.40 -8.35 -12.63
N ALA C 376 44.74 -7.22 -12.81
CA ALA C 376 44.35 -6.39 -11.67
C ALA C 376 43.40 -7.14 -10.74
N ALA C 377 42.47 -7.91 -11.33
CA ALA C 377 41.53 -8.66 -10.52
C ALA C 377 42.24 -9.74 -9.70
N VAL C 378 43.06 -10.55 -10.36
CA VAL C 378 43.73 -11.60 -9.60
C VAL C 378 44.70 -10.99 -8.60
N ARG C 379 45.22 -9.78 -8.87
CA ARG C 379 46.19 -9.21 -7.96
C ARG C 379 45.53 -8.67 -6.70
N LEU C 380 44.45 -7.89 -6.89
CA LEU C 380 43.70 -7.33 -5.78
C LEU C 380 43.02 -8.42 -4.97
N ARG C 381 42.80 -9.60 -5.57
CA ARG C 381 42.25 -10.75 -4.87
C ARG C 381 43.31 -11.55 -4.09
N ASN C 382 44.45 -11.86 -4.71
CA ASN C 382 45.49 -12.57 -3.98
C ASN C 382 45.92 -11.81 -2.74
N ILE C 383 45.98 -10.48 -2.86
CA ILE C 383 46.33 -9.68 -1.70
C ILE C 383 45.15 -9.52 -0.75
N SER C 384 43.93 -9.75 -1.24
CA SER C 384 42.71 -9.52 -0.45
C SER C 384 42.56 -10.47 0.71
N SER C 385 43.11 -11.67 0.61
CA SER C 385 42.95 -12.59 1.72
C SER C 385 44.08 -13.58 1.69
N SER C 386 44.16 -14.25 0.54
CA SER C 386 44.99 -15.49 0.44
C SER C 386 45.60 -15.69 -0.91
N VAL D 2 40.24 42.43 -49.08
CA VAL D 2 39.82 43.68 -48.40
C VAL D 2 40.25 43.83 -46.95
N GLN D 3 40.05 45.03 -46.38
CA GLN D 3 40.43 45.32 -44.97
C GLN D 3 39.26 45.85 -44.17
N ARG D 4 38.73 45.08 -43.25
CA ARG D 4 37.63 45.63 -42.48
C ARG D 4 38.07 46.18 -41.12
N ILE D 5 37.24 47.07 -40.54
CA ILE D 5 37.55 47.75 -39.29
C ILE D 5 36.48 47.49 -38.26
N TYR D 6 36.88 47.00 -37.07
CA TYR D 6 35.90 46.61 -36.06
C TYR D 6 35.84 47.64 -34.96
N LEU D 7 34.71 48.36 -34.87
CA LEU D 7 34.49 49.31 -33.78
C LEU D 7 33.17 48.99 -33.02
N ASP D 8 32.89 47.71 -32.76
CA ASP D 8 31.66 47.34 -32.04
C ASP D 8 32.01 46.46 -30.84
N ASN D 9 33.06 46.84 -30.12
CA ASN D 9 33.61 45.98 -29.09
C ASN D 9 32.76 45.94 -27.85
N ASN D 10 31.82 46.86 -27.67
CA ASN D 10 30.88 46.68 -26.58
C ASN D 10 29.80 45.66 -26.92
N ALA D 11 29.65 45.28 -28.18
CA ALA D 11 28.76 44.17 -28.53
C ALA D 11 29.42 42.80 -28.36
N THR D 12 30.69 42.66 -28.68
CA THR D 12 31.49 41.46 -28.43
C THR D 12 32.88 41.84 -28.93
N THR D 13 33.89 41.05 -28.59
CA THR D 13 35.27 41.28 -29.02
C THR D 13 35.86 40.01 -29.69
N ARG D 14 37.00 40.17 -30.34
CA ARG D 14 37.72 39.05 -30.91
C ARG D 14 38.51 38.33 -29.79
N ILE D 15 38.61 37.00 -29.88
CA ILE D 15 39.48 36.26 -28.96
C ILE D 15 40.95 36.61 -29.17
N ASP D 16 41.65 36.91 -28.07
CA ASP D 16 43.09 37.11 -28.17
C ASP D 16 43.71 35.78 -28.61
N PRO D 17 44.59 35.79 -29.61
CA PRO D 17 45.19 34.52 -30.06
C PRO D 17 45.86 33.76 -28.94
N LYS D 18 46.36 34.46 -27.93
CA LYS D 18 46.92 33.76 -26.80
C LYS D 18 45.86 33.03 -26.02
N VAL D 19 44.65 33.60 -25.98
CA VAL D 19 43.52 32.95 -25.36
C VAL D 19 43.16 31.68 -26.15
N LYS D 20 43.04 31.79 -27.49
CA LYS D 20 42.78 30.63 -28.34
C LYS D 20 43.83 29.53 -28.13
N GLU D 21 45.09 29.94 -28.14
CA GLU D 21 46.18 29.00 -28.02
C GLU D 21 46.09 28.24 -26.71
N ILE D 22 45.84 28.96 -25.60
CA ILE D 22 45.83 28.33 -24.28
C ILE D 22 44.64 27.35 -24.15
N MET D 23 43.58 27.60 -24.89
CA MET D 23 42.40 26.72 -24.89
C MET D 23 42.60 25.43 -25.71
N ASP D 24 43.37 25.46 -26.81
CA ASP D 24 43.41 24.34 -27.75
C ASP D 24 43.68 22.96 -27.15
N PRO D 25 44.63 22.78 -26.23
CA PRO D 25 44.89 21.42 -25.74
C PRO D 25 43.66 20.79 -25.14
N PHE D 26 42.80 21.64 -24.57
CA PHE D 26 41.58 21.13 -23.95
C PHE D 26 40.46 20.90 -24.96
N LEU D 27 40.64 21.39 -26.19
CA LEU D 27 39.75 21.05 -27.29
C LEU D 27 40.18 19.79 -28.03
N ARG D 28 41.37 19.26 -27.71
CA ARG D 28 41.95 18.10 -28.37
C ARG D 28 42.11 16.96 -27.37
N ASP D 29 43.32 16.80 -26.76
CA ASP D 29 43.66 15.58 -26.04
C ASP D 29 43.44 15.66 -24.56
N HIS D 30 43.16 16.83 -24.03
CA HIS D 30 42.94 16.91 -22.60
C HIS D 30 41.48 17.21 -22.42
N TYR D 31 40.63 16.24 -22.82
CA TYR D 31 39.17 16.31 -22.85
C TYR D 31 38.53 15.73 -21.60
N GLY D 32 39.31 15.49 -20.55
CA GLY D 32 38.79 14.76 -19.38
C GLY D 32 37.72 15.51 -18.63
N ASN D 33 36.76 14.76 -18.01
CA ASN D 33 35.79 15.46 -17.16
C ASN D 33 36.42 15.74 -15.81
N PRO D 34 36.60 17.01 -15.40
CA PRO D 34 37.35 17.26 -14.14
C PRO D 34 36.71 16.58 -12.90
N SER D 35 35.41 16.22 -12.94
CA SER D 35 34.83 15.43 -11.84
C SER D 35 35.29 13.99 -11.89
N SER D 36 35.88 13.54 -13.00
CA SER D 36 36.36 12.16 -13.01
C SER D 36 37.50 11.96 -12.04
N LEU D 37 37.51 10.76 -11.41
CA LEU D 37 38.55 10.41 -10.46
C LEU D 37 39.82 9.89 -11.12
N HIS D 38 39.72 9.39 -12.34
CA HIS D 38 40.88 8.85 -13.03
C HIS D 38 41.73 10.02 -13.55
N GLN D 39 42.77 9.66 -14.26
CA GLN D 39 43.81 10.57 -14.70
C GLN D 39 43.32 11.60 -15.74
N PHE D 40 42.37 11.23 -16.64
CA PHE D 40 41.88 12.23 -17.61
C PHE D 40 41.16 13.38 -16.91
N GLY D 41 40.54 13.09 -15.79
CA GLY D 41 39.88 14.10 -15.02
C GLY D 41 40.87 14.89 -14.20
N THR D 42 41.73 14.22 -13.41
CA THR D 42 42.60 14.96 -12.51
C THR D 42 43.69 15.74 -13.26
N GLU D 43 44.03 15.30 -14.46
CA GLU D 43 44.98 15.98 -15.35
C GLU D 43 44.61 17.45 -15.60
N THR D 44 43.34 17.79 -15.49
CA THR D 44 42.85 19.13 -15.79
C THR D 44 42.93 20.08 -14.59
N HIS D 45 43.08 19.56 -13.36
CA HIS D 45 42.88 20.38 -12.17
C HIS D 45 43.92 21.51 -12.10
N PRO D 46 45.21 21.27 -12.33
CA PRO D 46 46.17 22.40 -12.28
C PRO D 46 45.70 23.56 -13.16
N ALA D 47 45.34 23.33 -14.41
CA ALA D 47 45.03 24.45 -15.32
C ALA D 47 43.72 25.14 -14.92
N ILE D 48 42.71 24.37 -14.45
CA ILE D 48 41.50 25.01 -13.93
C ILE D 48 41.83 25.89 -12.73
N ALA D 49 42.68 25.39 -11.82
CA ALA D 49 43.05 26.13 -10.63
C ALA D 49 43.80 27.40 -11.02
N GLU D 50 44.68 27.30 -12.02
CA GLU D 50 45.44 28.50 -12.43
C GLU D 50 44.51 29.54 -13.06
N ALA D 51 43.54 29.05 -13.85
CA ALA D 51 42.56 29.93 -14.49
C ALA D 51 41.75 30.68 -13.44
N LEU D 52 41.22 29.93 -12.48
CA LEU D 52 40.41 30.50 -11.43
C LEU D 52 41.21 31.54 -10.64
N ASP D 53 42.47 31.22 -10.32
CA ASP D 53 43.31 32.17 -9.64
C ASP D 53 43.41 33.49 -10.42
N LYS D 54 43.63 33.42 -11.77
CA LYS D 54 43.60 34.61 -12.62
C LYS D 54 42.31 35.41 -12.46
N LEU D 55 41.17 34.73 -12.33
CA LEU D 55 39.92 35.46 -12.23
C LEU D 55 39.77 36.19 -10.90
N TYR D 56 40.06 35.47 -9.80
CA TYR D 56 40.09 36.06 -8.47
C TYR D 56 41.00 37.29 -8.43
N LYS D 57 42.24 37.16 -8.89
CA LYS D 57 43.16 38.31 -8.86
C LYS D 57 42.65 39.43 -9.75
N GLY D 58 41.94 39.09 -10.83
CA GLY D 58 41.44 40.13 -11.74
C GLY D 58 40.45 41.07 -11.08
N ILE D 59 39.57 40.57 -10.21
CA ILE D 59 38.58 41.43 -9.55
C ILE D 59 38.87 41.59 -8.07
N ASN D 60 40.07 41.19 -7.62
CA ASN D 60 40.51 41.33 -6.26
C ASN D 60 39.60 40.58 -5.27
N ALA D 61 39.00 39.47 -5.70
CA ALA D 61 38.28 38.58 -4.80
C ALA D 61 39.25 37.89 -3.83
N ARG D 62 38.81 37.69 -2.60
CA ARG D 62 39.63 37.09 -1.56
C ARG D 62 39.52 35.55 -1.62
N ASP D 63 40.46 34.85 -0.97
CA ASP D 63 40.41 33.38 -1.00
C ASP D 63 39.07 32.84 -0.45
N ILE D 64 38.48 33.51 0.55
CA ILE D 64 37.18 33.07 1.09
C ILE D 64 36.01 33.43 0.20
N ASP D 65 36.20 34.29 -0.81
CA ASP D 65 35.06 34.57 -1.67
C ASP D 65 34.90 33.48 -2.73
N ASP D 66 33.77 33.48 -3.39
CA ASP D 66 33.64 32.65 -4.59
C ASP D 66 33.65 33.44 -5.90
N VAL D 67 34.25 32.86 -6.88
CA VAL D 67 34.06 33.29 -8.23
C VAL D 67 33.50 32.07 -8.96
N ILE D 68 32.20 32.07 -9.20
CA ILE D 68 31.55 30.92 -9.85
C ILE D 68 31.55 31.08 -11.36
N ILE D 69 31.93 30.01 -12.04
CA ILE D 69 31.92 29.93 -13.49
C ILE D 69 30.49 29.73 -13.93
N THR D 70 29.99 30.64 -14.76
CA THR D 70 28.65 30.57 -15.40
C THR D 70 28.77 30.47 -16.89
N SER D 71 27.62 30.47 -17.55
CA SER D 71 27.67 30.26 -18.98
C SER D 71 27.68 31.58 -19.74
N CYS D 72 27.50 32.71 -19.05
CA CYS D 72 27.47 34.07 -19.63
C CYS D 72 26.99 35.03 -18.57
N ALA D 73 27.18 36.34 -18.78
CA ALA D 73 26.69 37.32 -17.79
C ALA D 73 25.17 37.24 -17.63
N THR D 74 24.45 36.95 -18.68
CA THR D 74 22.99 36.72 -18.57
C THR D 74 22.64 35.61 -17.56
N GLU D 75 23.35 34.49 -17.55
CA GLU D 75 23.13 33.49 -16.50
C GLU D 75 23.46 34.07 -15.13
N SER D 76 24.60 34.79 -15.01
CA SER D 76 24.96 35.44 -13.73
C SER D 76 23.87 36.38 -13.24
N ASN D 77 23.35 37.22 -14.13
CA ASN D 77 22.34 38.22 -13.74
C ASN D 77 21.00 37.55 -13.37
N ASN D 78 20.59 36.55 -14.17
CA ASN D 78 19.35 35.83 -13.82
C ASN D 78 19.50 35.19 -12.45
N TRP D 79 20.69 34.66 -12.18
CA TRP D 79 20.93 33.92 -10.94
C TRP D 79 20.85 34.85 -9.77
N VAL D 80 21.51 36.02 -9.89
CA VAL D 80 21.48 36.99 -8.82
C VAL D 80 20.03 37.40 -8.54
N LEU D 81 19.33 37.83 -9.60
CA LEU D 81 17.99 38.40 -9.38
C LEU D 81 16.98 37.35 -8.87
N LYS D 82 16.97 36.15 -9.44
CA LYS D 82 15.98 35.16 -9.02
C LYS D 82 16.39 34.49 -7.72
N GLY D 83 17.70 34.33 -7.55
CA GLY D 83 18.14 33.81 -6.28
C GLY D 83 17.76 34.72 -5.14
N VAL D 84 17.94 36.04 -5.35
CA VAL D 84 17.59 36.98 -4.29
C VAL D 84 16.10 37.08 -4.08
N TYR D 85 15.32 36.86 -5.15
CA TYR D 85 13.89 36.86 -5.03
C TYR D 85 13.45 35.75 -4.08
N PHE D 86 14.03 34.56 -4.25
CA PHE D 86 13.62 33.41 -3.45
C PHE D 86 14.15 33.53 -2.01
N ASP D 87 15.42 33.95 -1.83
CA ASP D 87 16.02 34.00 -0.48
C ASP D 87 15.62 35.25 0.29
N GLU D 88 15.58 36.45 -0.35
CA GLU D 88 15.29 37.67 0.40
C GLU D 88 13.85 38.16 0.21
N CYS D 89 13.35 38.20 -1.04
CA CYS D 89 12.03 38.79 -1.26
C CYS D 89 10.95 37.89 -0.69
N LEU D 90 11.02 36.62 -1.04
CA LEU D 90 10.00 35.68 -0.63
C LEU D 90 10.15 35.25 0.83
N LYS D 91 11.33 34.81 1.24
CA LYS D 91 11.51 34.25 2.58
C LYS D 91 11.79 35.28 3.67
N LYS D 92 12.15 36.51 3.32
CA LYS D 92 12.39 37.49 4.36
C LYS D 92 11.51 38.72 4.20
N GLY D 93 10.59 38.76 3.23
CA GLY D 93 9.68 39.89 3.11
C GLY D 93 10.31 41.18 2.61
N LYS D 94 11.56 41.12 2.16
CA LYS D 94 12.24 42.25 1.53
C LYS D 94 11.87 42.25 0.04
N ASN D 95 10.64 42.69 -0.22
CA ASN D 95 9.96 42.59 -1.52
C ASN D 95 10.21 43.82 -2.37
N HIS D 96 11.45 44.30 -2.38
CA HIS D 96 11.78 45.51 -3.11
C HIS D 96 13.20 45.43 -3.65
N ILE D 97 13.38 45.85 -4.91
CA ILE D 97 14.68 45.85 -5.59
C ILE D 97 14.87 47.22 -6.23
N VAL D 98 16.07 47.81 -6.06
CA VAL D 98 16.42 49.11 -6.64
C VAL D 98 17.45 48.85 -7.73
N THR D 99 17.21 49.38 -8.93
CA THR D 99 18.12 49.23 -10.06
C THR D 99 18.00 50.48 -10.91
N THR D 100 18.55 50.48 -12.13
CA THR D 100 18.46 51.67 -12.97
C THR D 100 17.73 51.37 -14.29
N VAL D 101 17.31 52.44 -14.97
CA VAL D 101 16.72 52.31 -16.30
C VAL D 101 17.77 52.00 -17.34
N ALA D 102 19.06 52.13 -16.99
CA ALA D 102 20.16 51.95 -17.93
C ALA D 102 20.61 50.51 -18.06
N GLU D 103 20.05 49.61 -17.23
CA GLU D 103 20.54 48.24 -17.12
C GLU D 103 20.33 47.48 -18.42
N HIS D 104 21.21 46.52 -18.62
CA HIS D 104 21.15 45.58 -19.72
C HIS D 104 19.83 44.84 -19.63
N PRO D 105 19.27 44.41 -20.75
CA PRO D 105 18.06 43.54 -20.67
C PRO D 105 18.23 42.33 -19.78
N ALA D 106 19.46 41.77 -19.59
CA ALA D 106 19.63 40.63 -18.68
C ALA D 106 19.24 41.01 -17.24
N VAL D 107 19.28 42.31 -16.91
CA VAL D 107 18.80 42.77 -15.62
C VAL D 107 17.37 43.29 -15.71
N ARG D 108 17.10 44.22 -16.67
CA ARG D 108 15.81 44.90 -16.68
C ARG D 108 14.67 43.96 -17.02
N SER D 109 14.90 43.10 -17.99
CA SER D 109 13.82 42.22 -18.38
C SER D 109 13.54 41.18 -17.29
N THR D 110 14.59 40.69 -16.63
CA THR D 110 14.40 39.77 -15.50
C THR D 110 13.65 40.45 -14.37
N CYS D 111 14.02 41.72 -14.06
CA CYS D 111 13.28 42.51 -13.09
C CYS D 111 11.83 42.67 -13.49
N ASN D 112 11.57 42.91 -14.78
CA ASN D 112 10.21 43.05 -15.23
C ASN D 112 9.44 41.76 -14.96
N PHE D 113 10.12 40.63 -15.12
CA PHE D 113 9.49 39.34 -14.78
C PHE D 113 9.18 39.26 -13.29
N LEU D 114 10.13 39.71 -12.46
CA LEU D 114 9.92 39.71 -11.01
C LEU D 114 8.78 40.61 -10.63
N GLU D 115 8.66 41.74 -11.30
CA GLU D 115 7.51 42.61 -11.06
C GLU D 115 6.21 41.87 -11.36
N SER D 116 6.21 41.06 -12.42
CA SER D 116 4.99 40.31 -12.71
C SER D 116 4.69 39.36 -11.59
N LEU D 117 5.72 38.96 -10.83
CA LEU D 117 5.49 38.09 -9.69
C LEU D 117 5.02 38.86 -8.47
N GLY D 118 5.05 40.20 -8.55
CA GLY D 118 4.57 40.99 -7.44
C GLY D 118 5.67 41.72 -6.70
N VAL D 119 6.90 41.62 -7.17
CA VAL D 119 7.99 42.35 -6.53
C VAL D 119 7.91 43.83 -6.93
N GLU D 120 8.07 44.72 -5.96
CA GLU D 120 8.13 46.15 -6.27
C GLU D 120 9.57 46.47 -6.66
N VAL D 121 9.76 46.99 -7.88
CA VAL D 121 11.08 47.33 -8.42
C VAL D 121 11.07 48.81 -8.79
N THR D 122 12.05 49.58 -8.30
CA THR D 122 12.18 50.97 -8.68
C THR D 122 13.36 51.04 -9.66
N TYR D 123 13.12 51.59 -10.84
CA TYR D 123 14.17 51.79 -11.84
C TYR D 123 14.66 53.24 -11.74
N LEU D 124 15.81 53.46 -11.16
CA LEU D 124 16.24 54.85 -10.93
C LEU D 124 16.49 55.54 -12.28
N PRO D 125 16.03 56.78 -12.46
CA PRO D 125 16.20 57.44 -13.75
C PRO D 125 17.60 58.00 -13.97
N ILE D 126 17.96 58.03 -15.23
CA ILE D 126 19.21 58.65 -15.60
C ILE D 126 19.05 60.17 -15.56
N ASN D 127 20.09 60.93 -15.20
CA ASN D 127 19.92 62.37 -15.17
C ASN D 127 20.39 62.94 -16.50
N GLU D 128 20.37 64.27 -16.65
CA GLU D 128 20.81 64.83 -17.93
C GLU D 128 22.28 64.54 -18.20
N HIS D 129 23.03 64.20 -17.15
CA HIS D 129 24.43 63.84 -17.24
C HIS D 129 24.62 62.43 -17.78
N GLY D 130 23.53 61.74 -18.13
CA GLY D 130 23.65 60.37 -18.56
C GLY D 130 24.02 59.40 -17.48
N SER D 131 23.90 59.76 -16.21
CA SER D 131 24.42 58.98 -15.10
C SER D 131 23.35 58.79 -14.02
N ILE D 132 23.71 57.97 -13.03
CA ILE D 132 22.99 57.86 -11.76
C ILE D 132 23.80 58.49 -10.64
N THR D 133 23.13 59.12 -9.69
CA THR D 133 23.77 59.56 -8.46
C THR D 133 23.59 58.54 -7.33
N ALA D 134 24.53 58.57 -6.38
CA ALA D 134 24.45 57.69 -5.23
C ALA D 134 23.34 58.16 -4.29
N GLU D 135 23.06 59.47 -4.28
CA GLU D 135 21.91 59.90 -3.50
C GLU D 135 20.63 59.27 -4.03
N GLN D 136 20.50 59.01 -5.34
CA GLN D 136 19.27 58.37 -5.80
C GLN D 136 19.06 57.02 -5.12
N VAL D 137 20.13 56.22 -5.02
CA VAL D 137 20.04 54.93 -4.32
C VAL D 137 19.73 55.13 -2.83
N ARG D 138 20.42 56.06 -2.13
CA ARG D 138 20.10 56.26 -0.71
C ARG D 138 18.64 56.66 -0.53
N GLU D 139 18.16 57.58 -1.36
CA GLU D 139 16.76 58.02 -1.38
C GLU D 139 15.81 56.84 -1.61
N ALA D 140 16.19 55.88 -2.43
CA ALA D 140 15.23 54.85 -2.78
C ALA D 140 15.23 53.65 -1.82
N ILE D 141 16.23 53.53 -0.94
CA ILE D 141 16.28 52.36 -0.06
C ILE D 141 15.22 52.53 1.04
N THR D 142 14.24 51.62 1.06
CA THR D 142 13.24 51.57 2.11
C THR D 142 13.49 50.49 3.14
N GLU D 143 14.58 49.75 3.04
CA GLU D 143 14.89 48.71 4.00
C GLU D 143 13.72 47.73 4.09
N LYS D 144 13.30 47.32 2.92
CA LYS D 144 12.31 46.33 2.52
C LYS D 144 12.97 46.04 1.19
N THR D 145 14.02 46.84 1.01
CA THR D 145 14.94 46.68 -0.09
C THR D 145 15.77 45.45 0.19
N ALA D 146 15.66 44.46 -0.68
CA ALA D 146 16.54 43.31 -0.60
C ALA D 146 17.83 43.55 -1.35
N LEU D 147 17.77 44.31 -2.42
CA LEU D 147 18.92 44.24 -3.30
C LEU D 147 18.99 45.54 -4.08
N VAL D 148 20.22 46.05 -4.25
CA VAL D 148 20.51 47.12 -5.19
C VAL D 148 21.37 46.55 -6.30
N SER D 149 21.01 46.85 -7.54
CA SER D 149 21.73 46.35 -8.70
C SER D 149 21.93 47.54 -9.61
N VAL D 150 23.17 48.00 -9.71
CA VAL D 150 23.51 49.10 -10.61
C VAL D 150 24.71 48.62 -11.40
N MET D 151 24.63 48.71 -12.72
CA MET D 151 25.77 48.29 -13.55
C MET D 151 26.97 49.23 -13.31
N TRP D 152 28.16 48.67 -13.44
CA TRP D 152 29.38 49.44 -13.23
C TRP D 152 29.58 50.44 -14.35
N ALA D 153 29.46 49.98 -15.61
CA ALA D 153 29.59 50.91 -16.72
C ALA D 153 28.51 50.55 -17.74
N ASN D 154 27.92 51.60 -18.29
CA ASN D 154 26.83 51.45 -19.23
C ASN D 154 27.40 51.07 -20.59
N ASN D 155 26.75 50.12 -21.29
CA ASN D 155 27.23 49.65 -22.60
C ASN D 155 26.95 50.59 -23.75
N GLU D 156 25.98 51.51 -23.64
CA GLU D 156 25.67 52.40 -24.74
C GLU D 156 26.52 53.66 -24.72
N THR D 157 26.65 54.25 -23.56
CA THR D 157 27.31 55.54 -23.45
C THR D 157 28.73 55.41 -22.97
N GLY D 158 29.07 54.27 -22.41
CA GLY D 158 30.31 54.04 -21.74
C GLY D 158 30.41 54.68 -20.37
N LEU D 159 29.34 55.32 -19.88
CA LEU D 159 29.43 56.12 -18.67
C LEU D 159 29.57 55.24 -17.45
N ILE D 160 30.51 55.64 -16.56
CA ILE D 160 30.80 54.87 -15.35
C ILE D 160 29.89 55.36 -14.21
N PHE D 161 29.27 54.44 -13.48
CA PHE D 161 28.41 54.89 -12.39
C PHE D 161 29.19 54.95 -11.08
N PRO D 162 28.67 55.65 -10.05
CA PRO D 162 29.48 55.85 -8.82
C PRO D 162 29.86 54.61 -8.01
N ILE D 163 29.28 53.43 -8.24
CA ILE D 163 29.58 52.14 -7.59
C ILE D 163 30.27 52.19 -6.21
N GLU D 164 31.51 52.67 -6.11
CA GLU D 164 32.15 52.76 -4.77
C GLU D 164 31.22 53.38 -3.71
N GLU D 165 30.59 54.50 -4.06
CA GLU D 165 29.66 55.20 -3.16
C GLU D 165 28.38 54.39 -2.91
N ILE D 166 27.81 53.87 -3.95
CA ILE D 166 26.60 53.06 -3.81
C ILE D 166 26.89 51.87 -2.91
N GLY D 167 28.08 51.30 -3.04
CA GLY D 167 28.44 50.22 -2.15
C GLY D 167 28.51 50.69 -0.72
N ALA D 168 29.00 51.92 -0.50
CA ALA D 168 29.08 52.43 0.86
C ALA D 168 27.70 52.65 1.45
N ILE D 169 26.75 53.15 0.65
CA ILE D 169 25.36 53.32 1.11
C ILE D 169 24.76 51.96 1.46
N CYS D 170 24.94 50.99 0.56
CA CYS D 170 24.39 49.64 0.76
C CYS D 170 24.96 48.99 2.02
N LYS D 171 26.26 49.20 2.26
CA LYS D 171 26.91 48.67 3.45
C LYS D 171 26.39 49.32 4.71
N GLU D 172 26.29 50.65 4.73
CA GLU D 172 25.83 51.30 5.95
C GLU D 172 24.36 51.02 6.24
N LYS D 173 23.55 50.68 5.23
CA LYS D 173 22.14 50.35 5.44
C LYS D 173 21.82 48.84 5.47
N GLY D 174 22.79 47.98 5.22
CA GLY D 174 22.58 46.55 5.30
C GLY D 174 21.76 45.95 4.19
N VAL D 175 21.97 46.43 2.96
CA VAL D 175 21.33 45.97 1.74
C VAL D 175 22.39 45.36 0.84
N LEU D 176 22.00 44.27 0.18
CA LEU D 176 22.87 43.55 -0.73
C LEU D 176 23.20 44.39 -1.97
N PHE D 177 24.45 44.27 -2.45
CA PHE D 177 24.86 45.07 -3.62
C PHE D 177 25.40 44.19 -4.71
N HIS D 178 24.77 44.26 -5.89
CA HIS D 178 25.19 43.55 -7.07
C HIS D 178 25.54 44.59 -8.12
N THR D 179 26.65 44.36 -8.80
CA THR D 179 26.99 45.27 -9.90
C THR D 179 27.21 44.39 -11.11
N ASP D 180 26.49 44.71 -12.18
CA ASP D 180 26.74 44.12 -13.48
C ASP D 180 27.94 44.85 -14.09
N ALA D 181 29.11 44.22 -14.08
CA ALA D 181 30.38 44.89 -14.39
C ALA D 181 30.95 44.47 -15.75
N VAL D 182 30.10 43.94 -16.64
CA VAL D 182 30.56 43.35 -17.90
C VAL D 182 31.37 44.33 -18.72
N GLN D 183 30.91 45.56 -18.84
CA GLN D 183 31.57 46.61 -19.59
C GLN D 183 32.76 47.23 -18.84
N ALA D 184 32.96 46.95 -17.55
CA ALA D 184 34.13 47.45 -16.84
C ALA D 184 35.37 46.57 -16.97
N ILE D 185 35.22 45.24 -17.11
CA ILE D 185 36.39 44.38 -17.17
C ILE D 185 37.27 44.76 -18.34
N GLY D 186 38.55 45.05 -18.05
CA GLY D 186 39.52 45.43 -19.05
C GLY D 186 39.44 46.86 -19.50
N LYS D 187 38.48 47.61 -18.98
CA LYS D 187 38.28 49.02 -19.30
C LYS D 187 38.72 49.97 -18.17
N ILE D 188 38.34 49.66 -16.94
CA ILE D 188 38.71 50.36 -15.72
C ILE D 188 39.06 49.32 -14.66
N PRO D 189 39.91 49.65 -13.67
CA PRO D 189 40.20 48.67 -12.61
C PRO D 189 38.92 48.32 -11.88
N VAL D 190 38.76 47.04 -11.62
CA VAL D 190 37.59 46.49 -10.94
C VAL D 190 38.07 45.81 -9.65
N ASP D 191 37.55 46.30 -8.54
CA ASP D 191 37.95 45.85 -7.22
C ASP D 191 36.65 45.73 -6.44
N VAL D 192 36.25 44.48 -6.19
CA VAL D 192 34.99 44.16 -5.53
C VAL D 192 35.02 44.56 -4.07
N LEU D 193 36.22 44.60 -3.43
CA LEU D 193 36.29 45.01 -2.06
C LEU D 193 36.09 46.53 -1.96
N LYS D 194 36.78 47.30 -2.84
CA LYS D 194 36.55 48.74 -2.95
C LYS D 194 35.10 49.04 -3.28
N ALA D 195 34.49 48.19 -4.10
CA ALA D 195 33.11 48.39 -4.49
C ALA D 195 32.12 47.94 -3.42
N ASN D 196 32.60 47.23 -2.40
CA ASN D 196 31.72 46.56 -1.43
C ASN D 196 30.57 45.82 -2.12
N ALA D 197 30.89 45.09 -3.18
CA ALA D 197 29.89 44.32 -3.92
C ALA D 197 29.66 42.99 -3.23
N ASP D 198 28.40 42.57 -3.12
CA ASP D 198 28.09 41.19 -2.71
C ASP D 198 28.07 40.25 -3.89
N PHE D 199 27.67 40.74 -5.05
CA PHE D 199 27.60 40.03 -6.27
C PHE D 199 28.17 40.86 -7.40
N LEU D 200 28.89 40.21 -8.31
CA LEU D 200 29.40 40.93 -9.49
C LEU D 200 29.36 40.01 -10.70
N SER D 201 28.80 40.49 -11.81
CA SER D 201 28.71 39.72 -13.06
C SER D 201 29.75 40.15 -14.09
N PHE D 202 30.25 39.17 -14.86
CA PHE D 202 31.04 39.53 -16.04
C PHE D 202 30.89 38.45 -17.12
N SER D 203 31.26 38.82 -18.37
CA SER D 203 31.14 37.98 -19.55
C SER D 203 32.41 38.08 -20.37
N ALA D 204 33.02 36.92 -20.64
CA ALA D 204 34.35 36.83 -21.18
C ALA D 204 34.43 37.55 -22.52
N HIS D 205 33.40 37.46 -23.32
CA HIS D 205 33.54 37.97 -24.72
C HIS D 205 33.47 39.47 -24.80
N PHE D 207 35.81 41.00 -22.93
CA PHE D 207 37.28 41.29 -22.77
C PHE D 207 38.19 40.24 -23.42
N HIS D 208 37.85 39.92 -24.69
CA HIS D 208 38.69 39.14 -25.59
C HIS D 208 38.81 37.67 -25.21
N GLY D 209 37.79 37.15 -24.51
CA GLY D 209 37.59 35.72 -24.37
C GLY D 209 36.40 35.24 -25.23
N PRO D 210 36.12 33.96 -25.22
CA PRO D 210 35.01 33.44 -26.09
C PRO D 210 33.63 33.75 -25.53
N LYS D 211 32.68 33.91 -26.46
CA LYS D 211 31.25 33.95 -26.13
C LYS D 211 30.83 32.65 -25.43
N GLY D 212 29.85 32.72 -24.52
CA GLY D 212 29.34 31.52 -23.86
C GLY D 212 30.04 31.10 -22.58
N ILE D 213 30.70 32.04 -21.89
CA ILE D 213 31.18 31.80 -20.54
C ILE D 213 31.25 33.13 -19.78
N GLY D 214 30.91 33.07 -18.52
CA GLY D 214 30.97 34.23 -17.66
C GLY D 214 31.27 33.81 -16.25
N GLY D 215 31.04 34.77 -15.34
CA GLY D 215 31.34 34.59 -13.93
C GLY D 215 30.43 35.39 -13.04
N LEU D 216 30.18 34.84 -11.85
CA LEU D 216 29.49 35.54 -10.77
C LEU D 216 30.34 35.48 -9.53
N TYR D 217 30.85 36.64 -9.11
CA TYR D 217 31.49 36.77 -7.82
C TYR D 217 30.42 36.79 -6.74
N ILE D 218 30.59 35.96 -5.75
CA ILE D 218 29.74 35.94 -4.57
C ILE D 218 30.62 36.18 -3.36
N ARG D 219 30.29 37.22 -2.59
CA ARG D 219 31.07 37.57 -1.40
C ARG D 219 30.89 36.47 -0.37
N SER D 220 31.97 36.20 0.38
CA SER D 220 31.95 35.13 1.37
C SER D 220 30.76 35.23 2.33
N GLY D 221 30.08 34.09 2.58
CA GLY D 221 28.97 34.14 3.53
C GLY D 221 27.64 34.63 2.97
N VAL D 222 27.63 35.22 1.81
CA VAL D 222 26.38 35.60 1.16
C VAL D 222 25.78 34.35 0.50
N GLY D 223 24.52 34.06 0.76
CA GLY D 223 23.88 32.89 0.17
C GLY D 223 23.21 33.26 -1.13
N LEU D 224 22.97 32.27 -2.01
CA LEU D 224 22.36 32.50 -3.32
C LEU D 224 21.88 31.16 -3.85
N THR D 225 20.62 30.84 -3.61
CA THR D 225 20.06 29.56 -4.05
C THR D 225 20.38 29.33 -5.53
N PRO D 226 20.96 28.16 -5.90
CA PRO D 226 21.37 27.95 -7.29
C PRO D 226 20.24 28.14 -8.28
N LEU D 227 20.64 28.65 -9.44
CA LEU D 227 19.80 28.66 -10.63
C LEU D 227 19.94 27.33 -11.40
N PHE D 228 21.12 26.70 -11.39
CA PHE D 228 21.34 25.35 -11.89
C PHE D 228 21.56 24.42 -10.70
N HIS D 229 20.54 23.70 -10.34
CA HIS D 229 20.58 22.66 -9.36
C HIS D 229 21.14 21.37 -9.98
N GLY D 230 21.64 20.52 -9.10
CA GLY D 230 22.17 19.24 -9.53
C GLY D 230 23.23 18.85 -8.56
N GLY D 231 23.69 19.86 -7.80
CA GLY D 231 24.72 19.72 -6.80
C GLY D 231 26.09 19.70 -7.43
N GLU D 232 27.02 19.08 -6.72
CA GLU D 232 28.35 18.87 -7.25
C GLU D 232 29.06 20.14 -7.64
N HIS D 233 28.97 20.53 -8.90
CA HIS D 233 29.98 21.42 -9.48
C HIS D 233 29.98 22.80 -8.84
N MET D 234 31.16 23.41 -8.89
CA MET D 234 31.34 24.78 -8.40
C MET D 234 30.89 24.90 -6.96
N ASN D 235 31.49 24.09 -6.09
CA ASN D 235 31.18 24.06 -4.66
C ASN D 235 29.70 23.86 -4.40
N GLY D 236 28.99 23.10 -5.27
CA GLY D 236 27.55 22.93 -5.12
C GLY D 236 26.71 24.14 -5.53
N ARG D 237 27.31 25.24 -5.98
CA ARG D 237 26.50 26.43 -6.28
C ARG D 237 25.98 26.50 -7.72
N ARG D 238 26.55 25.73 -8.65
CA ARG D 238 26.19 25.88 -10.07
C ARG D 238 26.52 24.54 -10.74
N SER D 239 25.51 23.75 -10.99
CA SER D 239 25.79 22.39 -11.45
C SER D 239 26.02 22.38 -12.96
N GLY D 240 26.70 21.34 -13.44
CA GLY D 240 27.00 21.18 -14.84
C GLY D 240 28.46 20.90 -15.17
N THR D 241 28.71 19.94 -16.04
CA THR D 241 30.10 19.59 -16.36
C THR D 241 30.88 20.80 -16.85
N LEU D 242 32.08 21.04 -16.28
CA LEU D 242 32.77 22.29 -16.52
C LEU D 242 33.14 22.43 -18.00
N ASN D 243 33.04 23.66 -18.49
CA ASN D 243 33.44 24.04 -19.84
C ASN D 243 34.94 24.30 -19.73
N VAL D 244 35.72 23.19 -19.66
CA VAL D 244 37.16 23.29 -19.39
C VAL D 244 37.86 24.27 -20.36
N PRO D 245 37.72 24.15 -21.68
CA PRO D 245 38.49 25.04 -22.57
C PRO D 245 38.24 26.51 -22.32
N TYR D 246 36.99 26.88 -22.17
CA TYR D 246 36.61 28.27 -22.03
C TYR D 246 36.99 28.80 -20.64
N ILE D 247 37.07 27.92 -19.62
CA ILE D 247 37.51 28.30 -18.29
C ILE D 247 38.98 28.73 -18.38
N VAL D 248 39.81 27.90 -19.01
CA VAL D 248 41.21 28.22 -19.19
C VAL D 248 41.34 29.51 -20.00
N GLY D 249 40.60 29.59 -21.09
CA GLY D 249 40.65 30.76 -21.96
C GLY D 249 40.23 32.04 -21.25
N MET D 250 39.17 31.95 -20.42
CA MET D 250 38.65 33.15 -19.79
C MET D 250 39.57 33.63 -18.72
N GLY D 251 40.15 32.68 -17.99
CA GLY D 251 41.20 33.02 -17.04
C GLY D 251 42.30 33.81 -17.74
N GLU D 252 42.78 33.27 -18.88
CA GLU D 252 43.85 34.00 -19.56
C GLU D 252 43.38 35.37 -20.02
N ALA D 253 42.16 35.44 -20.50
CA ALA D 253 41.59 36.67 -21.03
C ALA D 253 41.51 37.73 -19.94
N MET D 254 41.15 37.34 -18.71
CA MET D 254 41.12 38.28 -17.58
C MET D 254 42.52 38.80 -17.24
N LYS D 255 43.47 37.88 -17.16
CA LYS D 255 44.84 38.27 -16.87
C LYS D 255 45.34 39.31 -17.90
N LEU D 256 45.18 39.01 -19.20
CA LEU D 256 45.59 39.96 -20.24
C LEU D 256 44.78 41.27 -20.16
N ALA D 257 43.50 41.19 -19.80
CA ALA D 257 42.64 42.37 -19.75
C ALA D 257 43.15 43.37 -18.72
N VAL D 258 43.46 42.88 -17.53
CA VAL D 258 43.96 43.74 -16.46
C VAL D 258 45.37 44.19 -16.78
N GLU D 259 46.18 43.35 -17.45
CA GLU D 259 47.53 43.79 -17.79
C GLU D 259 47.50 44.95 -18.76
N HIS D 260 46.45 45.04 -19.58
CA HIS D 260 46.37 46.06 -20.61
C HIS D 260 45.54 47.24 -20.18
N LEU D 261 45.31 47.38 -18.87
CA LEU D 261 44.52 48.52 -18.38
C LEU D 261 45.25 49.82 -18.73
N ASP D 262 46.59 49.86 -18.53
CA ASP D 262 47.37 51.04 -18.90
C ASP D 262 47.25 51.37 -20.39
N TYR D 263 47.49 50.38 -21.25
CA TYR D 263 47.34 50.62 -22.69
C TYR D 263 45.91 51.04 -23.00
N GLU D 264 44.95 50.46 -22.30
CA GLU D 264 43.56 50.79 -22.56
C GLU D 264 43.29 52.24 -22.26
N LYS D 265 43.81 52.76 -21.14
CA LYS D 265 43.52 54.15 -20.83
C LYS D 265 44.37 55.11 -21.67
N GLU D 266 45.65 54.82 -21.82
CA GLU D 266 46.56 55.76 -22.46
C GLU D 266 46.52 55.69 -23.98
N VAL D 267 46.28 54.54 -24.59
CA VAL D 267 46.34 54.40 -26.04
C VAL D 267 44.95 54.28 -26.68
N VAL D 268 44.15 53.31 -26.23
CA VAL D 268 42.78 53.15 -26.74
C VAL D 268 41.95 54.41 -26.47
N GLY D 269 42.04 54.95 -25.26
CA GLY D 269 41.31 56.16 -24.92
C GLY D 269 41.73 57.37 -25.74
N LYS D 270 43.00 57.48 -26.05
CA LYS D 270 43.43 58.58 -26.92
C LYS D 270 42.96 58.33 -28.34
N LEU D 271 42.92 57.06 -28.76
CA LEU D 271 42.33 56.76 -30.07
C LEU D 271 40.85 57.11 -30.09
N ARG D 272 40.15 56.83 -28.98
CA ARG D 272 38.75 57.16 -28.86
C ARG D 272 38.54 58.64 -28.87
N ASP D 273 39.42 59.40 -28.21
CA ASP D 273 39.29 60.84 -28.17
C ASP D 273 39.58 61.45 -29.54
N LYS D 274 40.59 60.88 -30.24
CA LYS D 274 40.90 61.33 -31.59
C LYS D 274 39.69 61.21 -32.50
N LEU D 275 39.08 60.04 -32.51
CA LEU D 275 37.86 59.83 -33.30
C LEU D 275 36.77 60.81 -32.91
N GLU D 276 36.49 60.94 -31.61
CA GLU D 276 35.37 61.76 -31.18
C GLU D 276 35.60 63.21 -31.56
N GLU D 277 36.77 63.76 -31.29
CA GLU D 277 37.02 65.15 -31.63
C GLU D 277 36.92 65.38 -33.15
N ALA D 278 37.44 64.43 -33.93
CA ALA D 278 37.34 64.62 -35.38
C ALA D 278 35.88 64.61 -35.81
N LEU D 279 35.09 63.76 -35.16
CA LEU D 279 33.66 63.64 -35.46
C LEU D 279 32.89 64.84 -34.91
N LEU D 280 33.49 65.64 -34.02
CA LEU D 280 32.74 66.80 -33.60
C LEU D 280 33.00 67.99 -34.47
N LYS D 281 34.03 67.91 -35.35
CA LYS D 281 34.18 69.04 -36.24
C LYS D 281 33.10 69.07 -37.33
N ILE D 282 32.45 67.93 -37.63
CA ILE D 282 31.31 67.98 -38.57
C ILE D 282 30.21 68.79 -37.89
N PRO D 283 29.45 69.60 -38.64
CA PRO D 283 28.60 70.63 -38.01
C PRO D 283 27.66 70.13 -36.88
N ASP D 284 26.44 69.66 -37.13
CA ASP D 284 25.58 69.33 -35.99
C ASP D 284 25.73 67.94 -35.39
N VAL D 285 26.94 67.55 -35.10
CA VAL D 285 27.21 66.26 -34.48
C VAL D 285 27.51 66.52 -33.01
N MET D 286 26.98 65.66 -32.13
CA MET D 286 27.09 65.85 -30.70
C MET D 286 27.10 64.51 -29.96
N VAL D 287 27.98 64.40 -28.97
CA VAL D 287 28.07 63.21 -28.12
C VAL D 287 26.88 63.12 -27.17
N VAL D 288 26.31 61.94 -27.04
CA VAL D 288 25.15 61.73 -26.17
C VAL D 288 25.69 61.37 -24.80
N GLY D 289 25.52 62.26 -23.86
CA GLY D 289 25.85 62.03 -22.48
C GLY D 289 27.11 62.78 -22.10
N ASP D 290 27.44 62.69 -20.83
CA ASP D 290 28.65 63.33 -20.38
C ASP D 290 29.85 62.66 -21.03
N ARG D 291 30.89 63.46 -21.30
CA ARG D 291 32.06 62.96 -21.97
C ARG D 291 33.19 62.66 -21.00
N ILE D 292 32.95 62.87 -19.70
CA ILE D 292 33.96 62.60 -18.70
C ILE D 292 33.51 61.37 -17.91
N HIS D 293 34.44 60.67 -17.32
CA HIS D 293 34.13 59.52 -16.47
C HIS D 293 33.30 58.48 -17.23
N ARG D 294 33.88 58.06 -18.32
CA ARG D 294 33.35 56.98 -19.06
C ARG D 294 34.57 56.12 -19.26
N VAL D 295 34.34 54.88 -19.66
CA VAL D 295 35.40 53.93 -19.96
C VAL D 295 36.14 54.49 -21.16
N PRO D 296 37.41 54.12 -21.38
CA PRO D 296 38.19 54.78 -22.45
C PRO D 296 37.77 54.42 -23.88
N ASN D 297 36.98 53.37 -24.12
CA ASN D 297 36.90 52.85 -25.49
C ASN D 297 35.68 53.32 -26.26
N THR D 298 34.76 54.01 -25.63
CA THR D 298 33.42 54.18 -26.18
C THR D 298 33.14 55.64 -26.47
N THR D 299 32.54 55.88 -27.64
CA THR D 299 31.91 57.15 -27.93
C THR D 299 30.53 56.92 -28.55
N LEU D 300 29.58 57.75 -28.18
CA LEU D 300 28.21 57.66 -28.69
C LEU D 300 27.80 58.99 -29.32
N VAL D 301 27.76 59.11 -30.67
CA VAL D 301 27.47 60.40 -31.32
C VAL D 301 26.13 60.38 -32.04
N SER D 302 25.43 61.53 -32.02
CA SER D 302 24.19 61.75 -32.74
C SER D 302 24.39 62.84 -33.79
N VAL D 303 23.80 62.63 -34.97
CA VAL D 303 23.91 63.52 -36.12
C VAL D 303 22.53 63.95 -36.60
N ARG D 304 22.36 65.27 -36.81
CA ARG D 304 21.17 65.94 -37.35
C ARG D 304 19.83 65.19 -37.39
N GLY D 305 19.48 64.81 -38.61
CA GLY D 305 18.23 64.20 -38.99
C GLY D 305 18.53 62.85 -39.60
N ILE D 306 19.82 62.59 -39.83
CA ILE D 306 20.25 61.28 -40.27
C ILE D 306 20.29 60.45 -38.99
N GLU D 307 19.56 59.38 -38.95
CA GLU D 307 19.59 58.66 -37.68
C GLU D 307 20.68 57.60 -37.71
N GLY D 308 20.83 56.90 -36.58
CA GLY D 308 21.94 55.99 -36.45
C GLY D 308 21.94 54.83 -37.41
N GLU D 309 20.79 54.21 -37.62
CA GLU D 309 20.74 53.05 -38.52
C GLU D 309 21.18 53.37 -39.96
N ALA D 310 20.87 54.56 -40.47
CA ALA D 310 21.32 54.91 -41.82
C ALA D 310 22.84 54.97 -41.89
N MET D 311 23.46 55.67 -40.91
CA MET D 311 24.91 55.74 -40.85
C MET D 311 25.51 54.35 -40.63
N LEU D 312 24.85 53.51 -39.86
CA LEU D 312 25.36 52.16 -39.60
C LEU D 312 25.37 51.35 -40.88
N TRP D 313 24.31 51.41 -41.66
CA TRP D 313 24.25 50.70 -42.92
C TRP D 313 25.34 51.19 -43.89
N ASP D 314 25.46 52.51 -43.99
CA ASP D 314 26.45 53.08 -44.90
C ASP D 314 27.86 52.67 -44.46
N LEU D 315 28.18 52.88 -43.20
CA LEU D 315 29.49 52.50 -42.65
C LEU D 315 29.76 51.03 -42.85
N ASN D 316 28.73 50.20 -42.70
CA ASN D 316 28.90 48.79 -42.92
C ASN D 316 29.28 48.51 -44.34
N ARG D 317 28.71 49.25 -45.31
CA ARG D 317 29.06 49.07 -46.72
C ARG D 317 30.54 49.26 -46.97
N SER D 318 31.16 50.12 -46.17
CA SER D 318 32.59 50.38 -46.17
C SER D 318 33.35 49.46 -45.23
N ASN D 319 32.71 48.38 -44.75
CA ASN D 319 33.34 47.35 -43.91
C ASN D 319 33.88 47.97 -42.63
N ILE D 320 33.09 48.86 -42.07
CA ILE D 320 33.33 49.39 -40.75
C ILE D 320 32.14 49.01 -39.88
N ALA D 321 32.42 48.37 -38.74
CA ALA D 321 31.37 47.81 -37.93
C ALA D 321 31.16 48.68 -36.69
N ALA D 322 29.93 49.21 -36.56
CA ALA D 322 29.53 49.89 -35.33
C ALA D 322 28.06 49.57 -35.07
N SER D 323 27.49 50.14 -33.99
CA SER D 323 26.10 49.83 -33.65
C SER D 323 25.38 51.11 -33.23
N THR D 324 24.10 51.01 -32.90
CA THR D 324 23.28 52.13 -32.48
C THR D 324 23.26 52.33 -30.96
N GLY D 325 22.42 53.28 -30.53
CA GLY D 325 22.19 53.55 -29.12
C GLY D 325 21.08 54.54 -28.87
N SER D 326 20.25 54.31 -27.85
CA SER D 326 19.13 55.20 -27.56
C SER D 326 19.63 56.60 -27.21
N ALA D 327 18.90 57.62 -27.68
CA ALA D 327 19.18 59.01 -27.40
C ALA D 327 17.90 59.74 -27.04
N CYS D 328 17.96 60.55 -25.98
CA CYS D 328 16.79 61.20 -25.42
C CYS D 328 17.15 62.67 -25.20
N ALA D 349 18.48 61.11 -35.74
CA ALA D 349 17.84 62.02 -34.80
C ALA D 349 17.52 61.25 -33.54
N HIS D 350 16.60 60.27 -33.69
CA HIS D 350 16.14 59.47 -32.56
C HIS D 350 17.25 58.55 -32.03
N THR D 351 18.02 57.90 -32.89
CA THR D 351 19.10 57.06 -32.40
C THR D 351 20.48 57.60 -32.76
N ALA D 352 21.45 57.30 -31.91
CA ALA D 352 22.85 57.69 -32.04
C ALA D 352 23.68 56.49 -32.51
N ILE D 353 24.96 56.75 -32.81
CA ILE D 353 25.90 55.78 -33.34
C ILE D 353 26.98 55.51 -32.28
N ARG D 354 27.01 54.28 -31.78
CA ARG D 354 28.04 53.87 -30.81
C ARG D 354 29.22 53.22 -31.53
N LEU D 355 30.39 53.82 -31.35
CA LEU D 355 31.66 53.28 -31.82
C LEU D 355 32.46 52.90 -30.58
N SER D 356 32.86 51.62 -30.48
CA SER D 356 33.57 51.11 -29.31
C SER D 356 34.85 50.38 -29.74
N LEU D 357 35.99 50.85 -29.22
CA LEU D 357 37.31 50.41 -29.62
C LEU D 357 37.82 49.27 -28.73
N SER D 358 38.99 48.73 -29.07
CA SER D 358 39.70 47.73 -28.27
C SER D 358 41.17 47.92 -28.54
N ARG D 359 42.00 47.15 -27.82
CA ARG D 359 43.43 47.11 -28.00
C ARG D 359 43.82 46.67 -29.42
N PHE D 360 42.90 46.13 -30.23
CA PHE D 360 43.22 45.62 -31.56
C PHE D 360 43.00 46.69 -32.65
N ASN D 361 42.40 47.81 -32.31
CA ASN D 361 42.32 48.93 -33.25
C ASN D 361 43.62 49.70 -33.33
N THR D 362 43.86 50.31 -34.51
CA THR D 362 45.07 51.05 -34.80
C THR D 362 44.74 52.46 -35.17
N GLU D 363 45.79 53.32 -35.14
CA GLU D 363 45.53 54.71 -35.44
C GLU D 363 45.06 54.88 -36.89
N ALA D 364 45.68 54.12 -37.80
CA ALA D 364 45.28 54.11 -39.21
C ALA D 364 43.77 53.86 -39.35
N GLU D 365 43.26 52.85 -38.62
CA GLU D 365 41.82 52.55 -38.64
C GLU D 365 40.98 53.74 -38.20
N ILE D 366 41.43 54.49 -37.19
CA ILE D 366 40.65 55.64 -36.75
C ILE D 366 40.58 56.66 -37.87
N ASP D 367 41.72 56.94 -38.51
CA ASP D 367 41.74 57.90 -39.61
C ASP D 367 40.76 57.49 -40.71
N LYS D 368 40.87 56.24 -41.16
CA LYS D 368 39.94 55.81 -42.21
C LYS D 368 38.52 56.01 -41.75
N THR D 369 38.25 55.72 -40.46
CA THR D 369 36.89 55.83 -39.97
C THR D 369 36.40 57.28 -40.02
N ILE D 370 37.24 58.24 -39.65
CA ILE D 370 36.87 59.65 -39.79
C ILE D 370 36.54 59.98 -41.24
N GLU D 371 37.38 59.53 -42.17
CA GLU D 371 37.14 59.80 -43.58
C GLU D 371 35.77 59.28 -44.03
N VAL D 372 35.53 57.98 -43.81
CA VAL D 372 34.29 57.32 -44.26
C VAL D 372 33.08 57.89 -43.55
N PHE D 373 33.23 58.19 -42.28
CA PHE D 373 32.13 58.73 -41.51
C PHE D 373 31.71 60.09 -42.05
N SER D 374 32.68 60.97 -42.32
CA SER D 374 32.32 62.27 -42.85
C SER D 374 31.68 62.15 -44.22
N GLN D 375 32.33 61.42 -45.14
CA GLN D 375 31.76 61.29 -46.48
C GLN D 375 30.33 60.72 -46.44
N ALA D 376 30.10 59.73 -45.59
CA ALA D 376 28.75 59.17 -45.44
C ALA D 376 27.78 60.20 -44.88
N ALA D 377 28.26 61.02 -43.92
CA ALA D 377 27.43 62.07 -43.37
C ALA D 377 27.03 63.11 -44.43
N VAL D 378 28.02 63.71 -45.16
CA VAL D 378 27.63 64.73 -46.13
C VAL D 378 26.77 64.13 -47.26
N ARG D 379 26.97 62.86 -47.57
CA ARG D 379 26.13 62.29 -48.62
C ARG D 379 24.70 62.05 -48.18
N LEU D 380 24.54 61.52 -46.96
CA LEU D 380 23.20 61.32 -46.41
C LEU D 380 22.48 62.63 -46.14
N ARG D 381 23.23 63.72 -45.88
CA ARG D 381 22.55 64.98 -45.66
C ARG D 381 22.03 65.56 -46.96
N ASN D 382 22.86 65.56 -48.03
CA ASN D 382 22.39 66.04 -49.31
C ASN D 382 21.19 65.21 -49.83
N ILE D 383 21.20 63.89 -49.60
CA ILE D 383 20.05 63.08 -50.03
C ILE D 383 18.83 63.22 -49.13
N SER D 384 18.95 63.80 -47.94
CA SER D 384 17.77 64.00 -47.09
C SER D 384 16.78 65.00 -47.70
N SER D 385 17.19 66.23 -47.97
CA SER D 385 16.27 67.20 -48.57
C SER D 385 16.86 67.91 -49.78
N SER D 386 18.17 68.19 -49.76
CA SER D 386 18.83 69.06 -50.73
C SER D 386 18.15 70.41 -50.86
#